data_8K7U
#
_entry.id   8K7U
#
_cell.length_a   1.00
_cell.length_b   1.00
_cell.length_c   1.00
_cell.angle_alpha   90.00
_cell.angle_beta   90.00
_cell.angle_gamma   90.00
#
_symmetry.space_group_name_H-M   'P 1'
#
_entity_poly.entity_id   1
_entity_poly.type   'polypeptide(L)'
_entity_poly.pdbx_seq_one_letter_code
;MAVIFHEKTKEFHIFNREVSYLMRIMENGQLENLYYGKVIRDKEDFGYLHEEAMRSQMSVCIPEPGILSMQYTRQEYPVY
GTGDYRSPALTVLQENGSRLVDFSYVSHEIYKGKKGIPPLPSTYAESEDEAETLEVTLHDQVTDTDLVLTYTIYEDYPVI
TRNARFEQKGEQKIVLERAMSASVEFLDMDYELVQLSGAWSRERYVKNRKLEMGIQSVHSLNGTCGGAEHNPFIALKRPQ
TTENQGEVYGFSLVYSGNFLAQAEVSTFDMTRVMLGINPEDFSWELNQGESFQTPEVVMVYSDRGLNKMSQAYHRLYRTR
LMRVTWRDKARPILLNNWEATYFDFNEEKILKIAEKAKEAGVELFVLDDGWFGARNDDYRGLGDWYVNLEKLPDGIAGLS
RKVEALGLKFGLWVELEMVNKDSDLYRAHPDWLIGAPDRFESHARHQHVLDFSRKEVVDYIYKMIAKVLRESSISYIKWD
MNRYMTEPYSRGADASQQGKVMHKYILGVYDLYTRLTTEFPEILFESCASGGARFDPAMLYFAPQTWTSDDTDASERTKI
QYGTSYVYPVVSMGSHVSAVPNHQMHRMTPIETRANVAYFGTFGYELDLNLLSEAELESVKKQIAFMKEYRELIQVDGDF
YRLLSPFEGNETAWMVVAQDKSRAVAAFYQRMNKVNASWIRFKLQGLDAGTLYEVSCDMAPSASYDESLAKIYGIQTEEN
MVKTYRAYGDELMQVGIPIDREDLNKKGGDFASLLYTLKKVTD
;
_entity_poly.pdbx_strand_id   A,C,D,B
#
# COMPACT_ATOMS: atom_id res chain seq x y z
N ALA A 2 13.54 -32.12 30.37
CA ALA A 2 13.30 -31.44 29.10
C ALA A 2 14.59 -30.85 28.54
N VAL A 3 15.70 -31.14 29.20
CA VAL A 3 17.02 -30.70 28.75
C VAL A 3 17.91 -31.93 28.69
N ILE A 4 18.62 -32.09 27.56
CA ILE A 4 19.53 -33.20 27.37
C ILE A 4 20.82 -32.66 26.76
N PHE A 5 21.96 -33.10 27.29
CA PHE A 5 23.26 -32.70 26.81
C PHE A 5 23.90 -33.88 26.07
N HIS A 6 24.09 -33.72 24.77
CA HIS A 6 24.77 -34.74 23.95
C HIS A 6 26.27 -34.44 23.98
N GLU A 7 26.98 -35.08 24.92
CA GLU A 7 28.38 -34.75 25.13
C GLU A 7 29.25 -35.16 23.95
N LYS A 8 28.80 -36.15 23.19
CA LYS A 8 29.56 -36.59 22.02
C LYS A 8 29.70 -35.48 21.01
N THR A 9 28.61 -34.74 20.76
CA THR A 9 28.61 -33.64 19.82
C THR A 9 28.66 -32.27 20.50
N LYS A 10 28.47 -32.23 21.82
CA LYS A 10 28.51 -30.99 22.60
C LYS A 10 27.43 -30.01 22.14
N GLU A 11 26.18 -30.45 22.27
CA GLU A 11 25.04 -29.63 21.92
C GLU A 11 23.91 -29.87 22.91
N PHE A 12 23.19 -28.81 23.27
CA PHE A 12 22.07 -28.89 24.19
C PHE A 12 20.76 -28.98 23.42
N HIS A 13 19.69 -29.33 24.16
CA HIS A 13 18.37 -29.47 23.53
C HIS A 13 17.31 -29.21 24.60
N ILE A 14 16.62 -28.08 24.48
CA ILE A 14 15.49 -27.78 25.34
C ILE A 14 14.21 -27.86 24.51
N PHE A 15 13.25 -28.67 24.96
CA PHE A 15 12.01 -28.83 24.23
C PHE A 15 10.85 -29.03 25.19
N ASN A 16 9.65 -28.66 24.73
CA ASN A 16 8.48 -28.55 25.58
C ASN A 16 7.21 -29.04 24.88
N ARG A 17 7.35 -29.99 23.96
CA ARG A 17 6.26 -30.57 23.16
C ARG A 17 5.50 -29.50 22.38
N GLU A 18 5.97 -28.25 22.43
CA GLU A 18 5.53 -27.21 21.51
C GLU A 18 6.64 -26.36 20.95
N VAL A 19 7.77 -26.20 21.65
CA VAL A 19 8.87 -25.38 21.20
C VAL A 19 10.16 -26.17 21.37
N SER A 20 11.20 -25.72 20.68
CA SER A 20 12.48 -26.40 20.73
C SER A 20 13.64 -25.44 20.53
N TYR A 21 14.45 -25.25 21.57
CA TYR A 21 15.63 -24.42 21.47
C TYR A 21 16.85 -25.32 21.41
N LEU A 22 17.77 -25.03 20.50
CA LEU A 22 18.86 -25.95 20.19
C LEU A 22 20.17 -25.18 20.10
N MET A 23 21.13 -25.54 20.94
CA MET A 23 22.39 -24.82 21.05
C MET A 23 23.56 -25.75 20.76
N ARG A 24 24.74 -25.16 20.58
CA ARG A 24 25.96 -25.90 20.30
C ARG A 24 27.14 -25.15 20.87
N ILE A 25 28.21 -25.88 21.18
CA ILE A 25 29.45 -25.29 21.68
C ILE A 25 30.46 -25.29 20.55
N MET A 26 30.98 -24.12 20.21
CA MET A 26 31.91 -23.99 19.10
C MET A 26 33.31 -24.42 19.53
N GLU A 27 34.21 -24.46 18.55
CA GLU A 27 35.58 -24.90 18.81
C GLU A 27 36.36 -23.91 19.66
N ASN A 28 36.09 -22.62 19.52
CA ASN A 28 36.82 -21.60 20.24
C ASN A 28 36.21 -21.24 21.59
N GLY A 29 35.14 -21.93 22.00
CA GLY A 29 34.61 -21.72 23.33
C GLY A 29 33.41 -20.80 23.43
N GLN A 30 32.87 -20.34 22.31
CA GLN A 30 31.63 -19.58 22.30
C GLN A 30 30.46 -20.50 21.99
N LEU A 31 29.26 -19.96 22.20
CA LEU A 31 28.02 -20.70 22.03
C LEU A 31 27.32 -20.28 20.75
N GLU A 32 26.92 -21.25 19.95
CA GLU A 32 26.29 -21.01 18.66
C GLU A 32 24.87 -21.54 18.67
N ASN A 33 23.94 -20.72 18.18
CA ASN A 33 22.56 -21.14 18.06
C ASN A 33 22.36 -21.96 16.80
N LEU A 34 21.41 -22.89 16.85
CA LEU A 34 21.12 -23.74 15.72
C LEU A 34 19.68 -23.64 15.22
N TYR A 35 18.71 -23.59 16.12
CA TYR A 35 17.31 -23.60 15.72
C TYR A 35 16.46 -23.08 16.86
N TYR A 36 15.31 -22.52 16.50
CA TYR A 36 14.35 -22.05 17.50
C TYR A 36 13.00 -21.92 16.80
N GLY A 37 12.03 -22.76 17.20
CA GLY A 37 10.73 -22.74 16.58
C GLY A 37 9.83 -23.89 16.96
N LYS A 38 9.24 -24.55 15.95
CA LYS A 38 8.35 -25.68 16.19
C LYS A 38 9.12 -26.83 16.82
N VAL A 39 8.39 -27.66 17.58
CA VAL A 39 9.02 -28.76 18.29
C VAL A 39 9.62 -29.76 17.30
N ILE A 40 10.70 -30.42 17.73
CA ILE A 40 11.43 -31.37 16.91
C ILE A 40 11.67 -32.63 17.75
N ARG A 41 11.47 -33.78 17.12
CA ARG A 41 11.84 -35.02 17.78
C ARG A 41 13.36 -35.10 17.92
N ASP A 42 13.81 -35.65 19.03
CA ASP A 42 15.22 -35.65 19.38
C ASP A 42 15.97 -36.67 18.53
N LYS A 43 17.02 -36.23 17.85
CA LYS A 43 17.88 -37.10 17.07
C LYS A 43 19.21 -37.28 17.80
N GLU A 44 20.03 -38.18 17.27
CA GLU A 44 21.31 -38.49 17.92
C GLU A 44 22.38 -37.44 17.66
N ASP A 45 22.38 -36.80 16.50
CA ASP A 45 23.35 -35.74 16.22
C ASP A 45 22.85 -34.88 15.07
N PHE A 46 23.24 -33.61 15.06
CA PHE A 46 22.83 -32.64 14.05
C PHE A 46 24.06 -32.05 13.36
N GLY A 47 24.98 -32.90 12.94
CA GLY A 47 26.23 -32.43 12.37
C GLY A 47 26.05 -31.61 11.11
N TYR A 48 25.10 -32.01 10.25
CA TYR A 48 24.94 -31.34 8.97
C TYR A 48 24.39 -29.91 9.10
N LEU A 49 23.87 -29.54 10.27
CA LEU A 49 23.29 -28.21 10.41
C LEU A 49 24.35 -27.13 10.53
N HIS A 50 25.61 -27.50 10.71
CA HIS A 50 26.69 -26.52 10.83
C HIS A 50 26.85 -25.67 9.58
N SER A 69 35.77 -16.51 10.48
CA SER A 69 34.50 -16.03 9.97
C SER A 69 33.50 -15.82 11.09
N MET A 70 33.90 -15.04 12.09
CA MET A 70 33.05 -14.84 13.26
C MET A 70 31.86 -13.95 12.96
N GLN A 71 31.96 -13.07 11.97
CA GLN A 71 30.88 -12.14 11.68
C GLN A 71 29.68 -12.81 11.02
N TYR A 72 29.85 -14.02 10.49
CA TYR A 72 28.76 -14.68 9.77
C TYR A 72 28.06 -15.74 10.61
N THR A 73 28.74 -16.31 11.60
CA THR A 73 28.11 -17.32 12.44
C THR A 73 27.08 -16.66 13.36
N ARG A 74 26.17 -17.49 13.85
CA ARG A 74 25.14 -17.03 14.78
C ARG A 74 25.59 -17.30 16.20
N GLN A 75 25.81 -16.23 16.97
CA GLN A 75 26.38 -16.33 18.30
C GLN A 75 25.39 -15.84 19.36
N GLU A 76 25.44 -16.48 20.52
CA GLU A 76 24.47 -16.23 21.57
C GLU A 76 24.65 -14.86 22.19
N TYR A 77 25.88 -14.50 22.55
CA TYR A 77 26.16 -13.31 23.35
C TYR A 77 27.34 -12.58 22.73
N PRO A 78 27.12 -11.86 21.63
CA PRO A 78 28.24 -11.30 20.87
C PRO A 78 28.98 -10.22 21.63
N VAL A 79 30.26 -10.07 21.30
CA VAL A 79 31.14 -9.08 21.92
C VAL A 79 31.96 -8.40 20.83
N TYR A 80 32.08 -7.08 20.92
CA TYR A 80 32.78 -6.30 19.85
C TYR A 80 34.27 -6.62 19.81
N GLY A 81 34.96 -6.21 18.74
CA GLY A 81 36.38 -6.57 18.59
C GLY A 81 36.50 -8.02 18.14
N THR A 82 37.73 -8.55 18.04
CA THR A 82 37.92 -9.98 17.69
C THR A 82 37.13 -10.30 16.42
N GLY A 83 37.08 -9.37 15.46
CA GLY A 83 36.40 -9.64 14.18
C GLY A 83 34.94 -9.24 14.18
N ASP A 84 34.37 -8.92 15.35
CA ASP A 84 32.97 -8.44 15.41
C ASP A 84 32.88 -7.09 14.70
N TYR A 85 31.82 -6.87 13.91
CA TYR A 85 31.64 -5.57 13.23
C TYR A 85 30.19 -5.07 13.34
N ARG A 86 29.27 -5.91 13.85
CA ARG A 86 27.93 -5.42 14.08
C ARG A 86 27.86 -4.76 15.46
N SER A 87 26.68 -4.29 15.83
CA SER A 87 26.53 -3.66 17.13
C SER A 87 26.72 -4.71 18.22
N PRO A 88 27.54 -4.44 19.23
CA PRO A 88 27.85 -5.44 20.24
C PRO A 88 26.73 -5.57 21.26
N ALA A 89 26.90 -6.51 22.18
CA ALA A 89 25.97 -6.72 23.28
C ALA A 89 26.60 -6.53 24.65
N LEU A 90 27.92 -6.53 24.75
CA LEU A 90 28.61 -6.39 26.02
C LEU A 90 29.86 -5.56 25.80
N THR A 91 30.12 -4.63 26.72
CA THR A 91 31.29 -3.76 26.63
C THR A 91 31.80 -3.48 28.02
N VAL A 92 33.04 -3.87 28.31
CA VAL A 92 33.65 -3.71 29.61
C VAL A 92 34.97 -3.00 29.45
N LEU A 93 35.25 -2.06 30.35
CA LEU A 93 36.45 -1.23 30.32
C LEU A 93 37.38 -1.64 31.44
N GLN A 94 38.66 -1.83 31.12
CA GLN A 94 39.67 -2.24 32.09
C GLN A 94 40.62 -1.10 32.38
N GLU A 95 41.44 -1.28 33.41
CA GLU A 95 42.38 -0.24 33.82
C GLU A 95 43.47 0.00 32.80
N ASN A 96 43.72 -0.95 31.90
CA ASN A 96 44.68 -0.76 30.83
C ASN A 96 44.17 0.23 29.79
N GLY A 97 42.90 0.62 29.84
CA GLY A 97 42.28 1.38 28.80
C GLY A 97 41.70 0.55 27.68
N SER A 98 41.89 -0.76 27.71
CA SER A 98 41.40 -1.64 26.67
C SER A 98 39.93 -1.95 26.85
N ARG A 99 39.32 -2.49 25.81
CA ARG A 99 37.92 -2.90 25.81
C ARG A 99 37.73 -4.24 25.12
N LEU A 100 38.65 -5.17 25.35
CA LEU A 100 38.63 -6.46 24.67
C LEU A 100 38.55 -7.59 25.68
N VAL A 101 37.52 -8.44 25.54
CA VAL A 101 37.36 -9.60 26.39
C VAL A 101 36.86 -10.76 25.55
N ASP A 102 37.01 -11.97 26.08
CA ASP A 102 36.46 -13.17 25.49
C ASP A 102 36.19 -14.18 26.60
N PHE A 103 35.29 -15.12 26.32
CA PHE A 103 34.88 -16.09 27.31
C PHE A 103 34.88 -17.48 26.69
N SER A 104 35.00 -18.50 27.55
CA SER A 104 35.03 -19.88 27.10
C SER A 104 34.25 -20.75 28.07
N TYR A 105 33.72 -21.85 27.56
CA TYR A 105 32.86 -22.73 28.35
C TYR A 105 33.70 -23.59 29.28
N VAL A 106 33.26 -23.73 30.54
CA VAL A 106 33.98 -24.56 31.49
C VAL A 106 33.10 -25.61 32.15
N SER A 107 31.80 -25.35 32.26
CA SER A 107 30.93 -26.24 33.02
C SER A 107 29.47 -25.91 32.73
N HIS A 108 28.58 -26.77 33.22
CA HIS A 108 27.15 -26.56 33.09
C HIS A 108 26.43 -27.38 34.17
N GLU A 109 25.18 -27.00 34.43
CA GLU A 109 24.40 -27.60 35.50
C GLU A 109 22.95 -27.69 35.08
N ILE A 110 22.26 -28.72 35.56
CA ILE A 110 20.86 -28.96 35.26
C ILE A 110 20.13 -29.33 36.55
N TYR A 111 19.00 -28.67 36.80
CA TYR A 111 18.15 -29.01 37.95
C TYR A 111 16.70 -28.70 37.59
N LYS A 112 15.84 -28.64 38.60
CA LYS A 112 14.42 -28.46 38.39
C LYS A 112 13.88 -27.32 39.23
N GLY A 113 13.02 -26.50 38.63
CA GLY A 113 12.36 -25.40 39.31
C GLY A 113 13.13 -24.10 39.21
N LYS A 114 12.38 -23.00 39.16
CA LYS A 114 12.98 -21.67 39.14
C LYS A 114 13.62 -21.37 40.50
N LYS A 115 14.75 -20.68 40.46
CA LYS A 115 15.47 -20.33 41.69
C LYS A 115 15.15 -18.92 42.17
N GLY A 116 15.29 -17.93 41.29
CA GLY A 116 14.93 -16.55 41.66
C GLY A 116 16.10 -15.59 41.70
N ILE A 117 15.98 -14.46 40.98
CA ILE A 117 17.03 -13.39 41.02
C ILE A 117 16.71 -12.47 42.19
N PRO A 118 17.50 -12.49 43.29
CA PRO A 118 17.16 -11.73 44.51
C PRO A 118 16.90 -10.21 44.42
N PRO A 119 17.71 -9.41 43.71
CA PRO A 119 17.49 -7.96 43.70
C PRO A 119 16.27 -7.51 42.90
N LEU A 120 15.87 -8.28 41.88
CA LEU A 120 14.77 -7.83 40.97
C LEU A 120 13.57 -8.76 41.06
N PRO A 121 12.44 -8.48 40.39
CA PRO A 121 11.28 -9.36 40.37
C PRO A 121 11.35 -10.37 39.21
N SER A 122 10.64 -11.50 39.31
CA SER A 122 10.71 -12.51 38.27
C SER A 122 9.56 -13.48 38.46
N THR A 123 9.32 -14.29 37.43
CA THR A 123 8.33 -15.34 37.53
C THR A 123 8.81 -16.44 38.48
N TYR A 124 7.89 -17.28 38.92
CA TYR A 124 8.20 -18.35 39.85
C TYR A 124 7.45 -19.62 39.45
N ALA A 125 7.86 -20.72 40.06
CA ALA A 125 7.20 -22.00 39.92
C ALA A 125 6.81 -22.52 41.29
N GLU A 126 5.60 -23.08 41.41
CA GLU A 126 5.04 -23.45 42.70
C GLU A 126 5.09 -24.94 42.99
N SER A 127 5.51 -25.76 42.03
CA SER A 127 5.43 -27.20 42.24
C SER A 127 6.65 -27.98 41.80
N GLU A 128 7.69 -27.33 41.26
CA GLU A 128 8.99 -27.88 40.90
C GLU A 128 8.90 -29.04 39.90
N ASP A 129 7.71 -29.38 39.42
CA ASP A 129 7.55 -30.29 38.29
C ASP A 129 6.99 -29.58 37.08
N GLU A 130 6.96 -28.26 37.13
CA GLU A 130 6.41 -27.44 36.06
C GLU A 130 7.48 -26.66 35.30
N ALA A 131 8.75 -26.86 35.63
CA ALA A 131 9.81 -26.07 35.01
C ALA A 131 11.13 -26.83 35.14
N GLU A 132 12.11 -26.39 34.36
CA GLU A 132 13.46 -26.92 34.42
C GLU A 132 14.41 -25.72 34.45
N THR A 133 15.71 -25.98 34.41
CA THR A 133 16.69 -24.90 34.38
C THR A 133 18.01 -25.43 33.83
N LEU A 134 18.72 -24.56 33.12
CA LEU A 134 20.07 -24.84 32.63
C LEU A 134 20.95 -23.66 32.93
N GLU A 135 22.10 -23.91 33.55
CA GLU A 135 23.05 -22.87 33.88
C GLU A 135 24.40 -23.22 33.28
N VAL A 136 24.94 -22.33 32.45
CA VAL A 136 26.22 -22.52 31.81
C VAL A 136 27.17 -21.43 32.27
N THR A 137 28.42 -21.82 32.55
CA THR A 137 29.41 -20.90 33.09
C THR A 137 30.51 -20.65 32.08
N LEU A 138 30.91 -19.39 31.96
CA LEU A 138 31.97 -18.97 31.06
C LEU A 138 33.00 -18.16 31.83
N HIS A 139 34.27 -18.33 31.48
CA HIS A 139 35.35 -17.71 32.25
C HIS A 139 36.32 -17.01 31.32
N ASP A 140 36.92 -15.93 31.82
CA ASP A 140 37.96 -15.18 31.14
C ASP A 140 39.20 -15.13 32.01
N GLN A 141 40.37 -15.34 31.41
CA GLN A 141 41.60 -15.47 32.18
C GLN A 141 42.40 -14.18 32.29
N VAL A 142 42.31 -13.29 31.29
CA VAL A 142 43.10 -12.06 31.34
C VAL A 142 42.62 -11.18 32.49
N THR A 143 41.32 -11.17 32.78
CA THR A 143 40.76 -10.34 33.83
C THR A 143 40.21 -11.13 35.00
N ASP A 144 40.11 -12.46 34.89
CA ASP A 144 39.62 -13.32 35.98
C ASP A 144 38.21 -12.91 36.41
N THR A 145 37.27 -13.05 35.47
CA THR A 145 35.88 -12.75 35.72
C THR A 145 35.01 -13.87 35.13
N ASP A 146 33.83 -14.05 35.72
CA ASP A 146 32.95 -15.14 35.36
C ASP A 146 31.58 -14.61 34.91
N LEU A 147 30.99 -15.30 33.95
CA LEU A 147 29.67 -14.97 33.42
C LEU A 147 28.81 -16.22 33.39
N VAL A 148 27.56 -16.08 33.79
CA VAL A 148 26.63 -17.21 33.90
C VAL A 148 25.38 -16.91 33.10
N LEU A 149 25.01 -17.82 32.20
CA LEU A 149 23.81 -17.70 31.39
C LEU A 149 22.80 -18.74 31.83
N THR A 150 21.56 -18.30 32.05
CA THR A 150 20.50 -19.14 32.59
C THR A 150 19.38 -19.29 31.58
N TYR A 151 18.85 -20.50 31.46
CA TYR A 151 17.72 -20.78 30.60
C TYR A 151 16.67 -21.55 31.38
N THR A 152 15.40 -21.20 31.18
CA THR A 152 14.29 -21.85 31.87
C THR A 152 13.21 -22.19 30.85
N ILE A 153 12.56 -23.33 31.05
CA ILE A 153 11.48 -23.78 30.19
C ILE A 153 10.30 -24.17 31.07
N TYR A 154 9.10 -23.71 30.71
CA TYR A 154 7.89 -24.04 31.43
C TYR A 154 7.19 -25.19 30.73
N GLU A 155 6.85 -26.23 31.49
CA GLU A 155 6.02 -27.29 30.95
C GLU A 155 4.58 -26.81 30.81
N ASP A 156 3.91 -27.27 29.76
CA ASP A 156 2.52 -26.91 29.48
C ASP A 156 2.36 -25.42 29.15
N TYR A 157 3.41 -24.80 28.61
CA TYR A 157 3.36 -23.42 28.15
C TYR A 157 4.43 -23.30 27.07
N PRO A 158 4.19 -22.55 26.01
CA PRO A 158 5.25 -22.29 25.02
C PRO A 158 6.06 -21.04 25.37
N VAL A 159 6.82 -21.10 26.45
CA VAL A 159 7.51 -19.93 26.98
C VAL A 159 8.91 -20.33 27.45
N ILE A 160 9.87 -19.44 27.21
CA ILE A 160 11.26 -19.61 27.61
C ILE A 160 11.76 -18.28 28.15
N THR A 161 12.56 -18.32 29.21
CA THR A 161 13.16 -17.12 29.79
C THR A 161 14.68 -17.25 29.81
N ARG A 162 15.35 -16.11 29.95
CA ARG A 162 16.81 -16.08 29.99
C ARG A 162 17.28 -14.75 30.55
N ASN A 163 18.45 -14.79 31.19
CA ASN A 163 19.09 -13.60 31.75
C ASN A 163 20.59 -13.88 31.89
N ALA A 164 21.28 -13.02 32.63
CA ALA A 164 22.73 -13.14 32.77
C ALA A 164 23.15 -12.64 34.14
N ARG A 165 24.40 -12.92 34.50
CA ARG A 165 24.95 -12.54 35.80
C ARG A 165 26.46 -12.44 35.71
N PHE A 166 27.01 -11.40 36.30
CA PHE A 166 28.44 -11.12 36.25
C PHE A 166 29.06 -11.29 37.63
N GLU A 167 30.23 -11.93 37.67
CA GLU A 167 30.97 -12.15 38.91
C GLU A 167 32.41 -11.71 38.71
N GLN A 168 33.00 -11.17 39.77
CA GLN A 168 34.39 -10.74 39.76
C GLN A 168 35.18 -11.56 40.76
N LYS A 169 36.31 -12.09 40.32
CA LYS A 169 37.17 -12.92 41.17
C LYS A 169 38.52 -12.26 41.43
N GLY A 170 39.23 -11.84 40.39
CA GLY A 170 40.53 -11.25 40.56
C GLY A 170 40.45 -9.87 41.18
N GLU A 171 41.63 -9.34 41.51
CA GLU A 171 41.73 -8.06 42.20
C GLU A 171 41.64 -6.87 41.25
N GLN A 172 41.66 -7.10 39.95
CA GLN A 172 41.59 -5.99 39.00
C GLN A 172 40.19 -5.39 38.99
N LYS A 173 40.12 -4.10 38.70
CA LYS A 173 38.86 -3.37 38.65
C LYS A 173 38.34 -3.29 37.23
N ILE A 174 37.04 -3.49 37.06
CA ILE A 174 36.40 -3.40 35.75
C ILE A 174 35.21 -2.46 35.85
N VAL A 175 34.85 -1.87 34.72
CA VAL A 175 33.72 -0.96 34.60
C VAL A 175 32.82 -1.44 33.47
N LEU A 176 31.54 -1.60 33.76
CA LEU A 176 30.57 -2.09 32.78
C LEU A 176 29.89 -0.92 32.10
N GLU A 177 29.77 -1.00 30.78
CA GLU A 177 29.09 0.03 30.00
C GLU A 177 27.97 -0.50 29.14
N ARG A 178 27.90 -1.81 28.87
CA ARG A 178 26.82 -2.43 28.13
C ARG A 178 26.45 -3.74 28.81
N ALA A 179 25.16 -3.97 28.98
CA ALA A 179 24.71 -5.22 29.60
C ALA A 179 23.31 -5.52 29.08
N MET A 180 23.23 -6.43 28.11
CA MET A 180 21.97 -6.79 27.49
C MET A 180 21.47 -8.11 28.06
N SER A 181 20.16 -8.18 28.32
CA SER A 181 19.59 -9.37 28.94
C SER A 181 19.59 -10.55 27.99
N ALA A 182 19.38 -10.31 26.70
CA ALA A 182 19.20 -11.41 25.76
C ALA A 182 19.61 -10.98 24.37
N SER A 183 19.71 -11.96 23.48
CA SER A 183 20.04 -11.71 22.08
C SER A 183 19.57 -12.92 21.27
N VAL A 184 18.63 -12.71 20.37
CA VAL A 184 18.06 -13.77 19.53
C VAL A 184 18.24 -13.36 18.08
N GLU A 185 18.50 -14.33 17.22
CA GLU A 185 18.92 -14.03 15.86
C GLU A 185 18.49 -15.13 14.90
N PHE A 186 18.24 -14.72 13.66
CA PHE A 186 17.60 -15.57 12.67
C PHE A 186 18.38 -15.60 11.36
N LEU A 187 17.77 -16.12 10.30
CA LEU A 187 18.46 -16.30 9.02
C LEU A 187 17.97 -15.41 7.89
N ASP A 188 16.80 -14.80 8.00
CA ASP A 188 16.21 -14.07 6.89
C ASP A 188 15.57 -12.78 7.39
N MET A 189 15.42 -11.83 6.48
CA MET A 189 14.89 -10.52 6.79
C MET A 189 13.42 -10.36 6.42
N ASP A 190 12.75 -11.46 6.06
CA ASP A 190 11.35 -11.40 5.66
C ASP A 190 10.49 -11.43 6.92
N TYR A 191 10.32 -10.25 7.52
CA TYR A 191 9.60 -10.14 8.78
C TYR A 191 8.95 -8.76 8.86
N GLU A 192 8.25 -8.52 9.95
CA GLU A 192 7.71 -7.21 10.28
C GLU A 192 7.92 -6.94 11.75
N LEU A 193 7.96 -5.68 12.12
CA LEU A 193 8.16 -5.26 13.50
C LEU A 193 6.85 -4.71 14.02
N VAL A 194 6.37 -5.26 15.12
CA VAL A 194 5.13 -4.81 15.75
C VAL A 194 5.52 -4.12 17.05
N GLN A 195 5.40 -2.80 17.10
CA GLN A 195 5.68 -2.05 18.35
C GLN A 195 4.40 -1.44 18.90
N LEU A 196 4.40 -1.00 20.17
CA LEU A 196 3.22 -0.35 20.80
C LEU A 196 3.67 1.02 21.28
N SER A 197 3.31 2.10 20.58
CA SER A 197 3.86 3.43 20.92
C SER A 197 2.85 4.56 20.77
N GLY A 198 2.85 5.51 21.71
CA GLY A 198 1.96 6.69 21.61
C GLY A 198 2.18 7.66 22.74
N ALA A 199 1.68 8.88 22.61
CA ALA A 199 1.75 9.89 23.66
C ALA A 199 0.57 9.73 24.61
N TRP A 200 0.51 10.57 25.65
CA TRP A 200 -0.51 10.35 26.67
C TRP A 200 -1.86 10.83 26.18
N SER A 201 -2.92 10.19 26.69
CA SER A 201 -4.31 10.35 26.26
C SER A 201 -4.55 9.69 24.92
N ARG A 202 -3.48 9.24 24.25
CA ARG A 202 -3.60 8.39 23.07
C ARG A 202 -2.52 7.32 23.11
N GLU A 203 -2.33 6.70 24.27
CA GLU A 203 -1.17 5.87 24.53
C GLU A 203 -1.40 4.43 24.12
N ARG A 204 -0.29 3.75 23.82
CA ARG A 204 -0.29 2.32 23.51
C ARG A 204 -1.13 1.99 22.29
N TYR A 205 -0.83 2.67 21.18
CA TYR A 205 -1.43 2.34 19.89
C TYR A 205 -0.67 1.16 19.30
N VAL A 206 -0.91 0.86 18.03
CA VAL A 206 -0.19 -0.22 17.35
C VAL A 206 0.34 0.31 16.03
N LYS A 207 1.67 0.30 15.89
CA LYS A 207 2.34 0.70 14.66
C LYS A 207 3.23 -0.45 14.23
N ASN A 208 3.05 -0.92 13.01
CA ASN A 208 3.87 -2.01 12.48
C ASN A 208 4.71 -1.51 11.31
N ARG A 209 5.91 -2.05 11.19
CA ARG A 209 6.96 -1.50 10.34
C ARG A 209 7.77 -2.63 9.73
N LYS A 210 8.08 -2.50 8.44
CA LYS A 210 8.87 -3.52 7.76
C LYS A 210 10.33 -3.44 8.18
N LEU A 211 11.09 -4.47 7.78
CA LEU A 211 12.50 -4.56 8.11
C LEU A 211 13.34 -4.22 6.87
N GLU A 212 14.33 -3.35 7.06
CA GLU A 212 15.21 -2.92 6.00
C GLU A 212 16.64 -2.86 6.52
N MET A 213 17.60 -2.91 5.60
CA MET A 213 19.01 -2.96 5.95
C MET A 213 19.39 -1.73 6.79
N GLY A 214 19.80 -1.97 8.04
CA GLY A 214 20.14 -0.89 8.92
C GLY A 214 19.79 -1.16 10.37
N ILE A 215 19.26 -0.17 11.07
CA ILE A 215 18.88 -0.33 12.47
C ILE A 215 17.48 0.23 12.70
N GLN A 216 16.59 -0.58 13.26
CA GLN A 216 15.31 -0.10 13.75
C GLN A 216 15.22 -0.39 15.24
N SER A 217 14.82 0.59 16.03
CA SER A 217 14.81 0.41 17.47
C SER A 217 13.82 1.36 18.11
N VAL A 218 13.45 1.04 19.34
CA VAL A 218 12.68 1.91 20.21
C VAL A 218 13.41 1.97 21.55
N HIS A 219 13.18 3.06 22.28
CA HIS A 219 13.91 3.28 23.51
C HIS A 219 13.14 4.26 24.38
N SER A 220 13.59 4.40 25.63
CA SER A 220 12.93 5.28 26.58
C SER A 220 14.00 5.88 27.49
N LEU A 221 14.23 7.18 27.34
CA LEU A 221 15.23 7.89 28.12
C LEU A 221 14.62 8.70 29.25
N ASN A 222 13.35 8.53 29.54
CA ASN A 222 12.75 9.21 30.68
C ASN A 222 13.43 8.77 31.96
N GLY A 223 13.74 9.74 32.82
CA GLY A 223 14.49 9.44 34.03
C GLY A 223 13.80 8.47 34.95
N THR A 224 12.52 8.70 35.22
CA THR A 224 11.76 7.87 36.14
C THR A 224 10.56 7.26 35.42
N CYS A 225 9.96 6.24 36.04
CA CYS A 225 8.74 5.61 35.46
C CYS A 225 9.10 4.84 34.17
N GLY A 226 9.69 5.52 33.19
CA GLY A 226 10.01 4.86 31.92
C GLY A 226 8.75 4.41 31.21
N GLY A 227 8.89 3.79 30.05
CA GLY A 227 7.72 3.29 29.29
C GLY A 227 6.63 4.32 29.15
N ALA A 228 6.98 5.55 28.74
CA ALA A 228 5.96 6.63 28.69
C ALA A 228 5.69 7.04 27.24
N GLU A 229 6.40 6.45 26.28
CA GLU A 229 6.14 6.73 24.85
C GLU A 229 6.45 5.47 24.06
N HIS A 230 7.03 4.47 24.72
CA HIS A 230 7.28 3.20 24.06
C HIS A 230 7.24 2.11 25.13
N ASN A 231 6.17 1.32 25.12
CA ASN A 231 6.06 0.24 26.08
C ASN A 231 7.13 -0.82 25.78
N PRO A 232 7.75 -1.38 26.83
CA PRO A 232 8.87 -2.32 26.61
C PRO A 232 8.44 -3.66 26.05
N PHE A 233 7.86 -3.66 24.85
CA PHE A 233 7.42 -4.87 24.20
C PHE A 233 7.70 -4.76 22.72
N ILE A 234 8.02 -5.88 22.08
CA ILE A 234 8.33 -5.91 20.67
C ILE A 234 7.99 -7.30 20.14
N ALA A 235 7.48 -7.34 18.92
CA ALA A 235 7.10 -8.59 18.28
C ALA A 235 7.75 -8.68 16.92
N LEU A 236 7.61 -9.84 16.27
CA LEU A 236 8.27 -10.06 15.00
C LEU A 236 7.45 -11.12 14.27
N LYS A 237 6.62 -10.69 13.32
CA LYS A 237 5.62 -11.55 12.71
C LYS A 237 5.79 -11.61 11.20
N ARG A 238 5.33 -12.70 10.61
CA ARG A 238 5.38 -12.86 9.17
C ARG A 238 4.43 -11.87 8.50
N PRO A 239 4.72 -11.47 7.26
CA PRO A 239 3.90 -10.44 6.62
C PRO A 239 2.44 -10.82 6.44
N GLN A 240 2.15 -12.11 6.27
CA GLN A 240 0.79 -12.57 6.02
C GLN A 240 0.08 -13.02 7.29
N THR A 241 0.67 -12.83 8.46
CA THR A 241 0.06 -13.30 9.68
C THR A 241 -1.11 -12.41 10.09
N THR A 242 -2.24 -13.03 10.42
CA THR A 242 -3.42 -12.36 10.92
C THR A 242 -3.77 -12.92 12.29
N GLU A 243 -4.95 -12.55 12.80
CA GLU A 243 -5.36 -12.97 14.13
C GLU A 243 -5.73 -14.45 14.21
N ASN A 244 -5.81 -15.16 13.09
CA ASN A 244 -6.25 -16.54 13.10
C ASN A 244 -5.24 -17.54 12.58
N GLN A 245 -4.34 -17.14 11.68
CA GLN A 245 -3.27 -18.01 11.24
C GLN A 245 -2.01 -17.19 11.03
N GLY A 246 -0.88 -17.88 11.09
CA GLY A 246 0.43 -17.25 10.93
C GLY A 246 1.39 -17.67 12.02
N GLU A 247 2.62 -17.23 11.85
CA GLU A 247 3.72 -17.51 12.76
C GLU A 247 4.25 -16.21 13.34
N VAL A 248 4.36 -16.15 14.67
CA VAL A 248 4.70 -14.91 15.34
C VAL A 248 5.59 -15.19 16.55
N TYR A 249 6.55 -14.31 16.79
CA TYR A 249 7.46 -14.35 17.92
C TYR A 249 7.15 -13.21 18.87
N GLY A 250 7.45 -13.40 20.14
CA GLY A 250 7.21 -12.38 21.14
C GLY A 250 8.39 -12.20 22.06
N PHE A 251 8.61 -10.95 22.48
CA PHE A 251 9.66 -10.62 23.41
C PHE A 251 9.14 -9.58 24.39
N SER A 252 9.34 -9.82 25.68
CA SER A 252 8.95 -8.88 26.71
C SER A 252 10.08 -8.74 27.71
N LEU A 253 10.13 -7.60 28.39
CA LEU A 253 11.17 -7.32 29.36
C LEU A 253 10.52 -6.94 30.68
N VAL A 254 10.95 -7.60 31.76
CA VAL A 254 10.39 -7.35 33.09
C VAL A 254 11.27 -6.29 33.73
N TYR A 255 10.96 -5.02 33.47
CA TYR A 255 11.74 -3.92 33.99
C TYR A 255 10.89 -2.65 33.96
N SER A 256 11.38 -1.62 34.66
CA SER A 256 10.64 -0.36 34.76
C SER A 256 11.46 0.87 34.43
N GLY A 257 12.77 0.77 34.28
CA GLY A 257 13.62 1.91 34.01
C GLY A 257 13.82 2.15 32.54
N ASN A 258 14.94 2.79 32.21
CA ASN A 258 15.28 3.03 30.81
C ASN A 258 15.63 1.70 30.14
N PHE A 259 15.04 1.45 28.98
CA PHE A 259 15.26 0.22 28.25
C PHE A 259 15.66 0.56 26.82
N LEU A 260 16.05 -0.47 26.08
CA LEU A 260 16.43 -0.30 24.68
C LEU A 260 16.13 -1.60 23.94
N ALA A 261 15.14 -1.57 23.06
CA ALA A 261 14.79 -2.70 22.23
C ALA A 261 15.25 -2.42 20.82
N GLN A 262 16.16 -3.24 20.30
CA GLN A 262 16.85 -2.96 19.06
C GLN A 262 16.79 -4.15 18.13
N ALA A 263 16.37 -3.93 16.89
CA ALA A 263 16.38 -4.95 15.86
C ALA A 263 17.29 -4.47 14.73
N GLU A 264 18.26 -5.27 14.37
CA GLU A 264 19.30 -4.87 13.43
C GLU A 264 19.52 -5.98 12.40
N VAL A 265 19.68 -5.59 11.14
CA VAL A 265 19.92 -6.54 10.07
C VAL A 265 21.17 -6.11 9.32
N SER A 266 21.81 -7.08 8.68
CA SER A 266 23.09 -6.87 8.01
C SER A 266 22.93 -7.02 6.51
N THR A 267 23.96 -6.60 5.79
CA THR A 267 23.96 -6.71 4.33
C THR A 267 23.97 -8.15 3.87
N PHE A 268 24.23 -9.11 4.76
CA PHE A 268 24.22 -10.53 4.44
C PHE A 268 22.91 -11.17 4.82
N ASP A 269 21.89 -10.36 5.13
CA ASP A 269 20.53 -10.83 5.40
C ASP A 269 20.50 -11.78 6.60
N MET A 270 20.81 -11.22 7.76
CA MET A 270 20.81 -11.96 9.03
C MET A 270 20.36 -11.01 10.13
N THR A 271 19.13 -11.18 10.61
CA THR A 271 18.59 -10.30 11.63
C THR A 271 19.20 -10.60 12.99
N ARG A 272 18.97 -9.70 13.94
CA ARG A 272 19.40 -9.88 15.31
C ARG A 272 18.63 -8.92 16.19
N VAL A 273 17.94 -9.45 17.20
CA VAL A 273 17.11 -8.67 18.09
C VAL A 273 17.59 -8.84 19.52
N MET A 274 17.70 -7.73 20.24
CA MET A 274 18.26 -7.75 21.58
C MET A 274 17.55 -6.74 22.46
N LEU A 275 17.47 -7.06 23.75
CA LEU A 275 16.77 -6.26 24.75
C LEU A 275 17.76 -5.90 25.86
N GLY A 276 17.33 -5.07 26.80
CA GLY A 276 18.13 -4.80 27.97
C GLY A 276 17.99 -3.37 28.43
N ILE A 277 19.00 -2.91 29.15
CA ILE A 277 19.04 -1.59 29.75
C ILE A 277 19.67 -0.60 28.78
N ASN A 278 19.16 0.62 28.76
CA ASN A 278 19.70 1.66 27.89
C ASN A 278 21.09 2.06 28.37
N PRO A 279 22.10 1.98 27.53
CA PRO A 279 23.47 2.28 28.00
C PRO A 279 23.86 3.74 27.92
N GLU A 280 22.89 4.64 27.77
CA GLU A 280 23.22 6.04 27.57
C GLU A 280 23.90 6.63 28.81
N ASP A 281 23.43 6.28 29.99
CA ASP A 281 24.04 6.78 31.23
C ASP A 281 24.35 5.64 32.19
N PHE A 282 24.79 4.51 31.67
CA PHE A 282 25.09 3.33 32.47
C PHE A 282 26.60 3.18 32.56
N SER A 283 27.15 3.34 33.77
CA SER A 283 28.58 3.25 34.00
C SER A 283 28.87 2.48 35.28
N TRP A 284 28.20 1.34 35.45
CA TRP A 284 28.41 0.50 36.62
C TRP A 284 29.83 -0.04 36.64
N GLU A 285 30.41 -0.14 37.84
CA GLU A 285 31.72 -0.74 38.01
C GLU A 285 31.65 -1.88 39.02
N LEU A 286 32.50 -2.88 38.82
CA LEU A 286 32.54 -4.06 39.66
C LEU A 286 33.90 -4.16 40.31
N ASN A 287 33.92 -4.31 41.63
CA ASN A 287 35.15 -4.45 42.38
C ASN A 287 35.38 -5.93 42.70
N GLN A 288 36.42 -6.20 43.48
CA GLN A 288 36.75 -7.58 43.82
C GLN A 288 35.66 -8.16 44.71
N GLY A 289 35.12 -9.31 44.30
CA GLY A 289 34.09 -9.98 45.07
C GLY A 289 32.68 -9.46 44.89
N GLU A 290 32.45 -8.54 43.95
CA GLU A 290 31.12 -7.99 43.74
C GLU A 290 30.40 -8.77 42.63
N SER A 291 29.17 -8.35 42.34
CA SER A 291 28.35 -9.04 41.36
C SER A 291 27.33 -8.08 40.78
N PHE A 292 26.79 -8.46 39.62
CA PHE A 292 25.76 -7.68 38.94
C PHE A 292 24.70 -8.62 38.38
N GLN A 293 23.44 -8.21 38.48
CA GLN A 293 22.32 -9.01 38.01
C GLN A 293 21.50 -8.19 37.03
N THR A 294 21.13 -8.82 35.92
CA THR A 294 20.43 -8.15 34.85
C THR A 294 18.98 -8.61 34.76
N PRO A 295 18.06 -7.78 34.25
CA PRO A 295 16.65 -8.17 34.21
C PRO A 295 16.36 -9.39 33.36
N GLU A 296 15.10 -9.82 33.34
CA GLU A 296 14.69 -11.06 32.71
C GLU A 296 13.80 -10.78 31.50
N VAL A 297 13.97 -11.59 30.45
CA VAL A 297 13.12 -11.49 29.27
C VAL A 297 12.29 -12.76 29.15
N VAL A 298 11.17 -12.63 28.45
CA VAL A 298 10.21 -13.73 28.28
C VAL A 298 9.92 -13.88 26.80
N MET A 299 10.07 -15.10 26.29
CA MET A 299 9.94 -15.38 24.87
C MET A 299 8.80 -16.37 24.64
N VAL A 300 7.91 -16.05 23.71
CA VAL A 300 6.77 -16.90 23.39
C VAL A 300 6.65 -17.05 21.88
N TYR A 301 6.49 -18.29 21.43
CA TYR A 301 6.34 -18.62 20.02
C TYR A 301 4.96 -19.20 19.79
N SER A 302 4.28 -18.71 18.75
CA SER A 302 2.93 -19.17 18.43
C SER A 302 2.84 -19.47 16.94
N ASP A 303 2.23 -20.62 16.63
CA ASP A 303 2.02 -21.01 15.24
C ASP A 303 0.58 -20.81 14.77
N ARG A 304 -0.30 -20.33 15.64
CA ARG A 304 -1.69 -20.09 15.28
C ARG A 304 -2.03 -18.62 15.13
N GLY A 305 -1.38 -17.74 15.87
CA GLY A 305 -1.56 -16.33 15.60
C GLY A 305 -1.51 -15.50 16.86
N LEU A 306 -1.76 -14.21 16.66
CA LEU A 306 -1.65 -13.24 17.74
C LEU A 306 -2.60 -13.55 18.87
N ASN A 307 -3.74 -14.16 18.57
CA ASN A 307 -4.68 -14.52 19.62
C ASN A 307 -4.08 -15.55 20.56
N LYS A 308 -3.46 -16.60 20.02
CA LYS A 308 -2.85 -17.60 20.89
C LYS A 308 -1.67 -17.04 21.65
N MET A 309 -0.85 -16.20 21.00
CA MET A 309 0.27 -15.59 21.73
C MET A 309 -0.23 -14.75 22.90
N SER A 310 -1.25 -13.92 22.65
CA SER A 310 -1.81 -13.09 23.72
C SER A 310 -2.38 -13.96 24.82
N GLN A 311 -3.01 -15.08 24.47
CA GLN A 311 -3.55 -15.96 25.50
C GLN A 311 -2.45 -16.53 26.38
N ALA A 312 -1.33 -16.92 25.78
CA ALA A 312 -0.22 -17.44 26.57
C ALA A 312 0.28 -16.40 27.55
N TYR A 313 0.52 -15.17 27.08
CA TYR A 313 0.89 -14.10 27.99
C TYR A 313 -0.15 -13.87 29.09
N HIS A 314 -1.43 -13.81 28.73
CA HIS A 314 -2.46 -13.53 29.72
C HIS A 314 -2.44 -14.58 30.82
N ARG A 315 -2.41 -15.87 30.43
CA ARG A 315 -2.44 -16.93 31.44
C ARG A 315 -1.20 -16.89 32.30
N LEU A 316 -0.01 -16.77 31.70
CA LEU A 316 1.21 -16.80 32.48
C LEU A 316 1.27 -15.65 33.47
N TYR A 317 0.95 -14.44 33.00
CA TYR A 317 1.04 -13.28 33.89
C TYR A 317 -0.03 -13.33 34.97
N ARG A 318 -1.22 -13.83 34.65
CA ARG A 318 -2.27 -13.88 35.65
C ARG A 318 -2.00 -14.94 36.70
N THR A 319 -1.33 -16.03 36.34
CA THR A 319 -1.13 -17.11 37.29
C THR A 319 0.21 -17.01 38.03
N ARG A 320 1.31 -17.00 37.30
CA ARG A 320 2.63 -17.20 37.89
C ARG A 320 3.42 -15.90 38.06
N LEU A 321 2.81 -14.75 37.89
CA LEU A 321 3.58 -13.55 38.17
C LEU A 321 2.87 -12.60 39.11
N MET A 322 1.55 -12.46 38.99
CA MET A 322 0.82 -11.59 39.89
C MET A 322 0.85 -12.14 41.31
N ARG A 323 0.88 -11.24 42.27
CA ARG A 323 1.06 -11.62 43.66
C ARG A 323 -0.06 -12.54 44.12
N VAL A 324 0.31 -13.59 44.87
CA VAL A 324 -0.69 -14.49 45.42
C VAL A 324 -1.56 -13.74 46.43
N THR A 325 -2.68 -14.36 46.79
CA THR A 325 -3.78 -13.81 47.58
C THR A 325 -4.60 -12.82 46.77
N TRP A 326 -4.27 -12.60 45.50
CA TRP A 326 -5.08 -11.78 44.63
C TRP A 326 -5.26 -12.40 43.26
N ARG A 327 -4.70 -13.58 43.00
CA ARG A 327 -4.75 -14.20 41.68
C ARG A 327 -6.12 -14.78 41.36
N ASP A 328 -6.95 -15.04 42.36
CA ASP A 328 -8.23 -15.70 42.16
C ASP A 328 -9.44 -14.88 42.58
N LYS A 329 -9.32 -14.04 43.59
CA LYS A 329 -10.44 -13.23 44.02
C LYS A 329 -10.70 -12.11 43.02
N ALA A 330 -11.99 -11.83 42.79
CA ALA A 330 -12.37 -10.80 41.84
C ALA A 330 -12.28 -9.42 42.48
N ARG A 331 -11.90 -8.44 41.67
CA ARG A 331 -11.71 -7.09 42.16
C ARG A 331 -13.04 -6.46 42.54
N PRO A 332 -13.06 -5.60 43.56
CA PRO A 332 -14.32 -5.01 44.03
C PRO A 332 -14.70 -3.75 43.28
N ILE A 333 -16.01 -3.52 43.20
CA ILE A 333 -16.54 -2.30 42.61
C ILE A 333 -16.21 -1.13 43.52
N LEU A 334 -15.71 -0.04 42.93
CA LEU A 334 -15.25 1.10 43.71
C LEU A 334 -15.93 2.37 43.22
N LEU A 335 -15.97 3.36 44.11
CA LEU A 335 -16.51 4.68 43.80
C LEU A 335 -15.54 5.75 44.26
N ASN A 336 -15.45 6.81 43.47
CA ASN A 336 -14.50 7.89 43.72
C ASN A 336 -15.24 9.21 43.74
N ASN A 337 -14.65 10.19 44.43
CA ASN A 337 -15.25 11.51 44.53
C ASN A 337 -14.14 12.56 44.38
N TRP A 338 -14.00 13.08 43.16
CA TRP A 338 -13.13 14.22 42.92
C TRP A 338 -13.91 15.51 42.72
N GLU A 339 -15.17 15.42 42.29
CA GLU A 339 -15.98 16.60 42.03
C GLU A 339 -16.50 17.25 43.31
N ALA A 340 -16.03 16.80 44.48
CA ALA A 340 -16.36 17.42 45.75
C ALA A 340 -15.55 18.68 46.02
N THR A 341 -14.73 19.10 45.06
CA THR A 341 -13.92 20.32 45.15
C THR A 341 -13.02 20.16 46.38
N TYR A 342 -12.82 21.20 47.21
CA TYR A 342 -11.96 21.12 48.37
C TYR A 342 -12.57 21.94 49.50
N PHE A 343 -13.33 21.27 50.37
CA PHE A 343 -13.82 21.86 51.61
C PHE A 343 -13.75 20.79 52.70
N ASP A 344 -13.21 21.15 53.86
CA ASP A 344 -12.96 20.19 54.91
C ASP A 344 -14.15 20.11 55.87
N PHE A 345 -15.34 19.86 55.34
CA PHE A 345 -16.50 19.67 56.19
C PHE A 345 -16.66 18.19 56.52
N ASN A 346 -17.62 17.89 57.39
CA ASN A 346 -17.85 16.53 57.84
C ASN A 346 -19.33 16.22 57.84
N GLU A 347 -19.62 14.92 57.83
CA GLU A 347 -20.96 14.32 57.86
C GLU A 347 -21.66 14.43 56.51
N GLU A 348 -21.12 15.24 55.59
CA GLU A 348 -21.62 15.17 54.22
C GLU A 348 -21.07 13.94 53.53
N LYS A 349 -19.82 13.58 53.85
CA LYS A 349 -19.26 12.34 53.36
C LYS A 349 -19.98 11.14 53.97
N ILE A 350 -20.39 11.27 55.23
CA ILE A 350 -21.18 10.21 55.86
C ILE A 350 -22.52 10.06 55.17
N LEU A 351 -23.20 11.17 54.88
CA LEU A 351 -24.47 11.10 54.17
C LEU A 351 -24.27 10.48 52.79
N LYS A 352 -23.19 10.88 52.10
CA LYS A 352 -22.84 10.28 50.82
C LYS A 352 -22.73 8.77 50.92
N ILE A 353 -21.79 8.28 51.71
CA ILE A 353 -21.51 6.85 51.78
C ILE A 353 -22.72 6.11 52.33
N ALA A 354 -23.60 6.82 53.03
CA ALA A 354 -24.76 6.17 53.62
C ALA A 354 -25.84 5.93 52.58
N GLU A 355 -26.22 6.97 51.84
CA GLU A 355 -27.46 6.89 51.07
C GLU A 355 -27.25 7.05 49.58
N LYS A 356 -26.00 7.07 49.11
CA LYS A 356 -25.80 6.98 47.68
C LYS A 356 -24.99 5.74 47.33
N ALA A 357 -23.78 5.66 47.89
CA ALA A 357 -22.86 4.60 47.52
C ALA A 357 -23.35 3.24 48.01
N LYS A 358 -23.69 3.15 49.29
CA LYS A 358 -24.12 1.87 49.84
C LYS A 358 -25.42 1.40 49.20
N GLU A 359 -26.35 2.34 48.99
CA GLU A 359 -27.63 1.98 48.40
C GLU A 359 -27.45 1.50 46.95
N ALA A 360 -26.61 2.19 46.17
CA ALA A 360 -26.39 1.76 44.80
C ALA A 360 -25.71 0.40 44.73
N GLY A 361 -24.97 0.01 45.77
CA GLY A 361 -24.37 -1.31 45.80
C GLY A 361 -22.89 -1.37 45.55
N VAL A 362 -22.17 -0.27 45.76
CA VAL A 362 -20.72 -0.26 45.59
C VAL A 362 -20.07 -0.55 46.94
N GLU A 363 -19.12 -1.48 46.96
CA GLU A 363 -18.59 -1.95 48.23
C GLU A 363 -17.31 -1.22 48.64
N LEU A 364 -16.69 -0.50 47.72
CA LEU A 364 -15.46 0.23 48.00
C LEU A 364 -15.65 1.71 47.74
N PHE A 365 -15.32 2.53 48.73
CA PHE A 365 -15.48 3.98 48.65
C PHE A 365 -14.10 4.61 48.82
N VAL A 366 -13.63 5.29 47.77
CA VAL A 366 -12.27 5.82 47.73
C VAL A 366 -12.32 7.30 48.06
N LEU A 367 -11.60 7.69 49.11
CA LEU A 367 -11.46 9.10 49.44
C LEU A 367 -10.11 9.61 48.98
N ASP A 368 -10.12 10.75 48.31
CA ASP A 368 -8.92 11.34 47.73
C ASP A 368 -8.32 12.36 48.69
N ASP A 369 -7.10 12.78 48.39
CA ASP A 369 -6.39 13.81 49.15
C ASP A 369 -6.25 13.45 50.62
N ILE A 396 -8.50 11.42 58.79
CA ILE A 396 -7.87 10.90 59.99
C ILE A 396 -8.09 9.40 60.07
N ALA A 397 -8.14 8.89 61.30
CA ALA A 397 -8.43 7.47 61.54
C ALA A 397 -9.83 7.22 62.05
N GLY A 398 -10.43 8.19 62.74
CA GLY A 398 -11.78 8.00 63.25
C GLY A 398 -12.81 7.86 62.15
N LEU A 399 -12.62 8.59 61.04
CA LEU A 399 -13.54 8.50 59.91
C LEU A 399 -13.54 7.11 59.29
N SER A 400 -12.37 6.47 59.22
CA SER A 400 -12.28 5.16 58.59
C SER A 400 -13.13 4.13 59.32
N ARG A 401 -13.11 4.16 60.65
CA ARG A 401 -13.92 3.22 61.42
C ARG A 401 -15.42 3.44 61.18
N LYS A 402 -15.82 4.70 61.03
CA LYS A 402 -17.23 5.00 60.77
C LYS A 402 -17.68 4.40 59.43
N VAL A 403 -16.82 4.47 58.42
CA VAL A 403 -17.17 3.93 57.11
C VAL A 403 -17.39 2.43 57.18
N GLU A 404 -16.54 1.73 57.92
CA GLU A 404 -16.67 0.28 58.03
C GLU A 404 -17.99 -0.12 58.68
N ALA A 405 -18.54 0.74 59.53
CA ALA A 405 -19.82 0.43 60.16
C ALA A 405 -20.93 0.30 59.13
N LEU A 406 -20.91 1.16 58.11
CA LEU A 406 -21.90 1.10 57.04
C LEU A 406 -21.75 -0.14 56.17
N GLY A 407 -20.67 -0.88 56.30
CA GLY A 407 -20.43 -2.06 55.49
C GLY A 407 -19.55 -1.85 54.29
N LEU A 408 -18.78 -0.76 54.25
CA LEU A 408 -17.92 -0.45 53.12
C LEU A 408 -16.45 -0.55 53.52
N LYS A 409 -15.60 -0.61 52.52
CA LYS A 409 -14.17 -0.50 52.73
C LYS A 409 -13.73 0.96 52.58
N PHE A 410 -12.43 1.20 52.68
CA PHE A 410 -11.92 2.57 52.64
C PHE A 410 -10.68 2.63 51.77
N GLY A 411 -10.42 3.82 51.21
CA GLY A 411 -9.27 4.03 50.36
C GLY A 411 -8.65 5.39 50.60
N LEU A 412 -7.52 5.63 49.94
CA LEU A 412 -6.78 6.86 50.15
C LEU A 412 -5.86 7.12 48.97
N TRP A 413 -5.41 8.37 48.85
CA TRP A 413 -4.48 8.79 47.81
C TRP A 413 -3.20 9.31 48.47
N VAL A 414 -2.05 8.92 47.92
CA VAL A 414 -0.78 9.31 48.58
C VAL A 414 0.34 9.45 47.54
N GLU A 415 0.92 10.64 47.40
CA GLU A 415 2.10 10.80 46.51
C GLU A 415 3.33 10.69 47.41
N LEU A 416 4.30 9.84 47.09
CA LEU A 416 5.42 9.59 48.05
C LEU A 416 6.71 10.29 47.62
N GLU A 417 7.16 10.08 46.38
CA GLU A 417 8.49 10.62 45.97
C GLU A 417 8.42 12.04 45.41
N MET A 418 7.94 13.01 46.19
CA MET A 418 7.96 14.42 45.73
C MET A 418 7.98 15.35 46.94
N VAL A 419 8.72 16.46 46.87
CA VAL A 419 8.85 17.38 48.03
C VAL A 419 8.75 18.84 47.54
N ASN A 420 8.42 19.76 48.45
CA ASN A 420 8.38 21.21 48.10
C ASN A 420 9.41 21.93 48.95
N LYS A 421 10.08 22.94 48.40
CA LYS A 421 11.16 23.64 49.14
C LYS A 421 10.64 24.00 50.53
N ASP A 422 9.34 24.34 50.63
CA ASP A 422 8.74 24.73 51.93
C ASP A 422 8.69 23.53 52.87
N SER A 423 8.42 22.33 52.33
CA SER A 423 8.27 21.11 53.17
C SER A 423 9.32 21.08 54.28
N ASP A 424 8.90 20.70 55.49
CA ASP A 424 9.84 20.61 56.64
C ASP A 424 11.07 19.80 56.21
N LEU A 425 10.86 18.74 55.44
CA LEU A 425 11.99 17.88 55.02
C LEU A 425 13.05 18.78 54.38
N TYR A 426 12.63 19.68 53.49
CA TYR A 426 13.63 20.51 52.78
C TYR A 426 14.39 21.37 53.77
N ARG A 427 13.67 22.08 54.63
CA ARG A 427 14.32 23.01 55.59
C ARG A 427 15.30 22.23 56.48
N ALA A 428 14.97 20.99 56.85
CA ALA A 428 15.82 20.24 57.79
C ALA A 428 16.89 19.44 57.03
N HIS A 429 16.56 18.91 55.85
CA HIS A 429 17.52 18.08 55.09
C HIS A 429 17.56 18.57 53.63
N PRO A 430 18.28 19.66 53.31
CA PRO A 430 18.25 20.21 51.95
C PRO A 430 19.01 19.37 50.91
N ASP A 431 19.86 18.43 51.34
CA ASP A 431 20.68 17.66 50.37
C ASP A 431 19.95 16.38 49.96
N TRP A 432 18.94 15.96 50.72
CA TRP A 432 18.25 14.68 50.43
C TRP A 432 17.61 14.71 49.04
N LEU A 433 17.54 15.89 48.42
CA LEU A 433 16.89 16.01 47.09
C LEU A 433 17.86 15.52 46.02
N ILE A 434 17.44 15.57 44.75
CA ILE A 434 18.26 15.13 43.63
C ILE A 434 18.54 16.31 42.73
N GLY A 435 19.82 16.52 42.41
CA GLY A 435 20.21 17.65 41.60
C GLY A 435 21.72 17.77 41.57
N ALA A 436 22.20 18.88 41.01
CA ALA A 436 23.62 19.13 40.90
C ALA A 436 23.91 20.56 41.33
N PRO A 437 25.09 20.81 41.89
CA PRO A 437 25.43 22.18 42.32
C PRO A 437 25.60 23.10 41.12
N ASP A 438 25.31 24.38 41.37
CA ASP A 438 25.43 25.44 40.37
C ASP A 438 24.57 25.18 39.14
N ARG A 439 23.46 24.46 39.32
CA ARG A 439 22.55 24.17 38.22
C ARG A 439 21.13 24.48 38.68
N PHE A 440 20.35 25.10 37.80
CA PHE A 440 18.95 25.35 38.10
C PHE A 440 18.14 24.07 37.87
N GLU A 441 16.96 24.01 38.50
CA GLU A 441 16.09 22.85 38.31
C GLU A 441 14.66 23.25 38.64
N SER A 442 13.71 22.62 37.94
CA SER A 442 12.29 22.78 38.23
C SER A 442 11.48 21.71 37.51
N HIS A 448 9.82 18.98 42.98
CA HIS A 448 11.16 18.52 43.32
C HIS A 448 11.14 17.04 43.68
N VAL A 449 11.93 16.26 42.95
CA VAL A 449 11.95 14.81 43.13
C VAL A 449 12.79 14.46 44.35
N LEU A 450 12.32 13.50 45.13
CA LEU A 450 13.02 13.04 46.32
C LEU A 450 13.90 11.86 45.96
N ASP A 451 15.15 11.87 46.44
CA ASP A 451 16.10 10.83 46.11
C ASP A 451 15.78 9.53 46.82
N PHE A 452 15.86 8.42 46.09
CA PHE A 452 15.73 7.08 46.67
C PHE A 452 17.02 6.27 46.60
N SER A 453 18.10 6.83 46.05
CA SER A 453 19.36 6.09 46.03
C SER A 453 19.85 5.83 47.44
N ARG A 454 19.74 6.82 48.32
CA ARG A 454 20.13 6.65 49.71
C ARG A 454 19.09 5.83 50.46
N LYS A 455 19.55 5.01 51.41
CA LYS A 455 18.64 4.23 52.23
C LYS A 455 17.94 5.06 53.29
N GLU A 456 18.52 6.19 53.67
CA GLU A 456 17.92 7.00 54.73
C GLU A 456 16.55 7.51 54.33
N VAL A 457 16.41 7.99 53.09
CA VAL A 457 15.12 8.48 52.63
C VAL A 457 14.10 7.35 52.59
N VAL A 458 14.53 6.17 52.14
CA VAL A 458 13.62 5.03 52.07
C VAL A 458 13.11 4.67 53.46
N ASP A 459 14.01 4.59 54.44
CA ASP A 459 13.57 4.21 55.78
C ASP A 459 12.70 5.29 56.42
N TYR A 460 13.02 6.56 56.18
CA TYR A 460 12.19 7.65 56.68
C TYR A 460 10.77 7.56 56.13
N ILE A 461 10.65 7.40 54.81
CA ILE A 461 9.33 7.33 54.18
C ILE A 461 8.57 6.11 54.67
N TYR A 462 9.26 4.97 54.78
CA TYR A 462 8.59 3.76 55.25
C TYR A 462 8.08 3.93 56.67
N LYS A 463 8.88 4.52 57.55
CA LYS A 463 8.44 4.74 58.91
C LYS A 463 7.21 5.63 58.95
N MET A 464 7.22 6.73 58.18
CA MET A 464 6.08 7.63 58.18
C MET A 464 4.80 6.94 57.69
N ILE A 465 4.91 6.24 56.55
CA ILE A 465 3.71 5.63 55.97
C ILE A 465 3.20 4.49 56.83
N ALA A 466 4.10 3.71 57.42
CA ALA A 466 3.65 2.64 58.30
C ALA A 466 2.99 3.20 59.56
N LYS A 467 3.51 4.33 60.06
CA LYS A 467 2.85 5.00 61.18
C LYS A 467 1.43 5.41 60.79
N VAL A 468 1.26 5.90 59.55
CA VAL A 468 -0.08 6.28 59.11
C VAL A 468 -1.00 5.07 59.04
N LEU A 469 -0.51 3.96 58.47
CA LEU A 469 -1.39 2.85 58.14
C LEU A 469 -1.83 2.04 59.35
N ARG A 470 -1.01 2.00 60.41
CA ARG A 470 -1.27 1.07 61.51
C ARG A 470 -2.56 1.39 62.23
N GLU A 471 -2.83 2.66 62.50
CA GLU A 471 -4.00 3.02 63.29
C GLU A 471 -5.29 2.85 62.50
N SER A 472 -5.29 3.24 61.23
CA SER A 472 -6.51 3.21 60.43
C SER A 472 -6.79 1.81 59.91
N SER A 473 -7.95 1.65 59.28
CA SER A 473 -8.39 0.38 58.71
C SER A 473 -8.38 0.43 57.19
N ILE A 474 -7.34 1.06 56.63
CA ILE A 474 -7.25 1.22 55.19
C ILE A 474 -7.13 -0.15 54.53
N SER A 475 -7.73 -0.28 53.34
CA SER A 475 -7.66 -1.52 52.58
C SER A 475 -7.43 -1.30 51.09
N TYR A 476 -7.09 -0.08 50.67
CA TYR A 476 -6.89 0.20 49.25
C TYR A 476 -6.12 1.51 49.14
N ILE A 477 -4.96 1.48 48.48
CA ILE A 477 -4.07 2.63 48.39
C ILE A 477 -3.68 2.84 46.94
N LYS A 478 -3.72 4.08 46.48
CA LYS A 478 -3.29 4.45 45.13
C LYS A 478 -2.03 5.31 45.23
N TRP A 479 -0.90 4.76 44.81
CA TRP A 479 0.34 5.52 44.78
C TRP A 479 0.35 6.37 43.51
N ASP A 480 1.10 7.45 43.53
CA ASP A 480 1.11 8.37 42.40
C ASP A 480 2.51 8.87 42.10
N MET A 481 2.73 9.20 40.83
CA MET A 481 3.99 9.81 40.39
C MET A 481 3.72 10.48 39.05
N ASN A 482 3.79 11.82 39.02
CA ASN A 482 3.41 12.59 37.84
C ASN A 482 4.50 13.59 37.45
N ARG A 483 5.76 13.19 37.56
CA ARG A 483 6.86 14.05 37.18
C ARG A 483 7.97 13.20 36.59
N TYR A 484 8.86 13.85 35.84
CA TYR A 484 10.05 13.19 35.32
C TYR A 484 11.27 13.69 36.07
N MET A 485 12.39 13.01 35.86
CA MET A 485 13.62 13.28 36.58
C MET A 485 14.53 14.15 35.72
N THR A 486 15.04 15.23 36.30
CA THR A 486 15.90 16.16 35.58
C THR A 486 17.13 16.43 36.45
N GLU A 487 18.28 16.62 35.80
CA GLU A 487 19.60 16.61 36.41
C GLU A 487 19.81 15.34 37.24
N PRO A 488 20.01 14.18 36.61
CA PRO A 488 20.26 12.96 37.39
C PRO A 488 21.63 12.93 38.03
N TYR A 489 21.78 13.63 39.15
CA TYR A 489 23.02 13.66 39.92
C TYR A 489 22.69 13.45 41.39
N SER A 490 23.56 12.72 42.09
CA SER A 490 23.38 12.44 43.51
C SER A 490 24.45 13.14 44.32
N ARG A 491 24.04 13.76 45.43
CA ARG A 491 24.93 14.49 46.31
C ARG A 491 25.41 13.66 47.49
N GLY A 492 25.34 12.33 47.37
CA GLY A 492 25.78 11.47 48.45
C GLY A 492 26.93 10.57 48.05
N ALA A 493 27.08 10.32 46.76
CA ALA A 493 28.13 9.46 46.25
C ALA A 493 29.32 10.30 45.79
N ASP A 494 30.44 9.63 45.53
CA ASP A 494 31.64 10.31 45.05
C ASP A 494 31.63 10.33 43.52
N ALA A 495 32.77 10.69 42.92
CA ALA A 495 32.84 10.80 41.47
C ALA A 495 32.67 9.44 40.80
N SER A 496 33.24 8.38 41.38
CA SER A 496 33.18 7.08 40.74
C SER A 496 31.75 6.54 40.68
N GLN A 497 30.96 6.77 41.72
CA GLN A 497 29.62 6.21 41.80
C GLN A 497 28.57 7.06 41.11
N GLN A 498 28.94 8.20 40.54
CA GLN A 498 27.95 9.05 39.89
C GLN A 498 27.66 8.54 38.48
N GLY A 499 27.35 7.26 38.35
CA GLY A 499 27.02 6.68 37.07
C GLY A 499 25.98 5.57 37.20
N LYS A 500 25.35 5.49 38.35
CA LYS A 500 24.43 4.40 38.62
C LYS A 500 23.17 4.81 39.36
N VAL A 501 22.89 6.11 39.50
CA VAL A 501 21.76 6.54 40.31
C VAL A 501 20.43 6.15 39.67
N MET A 502 20.35 6.19 38.35
CA MET A 502 19.10 5.91 37.66
C MET A 502 18.70 4.46 37.83
N HIS A 503 19.67 3.54 37.76
CA HIS A 503 19.38 2.15 38.05
C HIS A 503 19.25 1.90 39.55
N LYS A 504 19.83 2.76 40.39
CA LYS A 504 19.79 2.51 41.82
C LYS A 504 18.44 2.83 42.43
N TYR A 505 17.80 3.95 42.06
CA TYR A 505 16.59 4.24 42.82
C TYR A 505 15.43 3.37 42.38
N ILE A 506 15.52 2.75 41.20
CA ILE A 506 14.54 1.75 40.82
C ILE A 506 14.58 0.59 41.79
N LEU A 507 15.78 0.12 42.12
CA LEU A 507 15.92 -0.90 43.15
C LEU A 507 15.44 -0.39 44.49
N GLY A 508 15.65 0.90 44.75
CA GLY A 508 15.18 1.47 46.00
C GLY A 508 13.67 1.38 46.16
N VAL A 509 12.94 1.79 45.12
CA VAL A 509 11.48 1.73 45.20
C VAL A 509 11.00 0.28 45.18
N TYR A 510 11.71 -0.60 44.47
CA TYR A 510 11.37 -2.02 44.49
C TYR A 510 11.43 -2.56 45.92
N ASP A 511 12.51 -2.27 46.64
CA ASP A 511 12.61 -2.79 48.00
C ASP A 511 11.63 -2.09 48.94
N LEU A 512 11.29 -0.83 48.66
CA LEU A 512 10.27 -0.17 49.47
C LEU A 512 8.94 -0.91 49.39
N TYR A 513 8.49 -1.20 48.16
CA TYR A 513 7.28 -2.02 48.04
C TYR A 513 7.47 -3.40 48.65
N THR A 514 8.67 -3.98 48.52
CA THR A 514 8.88 -5.29 49.11
C THR A 514 8.57 -5.27 50.60
N ARG A 515 9.20 -4.36 51.34
CA ARG A 515 8.99 -4.31 52.78
C ARG A 515 7.56 -3.93 53.12
N LEU A 516 6.98 -2.98 52.38
CA LEU A 516 5.62 -2.54 52.71
C LEU A 516 4.60 -3.66 52.50
N THR A 517 4.68 -4.35 51.36
CA THR A 517 3.72 -5.40 51.04
C THR A 517 3.95 -6.64 51.88
N THR A 518 5.16 -6.88 52.36
CA THR A 518 5.33 -8.02 53.25
C THR A 518 4.90 -7.69 54.67
N GLU A 519 4.90 -6.41 55.06
CA GLU A 519 4.36 -6.07 56.38
C GLU A 519 2.84 -6.06 56.38
N PHE A 520 2.21 -5.60 55.29
CA PHE A 520 0.75 -5.51 55.21
C PHE A 520 0.25 -6.33 54.03
N PRO A 521 0.08 -7.64 54.21
CA PRO A 521 -0.29 -8.49 53.08
C PRO A 521 -1.79 -8.58 52.83
N GLU A 522 -2.52 -7.46 52.91
CA GLU A 522 -3.95 -7.51 52.58
C GLU A 522 -4.42 -6.24 51.88
N ILE A 523 -3.52 -5.43 51.36
CA ILE A 523 -3.86 -4.11 50.83
C ILE A 523 -3.67 -4.14 49.32
N LEU A 524 -4.70 -3.71 48.58
CA LEU A 524 -4.59 -3.54 47.15
C LEU A 524 -3.88 -2.25 46.82
N PHE A 525 -3.16 -2.25 45.69
CA PHE A 525 -2.39 -1.08 45.27
C PHE A 525 -2.72 -0.75 43.82
N GLU A 526 -2.74 0.53 43.51
CA GLU A 526 -2.98 1.06 42.17
C GLU A 526 -1.80 1.92 41.78
N SER A 527 -0.97 1.43 40.86
CA SER A 527 0.31 2.08 40.60
C SER A 527 0.23 3.10 39.46
N CYS A 528 -0.76 4.00 39.52
CA CYS A 528 -0.75 5.22 38.72
C CYS A 528 -1.97 6.07 39.04
N ALA A 529 -1.87 7.38 38.82
CA ALA A 529 -3.02 8.27 38.89
C ALA A 529 -3.05 9.31 37.79
N SER A 530 -1.94 9.58 37.12
CA SER A 530 -1.91 10.54 36.02
C SER A 530 -0.68 10.27 35.17
N GLY A 531 -0.90 9.91 33.91
CA GLY A 531 0.19 9.66 33.00
C GLY A 531 0.15 8.29 32.36
N GLY A 532 -0.22 7.28 33.13
CA GLY A 532 -0.30 5.92 32.63
C GLY A 532 1.00 5.42 32.02
N ALA A 533 2.12 5.69 32.70
CA ALA A 533 3.44 5.36 32.18
C ALA A 533 4.15 4.28 32.97
N ARG A 534 3.62 3.86 34.12
CA ARG A 534 4.21 2.80 34.92
C ARG A 534 3.51 1.47 34.68
N PHE A 535 3.09 1.21 33.45
CA PHE A 535 2.28 0.05 33.11
C PHE A 535 3.20 -0.98 32.49
N ASP A 536 3.78 -1.83 33.32
CA ASP A 536 4.79 -2.81 32.91
C ASP A 536 4.73 -3.98 33.87
N PRO A 537 5.29 -5.14 33.48
CA PRO A 537 5.09 -6.35 34.30
C PRO A 537 5.58 -6.26 35.73
N ALA A 538 6.67 -5.54 36.02
CA ALA A 538 7.18 -5.52 37.38
C ALA A 538 6.18 -4.91 38.35
N MET A 539 5.56 -3.79 37.97
CA MET A 539 4.53 -3.20 38.82
C MET A 539 3.38 -4.18 39.01
N LEU A 540 3.03 -4.94 37.98
CA LEU A 540 2.02 -5.97 38.13
C LEU A 540 2.43 -6.99 39.18
N TYR A 541 3.72 -7.32 39.22
CA TYR A 541 4.20 -8.21 40.27
C TYR A 541 4.00 -7.58 41.65
N PHE A 542 4.16 -6.27 41.74
CA PHE A 542 3.97 -5.63 43.04
C PHE A 542 2.54 -5.14 43.26
N ALA A 543 1.99 -4.37 42.32
CA ALA A 543 0.63 -3.86 42.41
C ALA A 543 -0.23 -4.56 41.38
N PRO A 544 -1.28 -5.27 41.78
CA PRO A 544 -2.00 -6.15 40.84
C PRO A 544 -2.65 -5.42 39.68
N GLN A 545 -2.92 -4.12 39.81
CA GLN A 545 -3.64 -3.41 38.77
C GLN A 545 -3.25 -1.94 38.80
N THR A 546 -3.74 -1.18 37.82
CA THR A 546 -3.34 0.20 37.70
C THR A 546 -4.36 0.95 36.84
N TRP A 547 -4.26 2.28 36.90
CA TRP A 547 -5.07 3.17 36.09
C TRP A 547 -4.63 3.10 34.63
N THR A 548 -5.48 3.61 33.75
CA THR A 548 -5.13 3.73 32.34
C THR A 548 -5.29 5.17 31.86
N ALA A 554 -15.26 5.46 25.49
CA ALA A 554 -15.78 5.63 24.15
C ALA A 554 -14.65 5.66 23.13
N SER A 555 -14.78 6.55 22.15
CA SER A 555 -13.70 6.75 21.20
C SER A 555 -12.45 7.23 21.91
N GLU A 556 -11.29 6.79 21.41
CA GLU A 556 -9.99 6.99 22.06
C GLU A 556 -9.89 6.24 23.38
N ARG A 557 -10.83 5.34 23.65
CA ARG A 557 -10.70 4.36 24.72
C ARG A 557 -10.87 2.93 24.24
N THR A 558 -11.82 2.66 23.35
CA THR A 558 -11.95 1.38 22.69
C THR A 558 -10.77 1.07 21.79
N LYS A 559 -9.96 2.06 21.47
CA LYS A 559 -8.72 1.86 20.74
C LYS A 559 -7.52 1.66 21.66
N ILE A 560 -7.43 2.41 22.76
CA ILE A 560 -6.40 2.16 23.76
C ILE A 560 -6.49 0.76 24.32
N GLN A 561 -7.68 0.31 24.72
CA GLN A 561 -7.83 -1.02 25.28
C GLN A 561 -7.50 -2.12 24.27
N TYR A 562 -7.96 -1.96 23.03
CA TYR A 562 -7.61 -2.93 21.99
C TYR A 562 -6.11 -3.00 21.79
N GLY A 563 -5.44 -1.85 21.79
CA GLY A 563 -3.99 -1.87 21.62
C GLY A 563 -3.28 -2.54 22.77
N THR A 564 -3.65 -2.21 24.00
CA THR A 564 -2.91 -2.73 25.14
C THR A 564 -3.28 -4.16 25.48
N SER A 565 -4.35 -4.71 24.93
CA SER A 565 -4.62 -6.10 25.32
C SER A 565 -3.71 -7.09 24.62
N TYR A 566 -2.61 -6.76 23.95
CA TYR A 566 -1.76 -7.82 23.40
C TYR A 566 -1.05 -8.60 24.50
N VAL A 567 -0.50 -7.90 25.49
CA VAL A 567 0.43 -8.53 26.41
C VAL A 567 0.06 -8.23 27.86
N TYR A 568 -1.21 -7.93 28.12
CA TYR A 568 -1.62 -7.70 29.50
C TYR A 568 -3.02 -8.25 29.74
N PRO A 569 -3.25 -8.95 30.85
CA PRO A 569 -4.58 -9.49 31.12
C PRO A 569 -5.58 -8.38 31.40
N VAL A 570 -6.85 -8.67 31.10
CA VAL A 570 -7.90 -7.67 31.25
C VAL A 570 -8.21 -7.34 32.70
N VAL A 571 -7.66 -8.11 33.65
CA VAL A 571 -7.84 -7.77 35.05
C VAL A 571 -7.12 -6.47 35.39
N SER A 572 -5.98 -6.23 34.76
CA SER A 572 -5.14 -5.08 35.08
C SER A 572 -5.71 -3.76 34.58
N MET A 573 -6.78 -3.78 33.79
CA MET A 573 -7.31 -2.54 33.21
C MET A 573 -7.95 -1.70 34.31
N GLY A 574 -7.57 -0.44 34.39
CA GLY A 574 -8.22 0.46 35.33
C GLY A 574 -9.33 1.28 34.72
N SER A 575 -10.34 0.63 34.18
CA SER A 575 -11.43 1.34 33.50
C SER A 575 -12.29 2.08 34.51
N HIS A 576 -12.97 3.12 34.03
CA HIS A 576 -13.78 3.97 34.88
C HIS A 576 -14.89 4.60 34.06
N VAL A 577 -15.95 5.03 34.75
CA VAL A 577 -17.11 5.67 34.13
C VAL A 577 -17.21 7.09 34.65
N SER A 578 -17.24 8.05 33.74
CA SER A 578 -17.31 9.46 34.11
C SER A 578 -18.30 10.18 33.21
N ALA A 579 -18.88 11.26 33.74
CA ALA A 579 -19.81 12.07 32.98
C ALA A 579 -19.16 13.38 32.55
N MET A 588 -23.95 14.41 24.69
CA MET A 588 -22.92 13.96 23.77
C MET A 588 -22.98 12.45 23.58
N THR A 589 -22.89 11.72 24.69
CA THR A 589 -22.94 10.26 24.68
C THR A 589 -23.85 9.77 25.80
N PRO A 590 -24.53 8.66 25.60
CA PRO A 590 -25.34 8.07 26.66
C PRO A 590 -24.49 7.26 27.63
N ILE A 591 -25.07 7.02 28.81
CA ILE A 591 -24.34 6.29 29.85
C ILE A 591 -24.17 4.82 29.47
N GLU A 592 -25.15 4.25 28.75
CA GLU A 592 -25.11 2.83 28.43
C GLU A 592 -23.91 2.49 27.56
N THR A 593 -23.60 3.34 26.58
CA THR A 593 -22.47 3.04 25.71
C THR A 593 -21.13 3.19 26.41
N ARG A 594 -21.07 3.97 27.48
CA ARG A 594 -19.84 4.04 28.27
C ARG A 594 -19.71 2.82 29.18
N ALA A 595 -20.82 2.36 29.76
CA ALA A 595 -20.75 1.14 30.55
C ALA A 595 -20.41 -0.07 29.70
N ASN A 596 -20.89 -0.09 28.45
CA ASN A 596 -20.61 -1.22 27.57
C ASN A 596 -19.13 -1.35 27.24
N VAL A 597 -18.35 -0.31 27.47
CA VAL A 597 -16.91 -0.38 27.28
C VAL A 597 -16.24 -0.63 28.61
N ALA A 598 -16.77 -0.03 29.67
CA ALA A 598 -16.15 -0.17 30.98
C ALA A 598 -16.37 -1.56 31.59
N TYR A 599 -17.27 -2.36 31.03
CA TYR A 599 -17.49 -3.70 31.58
C TYR A 599 -16.22 -4.54 31.54
N PHE A 600 -15.50 -4.50 30.42
CA PHE A 600 -14.33 -5.35 30.23
C PHE A 600 -13.15 -4.73 30.97
N GLY A 601 -12.74 -5.36 32.06
CA GLY A 601 -11.76 -4.80 32.97
C GLY A 601 -12.38 -4.51 34.32
N THR A 602 -11.58 -3.89 35.18
CA THR A 602 -12.08 -3.49 36.48
C THR A 602 -13.14 -2.42 36.31
N PHE A 603 -14.24 -2.57 37.04
CA PHE A 603 -15.37 -1.65 36.94
C PHE A 603 -15.30 -0.64 38.07
N GLY A 604 -15.50 0.63 37.75
CA GLY A 604 -15.46 1.68 38.75
C GLY A 604 -16.31 2.85 38.32
N TYR A 605 -16.58 3.73 39.27
CA TYR A 605 -17.42 4.90 39.03
C TYR A 605 -16.71 6.15 39.52
N GLU A 606 -16.74 7.20 38.69
CA GLU A 606 -16.23 8.52 39.05
C GLU A 606 -17.31 9.51 38.67
N LEU A 607 -18.26 9.74 39.58
CA LEU A 607 -19.41 10.57 39.31
C LEU A 607 -19.72 11.39 40.55
N ASP A 608 -20.88 12.02 40.55
CA ASP A 608 -21.43 12.72 41.71
C ASP A 608 -22.91 12.33 41.80
N LEU A 609 -23.23 11.39 42.69
CA LEU A 609 -24.59 10.88 42.78
C LEU A 609 -25.57 11.91 43.32
N ASN A 610 -25.07 12.95 43.99
CA ASN A 610 -25.97 14.02 44.43
C ASN A 610 -26.59 14.73 43.25
N LEU A 611 -25.81 15.00 42.20
CA LEU A 611 -26.26 15.68 41.00
C LEU A 611 -26.54 14.64 39.92
N LEU A 612 -27.70 13.98 40.05
CA LEU A 612 -28.11 12.99 39.05
C LEU A 612 -29.60 12.71 39.22
N SER A 613 -30.26 12.44 38.10
CA SER A 613 -31.70 12.23 38.06
C SER A 613 -32.04 10.77 38.32
N GLU A 614 -33.31 10.54 38.68
CA GLU A 614 -33.73 9.20 39.10
C GLU A 614 -33.65 8.19 37.96
N ALA A 615 -33.84 8.64 36.72
CA ALA A 615 -33.76 7.73 35.59
C ALA A 615 -32.37 7.10 35.49
N GLU A 616 -31.34 7.87 35.83
CA GLU A 616 -29.97 7.36 35.79
C GLU A 616 -29.68 6.42 36.96
N LEU A 617 -30.18 6.77 38.14
CA LEU A 617 -29.99 5.90 39.30
C LEU A 617 -30.76 4.61 39.18
N GLU A 618 -31.78 4.57 38.33
CA GLU A 618 -32.47 3.30 38.09
C GLU A 618 -31.69 2.40 37.15
N SER A 619 -30.86 2.98 36.28
CA SER A 619 -30.08 2.16 35.35
C SER A 619 -28.74 1.76 35.96
N VAL A 620 -28.20 2.59 36.85
CA VAL A 620 -26.91 2.27 37.45
C VAL A 620 -27.02 1.01 38.30
N LYS A 621 -28.18 0.79 38.94
CA LYS A 621 -28.38 -0.42 39.71
C LYS A 621 -28.35 -1.65 38.82
N LYS A 622 -28.98 -1.57 37.64
CA LYS A 622 -28.94 -2.68 36.69
C LYS A 622 -27.51 -2.93 36.22
N GLN A 623 -26.76 -1.86 35.94
CA GLN A 623 -25.38 -2.02 35.51
C GLN A 623 -24.54 -2.70 36.57
N ILE A 624 -24.70 -2.29 37.83
CA ILE A 624 -23.95 -2.90 38.92
C ILE A 624 -24.32 -4.37 39.06
N ALA A 625 -25.61 -4.68 38.93
CA ALA A 625 -26.03 -6.08 39.02
C ALA A 625 -25.41 -6.92 37.92
N PHE A 626 -25.40 -6.40 36.68
CA PHE A 626 -24.81 -7.14 35.58
C PHE A 626 -23.32 -7.38 35.79
N MET A 627 -22.59 -6.34 36.20
CA MET A 627 -21.16 -6.50 36.43
C MET A 627 -20.88 -7.47 37.56
N LYS A 628 -21.65 -7.38 38.65
CA LYS A 628 -21.46 -8.30 39.76
C LYS A 628 -21.78 -9.72 39.35
N GLU A 629 -22.66 -9.89 38.36
CA GLU A 629 -22.97 -11.23 37.88
C GLU A 629 -21.82 -11.81 37.05
N TYR A 630 -21.26 -11.02 36.15
CA TYR A 630 -20.33 -11.57 35.16
C TYR A 630 -18.85 -11.33 35.47
N ARG A 631 -18.51 -10.64 36.56
CA ARG A 631 -17.10 -10.36 36.81
C ARG A 631 -16.31 -11.61 37.15
N GLU A 632 -16.96 -12.66 37.64
CA GLU A 632 -16.23 -13.90 37.86
C GLU A 632 -15.71 -14.48 36.56
N LEU A 633 -16.54 -14.46 35.51
CA LEU A 633 -16.09 -14.98 34.23
C LEU A 633 -15.09 -14.04 33.57
N ILE A 634 -15.38 -12.74 33.57
CA ILE A 634 -14.59 -11.82 32.76
C ILE A 634 -13.16 -11.75 33.27
N GLN A 635 -12.96 -11.76 34.59
CA GLN A 635 -11.65 -11.46 35.16
C GLN A 635 -10.78 -12.70 35.35
N VAL A 636 -11.23 -13.66 36.17
CA VAL A 636 -10.32 -14.65 36.71
C VAL A 636 -10.17 -15.90 35.84
N ASP A 637 -11.21 -16.30 35.11
CA ASP A 637 -11.13 -17.49 34.26
C ASP A 637 -11.83 -17.22 32.93
N GLY A 638 -11.06 -16.82 31.94
CA GLY A 638 -11.62 -16.57 30.63
C GLY A 638 -10.53 -16.28 29.63
N ASP A 639 -10.85 -16.52 28.37
CA ASP A 639 -9.92 -16.32 27.27
C ASP A 639 -10.38 -15.14 26.44
N PHE A 640 -9.50 -14.16 26.25
CA PHE A 640 -9.82 -13.01 25.43
C PHE A 640 -9.59 -13.34 23.96
N TYR A 641 -10.51 -12.89 23.12
CA TYR A 641 -10.44 -13.09 21.68
C TYR A 641 -10.68 -11.76 20.99
N ARG A 642 -9.87 -11.44 20.00
CA ARG A 642 -10.04 -10.23 19.21
C ARG A 642 -10.60 -10.59 17.85
N LEU A 643 -11.64 -9.86 17.43
CA LEU A 643 -12.37 -10.19 16.21
C LEU A 643 -12.16 -9.17 15.11
N LEU A 644 -12.41 -7.89 15.38
CA LEU A 644 -12.26 -6.83 14.41
C LEU A 644 -11.36 -5.75 14.99
N SER A 645 -10.64 -5.05 14.11
CA SER A 645 -9.67 -4.11 14.67
C SER A 645 -10.02 -2.68 14.29
N PRO A 646 -9.84 -1.73 15.21
CA PRO A 646 -10.14 -0.33 14.91
C PRO A 646 -9.10 0.35 14.04
N PHE A 647 -7.90 -0.23 13.92
CA PHE A 647 -6.85 0.39 13.13
C PHE A 647 -7.00 0.14 11.64
N GLU A 648 -7.98 -0.67 11.24
CA GLU A 648 -8.27 -0.90 9.83
C GLU A 648 -9.63 -0.36 9.41
N GLY A 649 -10.70 -0.77 10.08
CA GLY A 649 -12.04 -0.31 9.78
C GLY A 649 -12.51 0.77 10.73
N ASN A 650 -13.83 0.81 10.94
CA ASN A 650 -14.42 1.72 11.91
C ASN A 650 -15.28 0.96 12.92
N GLU A 651 -14.98 -0.32 13.14
CA GLU A 651 -15.67 -1.13 14.12
C GLU A 651 -14.65 -1.84 14.99
N THR A 652 -15.12 -2.33 16.13
CA THR A 652 -14.29 -3.05 17.08
C THR A 652 -15.13 -4.16 17.69
N ALA A 653 -14.51 -5.30 17.96
CA ALA A 653 -15.26 -6.41 18.51
C ALA A 653 -14.33 -7.35 19.26
N TRP A 654 -14.82 -7.91 20.36
CA TRP A 654 -14.09 -8.92 21.10
C TRP A 654 -15.09 -9.76 21.90
N MET A 655 -14.59 -10.81 22.54
CA MET A 655 -15.43 -11.69 23.34
C MET A 655 -14.55 -12.46 24.31
N VAL A 656 -15.18 -13.05 25.32
CA VAL A 656 -14.51 -13.86 26.32
C VAL A 656 -15.19 -15.21 26.41
N VAL A 657 -14.40 -16.28 26.48
CA VAL A 657 -14.92 -17.64 26.53
C VAL A 657 -14.39 -18.32 27.79
N ALA A 658 -15.26 -19.05 28.47
CA ALA A 658 -14.83 -19.79 29.65
C ALA A 658 -13.88 -20.92 29.27
N GLN A 659 -13.18 -21.45 30.27
CA GLN A 659 -12.15 -22.46 30.01
C GLN A 659 -12.75 -23.67 29.32
N ASP A 660 -13.86 -24.17 29.83
CA ASP A 660 -14.69 -25.11 29.10
C ASP A 660 -15.73 -24.32 28.32
N LYS A 661 -16.00 -24.75 27.09
CA LYS A 661 -16.86 -23.98 26.20
C LYS A 661 -18.29 -24.12 26.71
N SER A 662 -18.64 -23.28 27.67
CA SER A 662 -19.93 -23.38 28.34
C SER A 662 -20.72 -22.08 28.30
N ARG A 663 -20.03 -20.95 28.30
CA ARG A 663 -20.71 -19.66 28.24
C ARG A 663 -19.71 -18.59 27.79
N ALA A 664 -20.26 -17.49 27.26
CA ALA A 664 -19.43 -16.46 26.68
C ALA A 664 -20.19 -15.14 26.64
N VAL A 665 -19.45 -14.05 26.44
CA VAL A 665 -19.99 -12.71 26.32
C VAL A 665 -19.31 -12.02 25.14
N ALA A 666 -20.09 -11.34 24.31
CA ALA A 666 -19.57 -10.68 23.11
C ALA A 666 -20.17 -9.28 22.99
N ALA A 667 -19.47 -8.42 22.25
CA ALA A 667 -19.93 -7.05 22.04
C ALA A 667 -19.26 -6.49 20.80
N PHE A 668 -19.85 -5.45 20.22
CA PHE A 668 -19.08 -4.66 19.26
C PHE A 668 -19.60 -3.23 19.22
N TYR A 669 -18.76 -2.35 18.68
CA TYR A 669 -18.97 -0.91 18.70
C TYR A 669 -18.75 -0.35 17.30
N GLN A 670 -19.32 0.82 17.05
CA GLN A 670 -19.02 1.57 15.84
C GLN A 670 -18.73 3.01 16.19
N ARG A 671 -17.91 3.65 15.36
CA ARG A 671 -17.43 5.00 15.63
C ARG A 671 -18.07 6.07 14.77
N MET A 672 -18.36 5.77 13.51
CA MET A 672 -18.97 6.73 12.59
C MET A 672 -20.35 6.22 12.22
N ASN A 673 -21.37 7.05 12.41
CA ASN A 673 -22.70 6.68 11.98
C ASN A 673 -22.76 6.61 10.46
N LYS A 674 -23.46 5.60 9.96
CA LYS A 674 -23.56 5.36 8.52
C LYS A 674 -25.03 5.36 8.11
N VAL A 675 -25.28 5.73 6.87
CA VAL A 675 -26.61 5.74 6.30
C VAL A 675 -26.57 5.00 4.97
N ASN A 676 -27.61 4.21 4.71
CA ASN A 676 -27.73 3.45 3.47
C ASN A 676 -26.52 2.56 3.24
N ALA A 677 -26.04 1.93 4.31
CA ALA A 677 -24.84 1.11 4.25
C ALA A 677 -25.20 -0.32 3.89
N SER A 678 -24.25 -1.23 4.01
CA SER A 678 -24.39 -2.61 3.60
C SER A 678 -24.78 -3.51 4.77
N TRP A 679 -25.09 -4.77 4.46
CA TRP A 679 -25.36 -5.76 5.49
C TRP A 679 -24.08 -6.12 6.22
N ILE A 680 -24.23 -6.60 7.46
CA ILE A 680 -23.11 -7.05 8.26
C ILE A 680 -23.47 -8.36 8.94
N ARG A 681 -22.53 -9.31 8.94
CA ARG A 681 -22.68 -10.60 9.59
C ARG A 681 -21.57 -10.71 10.62
N PHE A 682 -21.86 -10.32 11.85
CA PHE A 682 -20.90 -10.34 12.95
C PHE A 682 -20.61 -11.79 13.32
N LYS A 683 -19.46 -12.30 12.90
CA LYS A 683 -19.10 -13.69 13.12
C LYS A 683 -18.00 -13.80 14.16
N LEU A 684 -18.20 -14.69 15.12
CA LEU A 684 -17.32 -14.89 16.26
C LEU A 684 -16.59 -16.22 16.14
N GLN A 685 -15.62 -16.43 17.03
CA GLN A 685 -14.76 -17.60 16.94
C GLN A 685 -14.34 -18.03 18.34
N GLY A 686 -13.40 -18.97 18.39
CA GLY A 686 -12.91 -19.48 19.66
C GLY A 686 -13.95 -20.27 20.44
N LEU A 687 -14.72 -21.10 19.77
CA LEU A 687 -15.89 -21.72 20.38
C LEU A 687 -16.05 -23.13 19.83
N ASP A 688 -16.68 -23.99 20.62
CA ASP A 688 -16.79 -25.41 20.30
C ASP A 688 -18.04 -25.67 19.47
N ALA A 689 -17.88 -26.40 18.37
CA ALA A 689 -19.02 -26.72 17.52
C ALA A 689 -19.78 -27.93 18.06
N GLY A 690 -20.13 -27.88 19.34
CA GLY A 690 -20.74 -29.01 20.01
C GLY A 690 -22.25 -29.00 20.08
N THR A 691 -22.82 -27.91 20.60
CA THR A 691 -24.21 -27.94 21.02
C THR A 691 -24.86 -26.59 20.73
N LEU A 692 -26.09 -26.42 21.24
CA LEU A 692 -26.95 -25.30 20.90
C LEU A 692 -27.00 -24.30 22.04
N TYR A 693 -26.83 -23.02 21.72
CA TYR A 693 -26.99 -21.96 22.72
C TYR A 693 -26.96 -20.57 22.10
N GLU A 694 -27.86 -19.68 22.55
CA GLU A 694 -27.82 -18.30 22.12
C GLU A 694 -28.82 -17.48 22.91
N VAL A 695 -28.44 -16.23 23.24
CA VAL A 695 -29.32 -15.24 23.85
C VAL A 695 -28.88 -13.88 23.33
N SER A 696 -29.85 -13.06 22.91
CA SER A 696 -29.54 -11.75 22.35
C SER A 696 -30.32 -10.67 23.09
N CYS A 697 -29.74 -9.47 23.14
CA CYS A 697 -30.39 -8.34 23.79
C CYS A 697 -29.76 -7.02 23.36
N LYS A 723 -36.12 -12.20 20.76
CA LYS A 723 -35.21 -12.19 21.88
C LYS A 723 -34.06 -13.17 21.68
N THR A 724 -34.36 -14.47 21.76
CA THR A 724 -33.34 -15.50 21.70
C THR A 724 -33.70 -16.53 20.63
N TYR A 725 -32.69 -17.23 20.16
CA TYR A 725 -32.87 -18.39 19.30
C TYR A 725 -31.79 -19.40 19.64
N ARG A 726 -31.64 -20.41 18.78
CA ARG A 726 -30.68 -21.47 19.04
C ARG A 726 -29.85 -21.74 17.80
N ALA A 727 -28.60 -22.12 18.00
CA ALA A 727 -27.70 -22.36 16.89
C ALA A 727 -26.55 -23.24 17.34
N TYR A 728 -26.04 -24.04 16.41
CA TYR A 728 -24.85 -24.84 16.68
C TYR A 728 -23.61 -23.95 16.68
N GLY A 729 -22.53 -24.50 17.24
CA GLY A 729 -21.31 -23.72 17.33
C GLY A 729 -20.69 -23.42 15.98
N ASP A 730 -20.63 -24.42 15.11
CA ASP A 730 -19.96 -24.25 13.82
C ASP A 730 -20.70 -23.24 12.96
N GLU A 731 -22.02 -23.34 12.91
CA GLU A 731 -22.80 -22.37 12.15
C GLU A 731 -22.61 -20.97 12.72
N LEU A 732 -22.61 -20.86 14.05
CA LEU A 732 -22.46 -19.56 14.68
C LEU A 732 -21.10 -18.95 14.40
N MET A 733 -20.06 -19.78 14.25
CA MET A 733 -18.74 -19.27 13.91
C MET A 733 -18.62 -18.93 12.44
N GLN A 734 -19.34 -19.64 11.56
CA GLN A 734 -19.07 -19.48 10.13
C GLN A 734 -20.01 -18.51 9.43
N VAL A 735 -21.29 -18.46 9.81
CA VAL A 735 -22.20 -17.50 9.20
C VAL A 735 -22.43 -16.28 10.08
N GLY A 736 -22.16 -16.38 11.38
CA GLY A 736 -22.24 -15.23 12.25
C GLY A 736 -23.65 -14.88 12.66
N ILE A 737 -23.75 -13.78 13.39
CA ILE A 737 -25.03 -13.28 13.92
C ILE A 737 -25.48 -12.13 13.03
N PRO A 738 -26.65 -12.19 12.42
CA PRO A 738 -27.14 -11.04 11.65
C PRO A 738 -27.34 -9.83 12.55
N ILE A 739 -26.99 -8.66 12.00
CA ILE A 739 -27.16 -7.38 12.70
C ILE A 739 -27.98 -6.46 11.81
N ASP A 740 -29.08 -5.94 12.36
CA ASP A 740 -29.92 -4.99 11.64
C ASP A 740 -29.39 -3.58 11.90
N ARG A 741 -28.93 -2.92 10.85
CA ARG A 741 -28.28 -1.62 11.01
C ARG A 741 -29.24 -0.56 11.54
N GLU A 742 -30.55 -0.77 11.39
CA GLU A 742 -31.51 0.17 11.97
C GLU A 742 -31.47 0.14 13.49
N ASP A 743 -31.17 -1.03 14.07
CA ASP A 743 -31.15 -1.15 15.53
C ASP A 743 -30.08 -0.26 16.15
N LEU A 744 -28.91 -0.18 15.52
CA LEU A 744 -27.87 0.70 16.03
C LEU A 744 -28.29 2.16 15.99
N ASN A 745 -29.10 2.53 15.01
CA ASN A 745 -29.47 3.94 14.84
C ASN A 745 -30.26 4.46 16.04
N LYS A 746 -31.20 3.66 16.54
CA LYS A 746 -32.01 4.11 17.66
C LYS A 746 -31.25 4.03 18.99
N LYS A 747 -30.14 3.30 19.04
CA LYS A 747 -29.35 3.19 20.25
C LYS A 747 -28.30 4.31 20.29
N GLY A 748 -28.79 5.54 20.19
CA GLY A 748 -27.92 6.70 20.21
C GLY A 748 -27.30 6.99 18.86
N GLY A 749 -26.39 7.95 18.86
CA GLY A 749 -25.75 8.39 17.63
C GLY A 749 -24.24 8.35 17.66
N ASP A 750 -23.66 7.76 16.62
CA ASP A 750 -22.22 7.78 16.34
C ASP A 750 -21.42 6.94 17.33
N PHE A 751 -22.07 6.45 18.39
CA PHE A 751 -21.41 5.56 19.34
C PHE A 751 -22.46 4.54 19.76
N ALA A 752 -22.52 3.42 19.06
CA ALA A 752 -23.52 2.41 19.30
C ALA A 752 -22.84 1.13 19.78
N SER A 753 -23.47 0.45 20.73
CA SER A 753 -22.92 -0.76 21.30
C SER A 753 -24.00 -1.81 21.41
N LEU A 754 -23.59 -3.08 21.42
CA LEU A 754 -24.50 -4.18 21.62
C LEU A 754 -23.82 -5.22 22.50
N LEU A 755 -24.64 -5.98 23.24
CA LEU A 755 -24.14 -7.02 24.12
C LEU A 755 -24.85 -8.32 23.83
N TYR A 756 -24.09 -9.42 23.85
CA TYR A 756 -24.63 -10.74 23.60
C TYR A 756 -24.15 -11.69 24.68
N THR A 757 -24.95 -12.70 24.96
CA THR A 757 -24.62 -13.69 25.97
C THR A 757 -24.97 -15.08 25.46
N LEU A 758 -24.13 -16.05 25.77
CA LEU A 758 -24.31 -17.42 25.31
C LEU A 758 -24.64 -18.30 26.51
N LYS A 759 -24.90 -19.57 26.25
CA LYS A 759 -25.30 -20.51 27.28
C LYS A 759 -24.78 -21.88 26.90
N LYS A 760 -25.30 -22.94 27.52
CA LYS A 760 -24.89 -24.30 27.20
C LYS A 760 -25.90 -25.02 26.31
N VAL A 761 -27.14 -25.15 26.77
CA VAL A 761 -28.17 -25.79 25.97
C VAL A 761 -29.45 -24.98 26.04
N ALA B 2 -5.72 26.79 -37.30
CA ALA B 2 -5.11 25.90 -36.33
C ALA B 2 -5.15 24.46 -36.83
N VAL B 3 -5.71 24.27 -38.01
CA VAL B 3 -5.81 22.94 -38.63
C VAL B 3 -5.20 23.04 -40.02
N ILE B 4 -4.22 22.18 -40.29
CA ILE B 4 -3.52 22.16 -41.57
C ILE B 4 -3.46 20.73 -42.07
N PHE B 5 -3.46 20.56 -43.39
CA PHE B 5 -3.44 19.25 -44.02
C PHE B 5 -2.21 19.15 -44.89
N HIS B 6 -1.21 18.38 -44.46
CA HIS B 6 -0.02 18.11 -45.27
C HIS B 6 -0.37 17.10 -46.34
N GLU B 7 -0.53 17.58 -47.58
CA GLU B 7 -1.02 16.72 -48.65
C GLU B 7 -0.03 15.62 -49.01
N LYS B 8 1.27 15.90 -48.93
CA LYS B 8 2.25 14.91 -49.37
C LYS B 8 2.18 13.64 -48.54
N THR B 9 2.07 13.77 -47.23
CA THR B 9 2.01 12.62 -46.34
C THR B 9 0.58 12.18 -46.04
N LYS B 10 -0.42 12.99 -46.41
CA LYS B 10 -1.82 12.73 -46.10
C LYS B 10 -2.03 12.62 -44.58
N GLU B 11 -1.80 13.73 -43.90
CA GLU B 11 -1.92 13.79 -42.45
C GLU B 11 -2.46 15.16 -42.05
N PHE B 12 -3.06 15.20 -40.87
CA PHE B 12 -3.61 16.43 -40.31
C PHE B 12 -2.80 16.89 -39.11
N HIS B 13 -3.18 18.05 -38.58
CA HIS B 13 -2.54 18.61 -37.40
C HIS B 13 -3.49 19.61 -36.77
N ILE B 14 -3.82 19.40 -35.50
CA ILE B 14 -4.72 20.28 -34.77
C ILE B 14 -3.86 21.08 -33.79
N PHE B 15 -3.55 22.33 -34.16
CA PHE B 15 -2.75 23.17 -33.29
C PHE B 15 -3.55 23.65 -32.09
N ASN B 16 -2.83 24.27 -31.17
CA ASN B 16 -3.37 25.11 -30.10
C ASN B 16 -2.17 25.80 -29.47
N ARG B 17 -2.41 26.48 -28.36
CA ARG B 17 -1.27 27.01 -27.62
C ARG B 17 -0.55 25.92 -26.83
N GLU B 18 -1.27 24.89 -26.35
CA GLU B 18 -0.62 23.84 -25.58
C GLU B 18 -1.17 22.44 -25.83
N VAL B 19 -1.81 22.19 -26.98
CA VAL B 19 -2.36 20.87 -27.28
C VAL B 19 -2.10 20.55 -28.74
N SER B 20 -1.73 19.28 -29.00
CA SER B 20 -1.49 18.82 -30.36
C SER B 20 -2.22 17.50 -30.59
N TYR B 21 -2.65 17.28 -31.83
CA TYR B 21 -3.35 16.06 -32.20
C TYR B 21 -2.95 15.69 -33.63
N LEU B 22 -2.30 14.55 -33.79
CA LEU B 22 -1.83 14.08 -35.09
C LEU B 22 -2.69 12.93 -35.58
N MET B 23 -3.02 12.98 -36.88
CA MET B 23 -3.82 11.96 -37.52
C MET B 23 -3.20 11.62 -38.87
N ARG B 24 -3.50 10.42 -39.36
CA ARG B 24 -2.95 9.98 -40.62
C ARG B 24 -3.95 9.04 -41.30
N ILE B 25 -3.89 9.00 -42.62
CA ILE B 25 -4.76 8.14 -43.42
C ILE B 25 -3.96 6.96 -43.90
N MET B 26 -4.30 5.76 -43.41
CA MET B 26 -3.53 4.57 -43.74
C MET B 26 -3.79 4.17 -45.19
N GLU B 27 -3.03 3.17 -45.64
CA GLU B 27 -3.16 2.70 -47.01
C GLU B 27 -4.53 2.08 -47.26
N ASN B 28 -5.04 1.33 -46.27
CA ASN B 28 -6.34 0.71 -46.42
C ASN B 28 -7.47 1.72 -46.54
N GLY B 29 -7.24 2.95 -46.09
CA GLY B 29 -8.25 4.00 -46.16
C GLY B 29 -8.82 4.42 -44.83
N GLN B 30 -8.39 3.81 -43.73
CA GLN B 30 -8.88 4.17 -42.41
C GLN B 30 -8.03 5.29 -41.82
N LEU B 31 -8.35 5.66 -40.58
CA LEU B 31 -7.70 6.77 -39.89
C LEU B 31 -6.93 6.23 -38.69
N GLU B 32 -5.71 6.72 -38.51
CA GLU B 32 -4.82 6.25 -37.46
C GLU B 32 -4.25 7.43 -36.69
N ASN B 33 -4.17 7.29 -35.37
CA ASN B 33 -3.59 8.33 -34.52
C ASN B 33 -2.08 8.16 -34.42
N LEU B 34 -1.41 9.29 -34.19
CA LEU B 34 0.04 9.32 -34.05
C LEU B 34 0.48 9.83 -32.69
N TYR B 35 -0.09 10.93 -32.22
CA TYR B 35 0.35 11.55 -30.98
C TYR B 35 -0.76 12.45 -30.46
N TYR B 36 -0.79 12.64 -29.14
CA TYR B 36 -1.80 13.49 -28.52
C TYR B 36 -1.28 13.90 -27.14
N GLY B 37 -0.99 15.19 -26.97
CA GLY B 37 -0.46 15.66 -25.71
C GLY B 37 0.07 17.07 -25.78
N LYS B 38 1.28 17.30 -25.29
CA LYS B 38 1.88 18.62 -25.28
C LYS B 38 2.08 19.11 -26.70
N VAL B 39 2.15 20.44 -26.86
CA VAL B 39 2.27 21.04 -28.18
C VAL B 39 3.57 20.62 -28.84
N ILE B 40 3.57 20.59 -30.18
CA ILE B 40 4.70 20.20 -30.99
C ILE B 40 4.91 21.24 -32.08
N ARG B 41 6.16 21.63 -32.30
CA ARG B 41 6.46 22.51 -33.42
C ARG B 41 6.17 21.82 -34.73
N ASP B 42 5.73 22.60 -35.71
CA ASP B 42 5.26 22.05 -36.97
C ASP B 42 6.41 21.50 -37.80
N LYS B 43 6.22 20.30 -38.35
CA LYS B 43 7.20 19.66 -39.22
C LYS B 43 6.48 19.14 -40.46
N GLU B 44 7.22 19.04 -41.56
CA GLU B 44 6.62 18.69 -42.84
C GLU B 44 6.44 17.20 -43.04
N ASP B 45 7.09 16.35 -42.23
CA ASP B 45 7.01 14.91 -42.46
C ASP B 45 7.27 14.18 -41.16
N PHE B 46 6.26 13.51 -40.63
CA PHE B 46 6.37 12.66 -39.46
C PHE B 46 6.34 11.19 -39.85
N GLY B 47 6.96 10.86 -40.99
CA GLY B 47 6.90 9.51 -41.50
C GLY B 47 7.56 8.49 -40.61
N TYR B 48 8.67 8.87 -39.96
CA TYR B 48 9.47 7.91 -39.21
C TYR B 48 8.74 7.34 -38.01
N LEU B 49 7.62 7.92 -37.59
CA LEU B 49 6.87 7.36 -36.48
C LEU B 49 6.16 6.07 -36.88
N SER B 69 -1.96 -5.02 -40.97
CA SER B 69 -1.67 -5.69 -39.70
C SER B 69 -2.44 -5.05 -38.55
N MET B 70 -3.73 -5.35 -38.46
CA MET B 70 -4.54 -4.80 -37.38
C MET B 70 -4.12 -5.42 -36.04
N GLN B 71 -4.79 -4.98 -34.97
CA GLN B 71 -4.57 -5.47 -33.61
C GLN B 71 -3.25 -4.95 -33.07
N TYR B 72 -2.47 -4.27 -33.92
CA TYR B 72 -1.18 -3.74 -33.52
C TYR B 72 -1.01 -2.28 -33.92
N THR B 73 -2.12 -1.59 -34.20
CA THR B 73 -2.10 -0.20 -34.59
C THR B 73 -3.21 0.55 -33.86
N ARG B 74 -3.06 1.86 -33.80
CA ARG B 74 -3.98 2.71 -33.05
C ARG B 74 -5.01 3.31 -34.01
N GLN B 75 -6.25 2.89 -33.88
CA GLN B 75 -7.31 3.31 -34.79
C GLN B 75 -8.18 4.40 -34.16
N GLU B 76 -8.91 5.11 -35.02
CA GLU B 76 -9.81 6.15 -34.59
C GLU B 76 -11.24 5.67 -34.38
N TYR B 77 -11.64 4.58 -35.02
CA TYR B 77 -13.03 4.15 -34.86
C TYR B 77 -13.11 2.68 -35.26
N PRO B 78 -12.69 1.76 -34.39
CA PRO B 78 -12.56 0.36 -34.80
C PRO B 78 -13.90 -0.31 -35.07
N VAL B 79 -13.86 -1.35 -35.88
CA VAL B 79 -15.04 -2.10 -36.30
C VAL B 79 -14.73 -3.59 -36.20
N TYR B 80 -15.67 -4.36 -35.68
CA TYR B 80 -15.49 -5.80 -35.59
C TYR B 80 -15.67 -6.46 -36.96
N GLY B 81 -15.07 -7.62 -37.12
CA GLY B 81 -15.22 -8.40 -38.33
C GLY B 81 -14.00 -8.39 -39.22
N THR B 82 -12.82 -8.29 -38.62
CA THR B 82 -11.56 -8.28 -39.36
C THR B 82 -10.50 -8.88 -38.43
N GLY B 83 -9.23 -8.69 -38.76
CA GLY B 83 -8.16 -9.20 -37.92
C GLY B 83 -8.17 -8.66 -36.51
N ASP B 84 -8.75 -7.49 -36.29
CA ASP B 84 -8.85 -6.95 -34.94
C ASP B 84 -9.75 -7.82 -34.08
N TYR B 85 -9.27 -8.19 -32.90
CA TYR B 85 -9.97 -9.13 -32.04
C TYR B 85 -10.34 -8.54 -30.69
N ARG B 86 -10.26 -7.23 -30.53
CA ARG B 86 -10.63 -6.58 -29.29
C ARG B 86 -12.08 -6.11 -29.36
N SER B 87 -12.55 -5.46 -28.30
CA SER B 87 -13.93 -5.00 -28.27
C SER B 87 -14.15 -3.93 -29.34
N PRO B 88 -15.26 -4.01 -30.07
CA PRO B 88 -15.48 -3.05 -31.18
C PRO B 88 -16.10 -1.76 -30.71
N ALA B 89 -16.34 -0.84 -31.66
CA ALA B 89 -17.02 0.40 -31.37
C ALA B 89 -18.23 0.64 -32.26
N LEU B 90 -18.53 -0.28 -33.18
CA LEU B 90 -19.64 -0.12 -34.10
C LEU B 90 -20.09 -1.50 -34.56
N THR B 91 -21.39 -1.67 -34.75
CA THR B 91 -21.95 -2.97 -35.13
C THR B 91 -23.25 -2.75 -35.87
N VAL B 92 -23.31 -3.18 -37.14
CA VAL B 92 -24.51 -3.06 -37.95
C VAL B 92 -24.99 -4.45 -38.30
N LEU B 93 -26.28 -4.54 -38.63
CA LEU B 93 -26.93 -5.82 -38.92
C LEU B 93 -27.76 -5.65 -40.19
N GLN B 94 -27.33 -6.26 -41.28
CA GLN B 94 -28.01 -6.10 -42.55
C GLN B 94 -29.22 -7.04 -42.63
N GLU B 95 -29.91 -6.99 -43.78
CA GLU B 95 -31.08 -7.83 -43.98
C GLU B 95 -30.71 -9.30 -44.06
N ASN B 96 -29.56 -9.63 -44.67
CA ASN B 96 -29.16 -11.02 -44.82
C ASN B 96 -28.55 -11.60 -43.56
N GLY B 97 -28.54 -10.85 -42.46
CA GLY B 97 -28.00 -11.37 -41.22
C GLY B 97 -26.49 -11.43 -41.20
N SER B 98 -25.84 -10.28 -41.25
CA SER B 98 -24.39 -10.22 -41.13
C SER B 98 -24.01 -9.02 -40.28
N ARG B 99 -22.84 -9.11 -39.66
CA ARG B 99 -22.30 -8.04 -38.84
C ARG B 99 -20.98 -7.53 -39.40
N LEU B 100 -20.78 -7.65 -40.70
CA LEU B 100 -19.53 -7.32 -41.35
C LEU B 100 -19.69 -6.01 -42.11
N VAL B 101 -18.77 -5.08 -41.88
CA VAL B 101 -18.84 -3.77 -42.52
C VAL B 101 -17.46 -3.14 -42.46
N ASP B 102 -17.11 -2.41 -43.51
CA ASP B 102 -15.89 -1.62 -43.53
C ASP B 102 -16.05 -0.49 -44.54
N PHE B 103 -15.26 0.56 -44.36
CA PHE B 103 -15.42 1.75 -45.19
C PHE B 103 -14.27 2.72 -44.94
N SER B 104 -13.95 3.51 -45.98
CA SER B 104 -12.70 4.24 -46.07
C SER B 104 -12.96 5.69 -46.44
N TYR B 105 -11.86 6.44 -46.57
CA TYR B 105 -11.92 7.89 -46.75
C TYR B 105 -12.26 8.26 -48.19
N VAL B 106 -13.14 9.24 -48.36
CA VAL B 106 -13.49 9.72 -49.69
C VAL B 106 -13.34 11.23 -49.82
N SER B 107 -13.47 11.97 -48.72
CA SER B 107 -13.48 13.42 -48.78
C SER B 107 -13.40 14.00 -47.38
N HIS B 108 -13.08 15.29 -47.32
CA HIS B 108 -12.96 16.02 -46.06
C HIS B 108 -13.10 17.50 -46.36
N GLU B 109 -13.29 18.29 -45.30
CA GLU B 109 -13.34 19.74 -45.45
C GLU B 109 -13.04 20.40 -44.11
N ILE B 110 -12.41 21.56 -44.17
CA ILE B 110 -12.02 22.32 -42.99
C ILE B 110 -12.93 23.55 -42.90
N TYR B 111 -13.52 23.76 -41.74
CA TYR B 111 -14.55 24.76 -41.53
C TYR B 111 -14.10 25.65 -40.39
N LYS B 112 -14.86 26.69 -40.08
CA LYS B 112 -14.51 27.60 -38.98
C LYS B 112 -15.75 27.88 -38.13
N GLY B 113 -15.64 27.61 -36.84
CA GLY B 113 -16.72 27.85 -35.90
C GLY B 113 -17.58 26.61 -35.70
N LYS B 114 -18.08 26.47 -34.47
CA LYS B 114 -18.99 25.38 -34.16
C LYS B 114 -20.31 25.56 -34.92
N LYS B 115 -20.85 24.45 -35.40
CA LYS B 115 -22.15 24.47 -36.07
C LYS B 115 -23.29 24.06 -35.16
N GLY B 116 -23.08 23.04 -34.33
CA GLY B 116 -24.09 22.59 -33.41
C GLY B 116 -24.98 21.50 -33.96
N ILE B 117 -25.14 20.43 -33.20
CA ILE B 117 -26.04 19.33 -33.57
C ILE B 117 -27.44 19.67 -33.09
N PRO B 118 -28.44 19.61 -33.98
CA PRO B 118 -29.76 20.18 -33.66
C PRO B 118 -30.46 19.47 -32.52
N PRO B 119 -30.69 18.13 -32.59
CA PRO B 119 -31.60 17.51 -31.62
C PRO B 119 -31.03 17.40 -30.22
N LEU B 120 -29.70 17.50 -30.10
CA LEU B 120 -29.06 17.31 -28.81
C LEU B 120 -28.39 18.60 -28.34
N PRO B 121 -28.27 18.81 -27.04
CA PRO B 121 -27.53 19.97 -26.55
C PRO B 121 -26.03 19.80 -26.77
N SER B 122 -25.34 20.93 -26.85
CA SER B 122 -23.90 20.93 -27.09
C SER B 122 -23.35 22.30 -26.70
N THR B 123 -22.04 22.47 -26.87
CA THR B 123 -21.41 23.75 -26.64
C THR B 123 -21.62 24.66 -27.85
N TYR B 124 -21.09 25.88 -27.78
CA TYR B 124 -21.22 26.83 -28.87
C TYR B 124 -20.06 27.80 -28.83
N ALA B 125 -19.96 28.62 -29.87
CA ALA B 125 -18.95 29.66 -29.94
C ALA B 125 -19.62 30.97 -30.36
N GLU B 126 -19.21 32.06 -29.74
CA GLU B 126 -19.83 33.35 -30.02
C GLU B 126 -19.24 34.01 -31.26
N SER B 127 -17.95 34.29 -31.24
CA SER B 127 -17.30 34.97 -32.36
C SER B 127 -16.96 33.94 -33.43
N GLU B 128 -16.17 34.36 -34.42
CA GLU B 128 -15.78 33.50 -35.54
C GLU B 128 -14.41 32.88 -35.37
N ASP B 129 -13.43 33.64 -34.91
CA ASP B 129 -12.07 33.15 -34.72
C ASP B 129 -11.86 32.53 -33.34
N GLU B 130 -12.95 32.09 -32.69
CA GLU B 130 -12.85 31.48 -31.38
C GLU B 130 -12.63 29.97 -31.43
N ALA B 131 -12.96 29.32 -32.54
CA ALA B 131 -12.85 27.88 -32.64
C ALA B 131 -12.64 27.48 -34.08
N GLU B 132 -12.21 26.23 -34.28
CA GLU B 132 -12.01 25.65 -35.59
C GLU B 132 -12.63 24.26 -35.63
N THR B 133 -13.03 23.84 -36.83
CA THR B 133 -13.72 22.56 -36.98
C THR B 133 -13.20 21.84 -38.20
N LEU B 134 -13.05 20.52 -38.09
CA LEU B 134 -12.67 19.67 -39.20
C LEU B 134 -13.68 18.55 -39.33
N GLU B 135 -14.18 18.32 -40.54
CA GLU B 135 -15.15 17.26 -40.81
C GLU B 135 -14.61 16.38 -41.93
N VAL B 136 -14.53 15.07 -41.66
CA VAL B 136 -14.01 14.11 -42.62
C VAL B 136 -15.09 13.07 -42.88
N THR B 137 -15.29 12.73 -44.16
CA THR B 137 -16.38 11.87 -44.59
C THR B 137 -15.84 10.54 -45.07
N LEU B 138 -16.45 9.45 -44.59
CA LEU B 138 -16.07 8.10 -44.96
C LEU B 138 -17.30 7.38 -45.49
N HIS B 139 -17.11 6.59 -46.56
CA HIS B 139 -18.24 6.00 -47.27
C HIS B 139 -18.07 4.50 -47.41
N ASP B 140 -19.18 3.78 -47.29
CA ASP B 140 -19.24 2.33 -47.44
C ASP B 140 -19.88 1.98 -48.78
N GLN B 141 -19.41 0.90 -49.40
CA GLN B 141 -19.82 0.55 -50.76
C GLN B 141 -20.90 -0.52 -50.81
N VAL B 142 -20.79 -1.57 -50.00
CA VAL B 142 -21.71 -2.69 -50.13
C VAL B 142 -23.11 -2.31 -49.64
N THR B 143 -23.20 -1.56 -48.54
CA THR B 143 -24.49 -1.17 -47.99
C THR B 143 -24.85 0.28 -48.27
N ASP B 144 -23.91 1.07 -48.77
CA ASP B 144 -24.15 2.46 -49.18
C ASP B 144 -24.68 3.30 -48.01
N THR B 145 -23.83 3.44 -46.99
CA THR B 145 -24.08 4.33 -45.87
C THR B 145 -22.89 5.27 -45.72
N ASP B 146 -23.12 6.38 -45.03
CA ASP B 146 -22.09 7.40 -44.84
C ASP B 146 -21.88 7.66 -43.35
N LEU B 147 -20.62 7.91 -43.00
CA LEU B 147 -20.24 8.22 -41.63
C LEU B 147 -19.35 9.46 -41.65
N VAL B 148 -19.66 10.43 -40.80
CA VAL B 148 -18.95 11.71 -40.77
C VAL B 148 -18.41 11.94 -39.37
N LEU B 149 -17.11 12.19 -39.28
CA LEU B 149 -16.43 12.43 -38.01
C LEU B 149 -16.08 13.91 -37.90
N THR B 150 -16.37 14.50 -36.75
CA THR B 150 -16.18 15.92 -36.52
C THR B 150 -15.21 16.15 -35.37
N TYR B 151 -14.22 17.01 -35.59
CA TYR B 151 -13.29 17.42 -34.56
C TYR B 151 -13.37 18.92 -34.36
N THR B 152 -13.15 19.37 -33.13
CA THR B 152 -13.22 20.79 -32.83
C THR B 152 -12.13 21.17 -31.83
N ILE B 153 -11.49 22.31 -32.08
CA ILE B 153 -10.42 22.80 -31.24
C ILE B 153 -10.73 24.23 -30.84
N TYR B 154 -10.55 24.54 -29.56
CA TYR B 154 -10.86 25.86 -29.01
C TYR B 154 -9.58 26.64 -28.82
N GLU B 155 -9.56 27.88 -29.29
CA GLU B 155 -8.45 28.77 -28.99
C GLU B 155 -8.53 29.21 -27.54
N ASP B 156 -7.37 29.37 -26.90
CA ASP B 156 -7.19 29.84 -25.54
C ASP B 156 -7.56 28.80 -24.48
N TYR B 157 -8.02 27.62 -24.88
CA TYR B 157 -8.32 26.56 -23.93
C TYR B 157 -7.71 25.27 -24.45
N PRO B 158 -7.27 24.38 -23.57
CA PRO B 158 -6.77 23.07 -24.01
C PRO B 158 -7.86 22.00 -24.08
N VAL B 159 -8.85 22.22 -24.93
CA VAL B 159 -10.05 21.39 -24.97
C VAL B 159 -10.35 21.00 -26.41
N ILE B 160 -10.72 19.73 -26.61
CA ILE B 160 -11.06 19.18 -27.91
C ILE B 160 -12.35 18.38 -27.77
N THR B 161 -13.24 18.50 -28.75
CA THR B 161 -14.51 17.78 -28.73
C THR B 161 -14.65 16.99 -30.02
N ARG B 162 -15.45 15.93 -29.98
CA ARG B 162 -15.74 15.15 -31.18
C ARG B 162 -17.07 14.43 -31.01
N ASN B 163 -17.62 13.99 -32.14
CA ASN B 163 -18.87 13.24 -32.18
C ASN B 163 -18.92 12.48 -33.49
N ALA B 164 -20.11 11.98 -33.85
CA ALA B 164 -20.28 11.22 -35.09
C ALA B 164 -21.71 11.37 -35.58
N ARG B 165 -21.94 10.99 -36.83
CA ARG B 165 -23.25 11.10 -37.45
C ARG B 165 -23.37 10.07 -38.57
N PHE B 166 -24.54 9.44 -38.65
CA PHE B 166 -24.80 8.39 -39.62
C PHE B 166 -25.85 8.84 -40.61
N GLU B 167 -25.65 8.50 -41.88
CA GLU B 167 -26.60 8.83 -42.94
C GLU B 167 -26.61 7.67 -43.93
N GLN B 168 -27.80 7.30 -44.38
CA GLN B 168 -27.95 6.18 -45.31
C GLN B 168 -28.40 6.69 -46.68
N LYS B 169 -27.66 6.30 -47.70
CA LYS B 169 -27.95 6.71 -49.07
C LYS B 169 -28.63 5.63 -49.90
N GLY B 170 -28.36 4.36 -49.61
CA GLY B 170 -28.93 3.27 -50.36
C GLY B 170 -30.32 2.92 -49.88
N GLU B 171 -30.84 1.82 -50.43
CA GLU B 171 -32.19 1.37 -50.13
C GLU B 171 -32.26 0.34 -49.00
N GLN B 172 -31.14 -0.27 -48.64
CA GLN B 172 -31.15 -1.35 -47.65
C GLN B 172 -31.61 -0.83 -46.29
N LYS B 173 -32.23 -1.73 -45.54
CA LYS B 173 -32.65 -1.44 -44.17
C LYS B 173 -31.60 -2.00 -43.22
N ILE B 174 -30.89 -1.13 -42.52
CA ILE B 174 -29.85 -1.54 -41.60
C ILE B 174 -30.31 -1.24 -40.18
N VAL B 175 -29.73 -1.97 -39.23
CA VAL B 175 -30.05 -1.82 -37.82
C VAL B 175 -28.76 -1.56 -37.05
N LEU B 176 -28.75 -0.52 -36.22
CA LEU B 176 -27.60 -0.16 -35.41
C LEU B 176 -27.76 -0.76 -34.02
N GLU B 177 -26.75 -1.51 -33.59
CA GLU B 177 -26.77 -2.11 -32.26
C GLU B 177 -25.67 -1.60 -31.35
N ARG B 178 -24.71 -0.84 -31.88
CA ARG B 178 -23.59 -0.34 -31.10
C ARG B 178 -23.10 0.93 -31.75
N ALA B 179 -22.96 1.99 -30.97
CA ALA B 179 -22.51 3.28 -31.51
C ALA B 179 -21.87 4.09 -30.39
N MET B 180 -20.57 4.31 -30.49
CA MET B 180 -19.82 5.04 -29.48
C MET B 180 -19.33 6.36 -30.04
N SER B 181 -19.28 7.38 -29.17
CA SER B 181 -18.89 8.70 -29.61
C SER B 181 -17.39 8.79 -29.88
N ALA B 182 -16.57 8.26 -28.97
CA ALA B 182 -15.14 8.52 -29.02
C ALA B 182 -14.37 7.22 -28.82
N SER B 183 -13.09 7.25 -29.18
CA SER B 183 -12.19 6.12 -28.99
C SER B 183 -10.77 6.64 -29.06
N VAL B 184 -10.03 6.53 -27.97
CA VAL B 184 -8.67 7.04 -27.87
C VAL B 184 -7.76 5.92 -27.41
N GLU B 185 -6.56 5.85 -27.99
CA GLU B 185 -5.63 4.77 -27.69
C GLU B 185 -4.27 5.33 -27.28
N PHE B 186 -3.57 4.56 -26.45
CA PHE B 186 -2.23 4.89 -25.99
C PHE B 186 -1.32 3.70 -26.21
N LEU B 187 -0.02 3.91 -26.02
CA LEU B 187 0.97 2.85 -26.18
C LEU B 187 1.51 2.33 -24.86
N ASP B 188 1.12 2.89 -23.73
CA ASP B 188 1.66 2.48 -22.45
C ASP B 188 0.51 2.13 -21.52
N MET B 189 0.74 1.14 -20.67
CA MET B 189 -0.29 0.63 -19.76
C MET B 189 -0.10 1.10 -18.33
N ASP B 190 0.83 2.02 -18.08
CA ASP B 190 1.09 2.52 -16.73
C ASP B 190 0.27 3.77 -16.50
N TYR B 191 -0.93 3.60 -15.94
CA TYR B 191 -1.80 4.71 -15.63
C TYR B 191 -2.57 4.38 -14.36
N GLU B 192 -3.60 5.16 -14.08
CA GLU B 192 -4.33 5.05 -12.82
C GLU B 192 -5.73 5.59 -13.05
N LEU B 193 -6.72 4.70 -13.17
CA LEU B 193 -8.08 5.13 -13.46
C LEU B 193 -8.65 5.92 -12.29
N VAL B 194 -9.56 6.84 -12.61
CA VAL B 194 -10.25 7.65 -11.60
C VAL B 194 -11.72 7.73 -11.97
N GLN B 195 -12.60 7.61 -10.98
CA GLN B 195 -14.03 7.59 -11.24
C GLN B 195 -14.77 8.16 -10.03
N LEU B 196 -16.00 8.60 -10.28
CA LEU B 196 -16.88 9.13 -9.24
C LEU B 196 -18.10 8.24 -9.11
N SER B 197 -18.37 7.76 -7.90
CA SER B 197 -19.45 6.80 -7.70
C SER B 197 -19.91 6.84 -6.26
N GLY B 198 -21.07 6.26 -6.01
CA GLY B 198 -21.63 6.17 -4.68
C GLY B 198 -23.15 6.18 -4.72
N ALA B 199 -23.75 5.57 -3.69
CA ALA B 199 -25.20 5.55 -3.54
C ALA B 199 -25.68 6.88 -2.96
N TRP B 200 -27.00 7.02 -2.85
CA TRP B 200 -27.56 8.32 -2.49
C TRP B 200 -27.28 8.64 -1.03
N SER B 201 -27.16 9.94 -0.74
CA SER B 201 -26.71 10.52 0.52
C SER B 201 -25.21 10.35 0.72
N ARG B 202 -24.55 9.58 -0.15
CA ARG B 202 -23.11 9.49 -0.17
C ARG B 202 -22.60 9.42 -1.59
N GLU B 203 -23.17 10.21 -2.49
CA GLU B 203 -22.85 10.08 -3.89
C GLU B 203 -21.65 10.92 -4.27
N ARG B 204 -21.05 10.56 -5.41
CA ARG B 204 -19.88 11.24 -5.97
C ARG B 204 -18.72 11.22 -4.98
N TYR B 205 -18.27 10.01 -4.66
CA TYR B 205 -17.05 9.77 -3.92
C TYR B 205 -15.94 9.44 -4.91
N VAL B 206 -14.71 9.78 -4.56
CA VAL B 206 -13.58 9.61 -5.46
C VAL B 206 -12.95 8.24 -5.23
N LYS B 207 -12.88 7.44 -6.27
CA LYS B 207 -12.22 6.14 -6.26
C LYS B 207 -11.17 6.11 -7.34
N ASN B 208 -10.09 5.35 -7.09
CA ASN B 208 -9.04 5.20 -8.09
C ASN B 208 -8.47 3.79 -8.01
N ARG B 209 -8.15 3.24 -9.19
CA ARG B 209 -7.72 1.87 -9.29
C ARG B 209 -6.65 1.75 -10.37
N LYS B 210 -5.79 0.76 -10.22
CA LYS B 210 -4.70 0.54 -11.14
C LYS B 210 -5.16 -0.31 -12.33
N LEU B 211 -4.65 0.03 -13.51
CA LEU B 211 -5.02 -0.69 -14.71
C LEU B 211 -4.38 -2.06 -14.73
N GLU B 212 -5.16 -3.08 -15.09
CA GLU B 212 -4.67 -4.44 -15.15
C GLU B 212 -5.20 -5.09 -16.42
N MET B 213 -4.51 -6.15 -16.85
CA MET B 213 -4.80 -6.80 -18.13
C MET B 213 -6.22 -7.36 -18.16
N GLY B 214 -7.08 -6.78 -18.98
CA GLY B 214 -8.45 -7.22 -19.05
C GLY B 214 -9.41 -6.11 -19.45
N ILE B 215 -10.45 -5.90 -18.66
CA ILE B 215 -11.44 -4.85 -18.90
C ILE B 215 -11.82 -4.22 -17.57
N GLN B 216 -11.90 -2.90 -17.53
CA GLN B 216 -12.45 -2.17 -16.40
C GLN B 216 -13.44 -1.16 -16.93
N SER B 217 -14.60 -1.04 -16.30
CA SER B 217 -15.62 -0.15 -16.83
C SER B 217 -16.61 0.22 -15.76
N VAL B 218 -17.39 1.27 -16.05
CA VAL B 218 -18.54 1.69 -15.26
C VAL B 218 -19.68 1.95 -16.23
N HIS B 219 -20.90 1.91 -15.72
CA HIS B 219 -22.07 2.04 -16.58
C HIS B 219 -23.26 2.48 -15.73
N SER B 220 -24.45 2.45 -16.33
CA SER B 220 -25.67 2.85 -15.66
C SER B 220 -26.86 2.35 -16.47
N LEU B 221 -27.90 1.88 -15.77
CA LEU B 221 -29.10 1.35 -16.41
C LEU B 221 -30.36 1.83 -15.72
N ASN B 222 -30.33 3.02 -15.10
CA ASN B 222 -31.49 3.50 -14.37
C ASN B 222 -32.65 3.88 -15.29
N GLY B 223 -32.38 4.16 -16.56
CA GLY B 223 -33.45 4.40 -17.52
C GLY B 223 -34.00 5.80 -17.52
N THR B 224 -34.78 6.16 -16.51
CA THR B 224 -35.41 7.48 -16.48
C THR B 224 -34.39 8.60 -16.38
N CYS B 225 -33.49 8.49 -15.41
CA CYS B 225 -32.47 9.51 -15.18
C CYS B 225 -31.09 8.97 -15.54
N GLY B 226 -30.09 9.84 -15.42
CA GLY B 226 -28.72 9.44 -15.70
C GLY B 226 -28.19 8.49 -14.66
N GLY B 227 -26.87 8.42 -14.53
CA GLY B 227 -26.29 7.56 -13.52
C GLY B 227 -26.63 7.98 -12.11
N ALA B 228 -27.26 7.10 -11.35
CA ALA B 228 -27.48 7.31 -9.93
C ALA B 228 -26.40 6.68 -9.07
N GLU B 229 -25.63 5.75 -9.63
CA GLU B 229 -24.50 5.15 -8.93
C GLU B 229 -23.16 5.50 -9.53
N HIS B 230 -23.13 5.99 -10.76
CA HIS B 230 -21.89 6.43 -11.40
C HIS B 230 -22.16 7.69 -12.19
N ASN B 231 -21.09 8.44 -12.44
CA ASN B 231 -21.14 9.75 -13.08
C ASN B 231 -20.45 9.71 -14.43
N PRO B 232 -21.01 10.32 -15.48
CA PRO B 232 -20.38 10.24 -16.80
C PRO B 232 -19.07 11.00 -16.88
N PHE B 233 -18.08 10.56 -16.10
CA PHE B 233 -16.76 11.17 -16.09
C PHE B 233 -15.74 10.09 -15.84
N ILE B 234 -14.55 10.28 -16.39
CA ILE B 234 -13.48 9.31 -16.23
C ILE B 234 -12.16 10.03 -16.53
N ALA B 235 -11.13 9.71 -15.75
CA ALA B 235 -9.83 10.34 -15.89
C ALA B 235 -8.77 9.26 -16.03
N LEU B 236 -7.54 9.70 -16.29
CA LEU B 236 -6.46 8.76 -16.55
C LEU B 236 -5.16 9.49 -16.22
N LYS B 237 -4.58 9.20 -15.06
CA LYS B 237 -3.46 9.97 -14.56
C LYS B 237 -2.29 9.05 -14.22
N ARG B 238 -1.10 9.62 -14.25
CA ARG B 238 0.10 8.89 -13.89
C ARG B 238 0.11 8.58 -12.40
N PRO B 239 0.77 7.50 -11.99
CA PRO B 239 0.73 7.10 -10.56
C PRO B 239 1.29 8.16 -9.62
N GLN B 240 2.21 8.99 -10.08
CA GLN B 240 2.83 10.00 -9.23
C GLN B 240 2.14 11.36 -9.30
N THR B 241 1.05 11.47 -10.05
CA THR B 241 0.40 12.75 -10.23
C THR B 241 -0.34 13.16 -8.96
N THR B 242 -0.16 14.42 -8.56
CA THR B 242 -0.83 14.96 -7.39
C THR B 242 -1.54 16.25 -7.75
N GLU B 243 -2.00 17.01 -6.75
CA GLU B 243 -2.76 18.22 -7.00
C GLU B 243 -1.95 19.33 -7.65
N ASN B 244 -0.63 19.23 -7.69
CA ASN B 244 0.20 20.35 -8.14
C ASN B 244 1.15 20.03 -9.28
N GLN B 245 1.40 18.77 -9.59
CA GLN B 245 2.22 18.45 -10.75
C GLN B 245 1.86 17.07 -11.26
N GLY B 246 2.17 16.82 -12.52
CA GLY B 246 1.92 15.53 -13.11
C GLY B 246 1.01 15.59 -14.33
N GLU B 247 0.98 14.49 -15.08
CA GLU B 247 0.16 14.39 -16.28
C GLU B 247 -1.24 13.94 -15.92
N VAL B 248 -2.21 14.29 -16.75
CA VAL B 248 -3.59 13.86 -16.53
C VAL B 248 -4.38 14.06 -17.83
N TYR B 249 -5.29 13.13 -18.09
CA TYR B 249 -6.21 13.19 -19.22
C TYR B 249 -7.63 13.12 -18.70
N GLY B 250 -8.53 13.91 -19.28
CA GLY B 250 -9.91 13.90 -18.81
C GLY B 250 -10.93 13.77 -19.91
N PHE B 251 -11.93 12.92 -19.70
CA PHE B 251 -13.00 12.72 -20.67
C PHE B 251 -14.34 12.94 -20.00
N SER B 252 -15.20 13.72 -20.63
CA SER B 252 -16.55 13.98 -20.13
C SER B 252 -17.53 13.81 -21.26
N LEU B 253 -18.74 13.35 -20.94
CA LEU B 253 -19.74 13.04 -21.94
C LEU B 253 -21.03 13.79 -21.61
N VAL B 254 -21.67 14.34 -22.65
CA VAL B 254 -22.81 15.22 -22.49
C VAL B 254 -24.06 14.43 -22.84
N TYR B 255 -24.69 13.85 -21.82
CA TYR B 255 -25.87 13.02 -22.02
C TYR B 255 -26.56 12.82 -20.68
N SER B 256 -27.81 12.38 -20.74
CA SER B 256 -28.61 12.18 -19.53
C SER B 256 -29.18 10.77 -19.41
N GLY B 257 -28.84 9.86 -20.30
CA GLY B 257 -29.41 8.53 -20.25
C GLY B 257 -28.41 7.46 -19.85
N ASN B 258 -28.64 6.23 -20.30
CA ASN B 258 -27.69 5.16 -20.05
C ASN B 258 -26.42 5.40 -20.83
N PHE B 259 -25.29 5.01 -20.24
CA PHE B 259 -23.99 5.24 -20.87
C PHE B 259 -23.06 4.10 -20.50
N LEU B 260 -21.84 4.17 -21.01
CA LEU B 260 -20.84 3.12 -20.80
C LEU B 260 -19.47 3.72 -20.98
N ALA B 261 -18.62 3.60 -19.95
CA ALA B 261 -17.26 4.11 -19.98
C ALA B 261 -16.31 2.93 -19.78
N GLN B 262 -15.65 2.51 -20.86
CA GLN B 262 -14.87 1.29 -20.88
C GLN B 262 -13.42 1.61 -21.16
N ALA B 263 -12.50 0.89 -20.50
CA ALA B 263 -11.07 1.10 -20.67
C ALA B 263 -10.38 -0.26 -20.57
N GLU B 264 -10.16 -0.91 -21.70
CA GLU B 264 -9.52 -2.22 -21.72
C GLU B 264 -8.08 -2.10 -22.19
N VAL B 265 -7.25 -3.04 -21.73
CA VAL B 265 -5.86 -3.12 -22.16
C VAL B 265 -5.62 -4.53 -22.68
N SER B 266 -4.62 -4.66 -23.53
CA SER B 266 -4.31 -5.92 -24.17
C SER B 266 -2.98 -6.44 -23.65
N THR B 267 -2.73 -7.73 -23.93
CA THR B 267 -1.48 -8.35 -23.52
C THR B 267 -0.27 -7.78 -24.23
N PHE B 268 -0.47 -6.99 -25.28
CA PHE B 268 0.62 -6.34 -25.97
C PHE B 268 0.90 -4.95 -25.40
N ASP B 269 0.31 -4.62 -24.25
CA ASP B 269 0.53 -3.36 -23.54
C ASP B 269 0.08 -2.14 -24.37
N MET B 270 -1.19 -2.16 -24.75
CA MET B 270 -1.82 -1.02 -25.39
C MET B 270 -3.16 -0.76 -24.72
N THR B 271 -3.49 0.52 -24.52
CA THR B 271 -4.69 0.92 -23.82
C THR B 271 -5.67 1.54 -24.80
N ARG B 272 -6.96 1.22 -24.64
CA ARG B 272 -8.01 1.81 -25.47
C ARG B 272 -9.16 2.17 -24.57
N VAL B 273 -9.53 3.45 -24.55
CA VAL B 273 -10.61 3.95 -23.71
C VAL B 273 -11.68 4.54 -24.63
N MET B 274 -12.94 4.21 -24.34
CA MET B 274 -14.06 4.65 -25.17
C MET B 274 -15.22 5.09 -24.30
N LEU B 275 -15.98 6.05 -24.83
CA LEU B 275 -17.19 6.56 -24.19
C LEU B 275 -18.33 6.46 -25.19
N GLY B 276 -19.56 6.50 -24.68
CA GLY B 276 -20.70 6.49 -25.58
C GLY B 276 -21.99 6.13 -24.86
N ILE B 277 -22.93 5.64 -25.64
CA ILE B 277 -24.26 5.29 -25.14
C ILE B 277 -24.31 3.78 -24.93
N ASN B 278 -25.04 3.36 -23.91
CA ASN B 278 -25.02 1.96 -23.49
C ASN B 278 -25.71 1.08 -24.52
N PRO B 279 -25.03 0.05 -25.04
CA PRO B 279 -25.65 -0.81 -26.04
C PRO B 279 -26.50 -1.92 -25.45
N GLU B 280 -26.87 -1.79 -24.17
CA GLU B 280 -27.59 -2.88 -23.51
C GLU B 280 -28.95 -3.12 -24.14
N ASP B 281 -29.68 -2.05 -24.45
CA ASP B 281 -30.97 -2.17 -25.10
C ASP B 281 -31.10 -1.23 -26.29
N PHE B 282 -29.98 -0.93 -26.95
CA PHE B 282 -30.00 -0.08 -28.13
C PHE B 282 -30.24 -0.93 -29.36
N SER B 283 -31.33 -0.66 -30.08
CA SER B 283 -31.64 -1.37 -31.32
C SER B 283 -32.16 -0.40 -32.36
N TRP B 284 -31.50 0.74 -32.50
CA TRP B 284 -31.96 1.75 -33.45
C TRP B 284 -31.90 1.21 -34.88
N GLU B 285 -32.88 1.62 -35.69
CA GLU B 285 -33.01 1.13 -37.06
C GLU B 285 -33.15 2.31 -38.01
N LEU B 286 -32.49 2.22 -39.15
CA LEU B 286 -32.44 3.29 -40.14
C LEU B 286 -33.10 2.83 -41.43
N ASN B 287 -33.69 3.80 -42.14
CA ASN B 287 -34.22 3.60 -43.48
C ASN B 287 -33.57 4.61 -44.42
N GLN B 288 -33.95 4.54 -45.70
CA GLN B 288 -33.38 5.45 -46.67
C GLN B 288 -33.83 6.88 -46.38
N GLY B 289 -32.88 7.81 -46.39
CA GLY B 289 -33.16 9.19 -46.10
C GLY B 289 -33.15 9.56 -44.62
N GLU B 290 -32.94 8.59 -43.74
CA GLU B 290 -32.90 8.86 -42.32
C GLU B 290 -31.46 9.12 -41.87
N SER B 291 -31.32 9.63 -40.65
CA SER B 291 -30.01 9.96 -40.12
C SER B 291 -30.02 9.79 -38.60
N PHE B 292 -28.82 9.62 -38.03
CA PHE B 292 -28.67 9.41 -36.60
C PHE B 292 -27.53 10.28 -36.08
N GLN B 293 -27.74 10.80 -34.87
CA GLN B 293 -26.78 11.68 -34.21
C GLN B 293 -26.37 11.06 -32.89
N THR B 294 -25.14 11.34 -32.47
CA THR B 294 -24.65 10.77 -31.22
C THR B 294 -24.10 11.87 -30.33
N PRO B 295 -24.16 11.70 -29.01
CA PRO B 295 -23.65 12.75 -28.11
C PRO B 295 -22.15 12.93 -28.27
N GLU B 296 -21.67 14.10 -27.85
CA GLU B 296 -20.28 14.47 -28.03
C GLU B 296 -19.53 14.37 -26.70
N VAL B 297 -18.21 14.22 -26.80
CA VAL B 297 -17.36 14.15 -25.62
C VAL B 297 -16.46 15.37 -25.60
N VAL B 298 -15.95 15.68 -24.41
CA VAL B 298 -15.05 16.81 -24.21
C VAL B 298 -13.77 16.29 -23.58
N MET B 299 -12.64 16.54 -24.22
CA MET B 299 -11.35 16.05 -23.76
C MET B 299 -10.46 17.23 -23.40
N VAL B 300 -9.84 17.15 -22.22
CA VAL B 300 -8.96 18.19 -21.72
C VAL B 300 -7.63 17.58 -21.30
N TYR B 301 -6.55 18.26 -21.62
CA TYR B 301 -5.20 17.83 -21.31
C TYR B 301 -4.54 18.83 -20.38
N SER B 302 -3.97 18.34 -19.29
CA SER B 302 -3.28 19.20 -18.33
C SER B 302 -1.97 18.56 -17.94
N ASP B 303 -0.90 19.36 -17.97
CA ASP B 303 0.43 18.90 -17.54
C ASP B 303 0.84 19.49 -16.21
N ARG B 304 -0.07 20.16 -15.51
CA ARG B 304 0.23 20.72 -14.20
C ARG B 304 -0.58 20.12 -13.06
N GLY B 305 -1.73 19.52 -13.35
CA GLY B 305 -2.38 18.72 -12.33
C GLY B 305 -3.90 18.81 -12.40
N LEU B 306 -4.52 18.12 -11.45
CA LEU B 306 -5.96 18.07 -11.38
C LEU B 306 -6.55 19.45 -11.15
N ASN B 307 -5.82 20.33 -10.47
CA ASN B 307 -6.30 21.70 -10.31
C ASN B 307 -6.46 22.37 -11.67
N LYS B 308 -5.46 22.24 -12.54
CA LYS B 308 -5.57 22.85 -13.86
C LYS B 308 -6.69 22.24 -14.68
N MET B 309 -6.84 20.91 -14.64
CA MET B 309 -7.91 20.29 -15.41
C MET B 309 -9.28 20.76 -14.93
N SER B 310 -9.47 20.80 -13.61
CA SER B 310 -10.74 21.25 -13.06
C SER B 310 -11.01 22.69 -13.39
N GLN B 311 -9.97 23.53 -13.43
CA GLN B 311 -10.18 24.92 -13.82
C GLN B 311 -10.61 25.02 -15.28
N ALA B 312 -10.05 24.18 -16.14
CA ALA B 312 -10.46 24.19 -17.55
C ALA B 312 -11.94 23.87 -17.69
N TYR B 313 -12.39 22.78 -17.06
CA TYR B 313 -13.83 22.51 -17.04
C TYR B 313 -14.65 23.64 -16.44
N HIS B 314 -14.23 24.19 -15.30
CA HIS B 314 -15.04 25.23 -14.68
C HIS B 314 -15.23 26.40 -15.62
N ARG B 315 -14.15 26.90 -16.20
CA ARG B 315 -14.25 28.06 -17.09
C ARG B 315 -15.09 27.74 -18.31
N LEU B 316 -14.82 26.60 -18.96
CA LEU B 316 -15.53 26.28 -20.20
C LEU B 316 -17.03 26.12 -19.96
N TYR B 317 -17.39 25.34 -18.94
CA TYR B 317 -18.82 25.13 -18.68
C TYR B 317 -19.49 26.40 -18.23
N ARG B 318 -18.80 27.26 -17.48
CA ARG B 318 -19.43 28.48 -17.00
C ARG B 318 -19.66 29.47 -18.13
N THR B 319 -18.76 29.52 -19.12
CA THR B 319 -18.87 30.54 -20.16
C THR B 319 -19.56 30.04 -21.42
N ARG B 320 -19.10 28.93 -21.99
CA ARG B 320 -19.50 28.50 -23.32
C ARG B 320 -20.65 27.52 -23.35
N LEU B 321 -21.20 27.13 -22.21
CA LEU B 321 -22.24 26.09 -22.26
C LEU B 321 -23.54 26.50 -21.59
N MET B 322 -23.47 27.22 -20.48
CA MET B 322 -24.70 27.60 -19.80
C MET B 322 -25.48 28.61 -20.62
N ARG B 323 -26.78 28.68 -20.35
CA ARG B 323 -27.66 29.59 -21.06
C ARG B 323 -27.25 31.04 -20.81
N VAL B 324 -27.35 31.86 -21.85
CA VAL B 324 -27.05 33.28 -21.73
C VAL B 324 -28.10 33.91 -20.82
N THR B 325 -27.87 35.14 -20.37
CA THR B 325 -28.68 35.87 -19.39
C THR B 325 -28.56 35.27 -18.00
N TRP B 326 -27.66 34.32 -17.80
CA TRP B 326 -27.36 33.80 -16.48
C TRP B 326 -25.88 33.60 -16.23
N ARG B 327 -25.02 33.91 -17.22
CA ARG B 327 -23.60 33.67 -17.05
C ARG B 327 -22.91 34.78 -16.27
N ASP B 328 -23.50 35.98 -16.22
CA ASP B 328 -22.87 37.10 -15.54
C ASP B 328 -23.53 37.47 -14.22
N LYS B 329 -24.80 37.10 -14.04
CA LYS B 329 -25.51 37.46 -12.82
C LYS B 329 -25.20 36.48 -11.70
N ALA B 330 -25.49 36.91 -10.48
CA ALA B 330 -25.33 36.07 -9.29
C ALA B 330 -26.68 35.54 -8.85
N ARG B 331 -26.70 34.29 -8.39
CA ARG B 331 -27.95 33.63 -8.07
C ARG B 331 -28.60 34.30 -6.86
N PRO B 332 -29.96 34.24 -6.72
CA PRO B 332 -30.66 34.84 -5.58
C PRO B 332 -30.52 34.04 -4.27
N ILE B 333 -31.04 34.56 -3.15
CA ILE B 333 -30.96 33.86 -1.83
C ILE B 333 -32.33 33.26 -1.52
N LEU B 334 -32.53 31.97 -1.79
CA LEU B 334 -33.85 31.30 -1.61
C LEU B 334 -34.20 31.11 -0.13
N LEU B 335 -35.49 30.93 0.18
CA LEU B 335 -35.92 30.64 1.58
C LEU B 335 -37.14 29.73 1.54
N ASN B 336 -36.94 28.42 1.37
CA ASN B 336 -38.07 27.46 1.41
C ASN B 336 -38.60 27.41 2.84
N ASN B 337 -39.57 26.53 3.11
CA ASN B 337 -40.04 26.35 4.51
C ASN B 337 -40.62 24.95 4.68
N TRP B 338 -40.27 24.26 5.76
CA TRP B 338 -40.83 22.91 6.04
C TRP B 338 -42.14 23.05 6.81
N GLU B 339 -42.96 21.99 6.80
CA GLU B 339 -44.28 22.06 7.46
C GLU B 339 -44.85 20.63 7.58
N ALA B 340 -46.10 20.52 8.03
CA ALA B 340 -46.76 19.22 8.18
C ALA B 340 -47.98 19.14 7.30
N THR B 341 -47.87 19.62 6.06
CA THR B 341 -48.96 19.67 5.09
C THR B 341 -50.22 20.32 5.69
N TYR B 342 -50.08 21.59 6.02
CA TYR B 342 -51.16 22.35 6.64
C TYR B 342 -52.15 22.81 5.58
N PHE B 343 -53.06 23.70 5.96
CA PHE B 343 -54.12 24.16 5.07
C PHE B 343 -53.65 25.35 4.25
N ASP B 344 -54.51 25.80 3.33
CA ASP B 344 -54.18 26.88 2.41
C ASP B 344 -54.60 28.23 2.99
N PHE B 345 -54.17 28.47 4.22
CA PHE B 345 -54.40 29.76 4.87
C PHE B 345 -53.53 30.83 4.22
N ASN B 346 -54.12 32.00 3.99
CA ASN B 346 -53.44 33.04 3.23
C ASN B 346 -52.64 33.98 4.13
N GLU B 347 -53.17 34.29 5.31
CA GLU B 347 -52.54 35.30 6.15
C GLU B 347 -51.19 34.84 6.67
N GLU B 348 -51.06 33.57 7.01
CA GLU B 348 -49.82 33.10 7.61
C GLU B 348 -48.66 33.19 6.63
N LYS B 349 -48.88 32.81 5.37
CA LYS B 349 -47.80 32.91 4.39
C LYS B 349 -47.36 34.36 4.19
N ILE B 350 -48.33 35.27 4.04
CA ILE B 350 -47.98 36.66 3.76
C ILE B 350 -47.27 37.28 4.96
N LEU B 351 -47.69 36.92 6.18
CA LEU B 351 -47.01 37.42 7.37
C LEU B 351 -45.60 36.85 7.47
N LYS B 352 -45.46 35.56 7.14
CA LYS B 352 -44.13 34.90 7.24
C LYS B 352 -43.13 35.67 6.39
N ILE B 353 -43.39 35.81 5.09
CA ILE B 353 -42.43 36.49 4.18
C ILE B 353 -42.14 37.89 4.72
N ALA B 354 -43.18 38.63 5.11
CA ALA B 354 -42.93 40.01 5.58
C ALA B 354 -41.87 39.96 6.67
N GLU B 355 -42.00 38.99 7.59
CA GLU B 355 -40.98 38.84 8.66
C GLU B 355 -39.62 38.54 8.01
N LYS B 356 -39.59 37.53 7.14
CA LYS B 356 -38.31 37.12 6.52
C LYS B 356 -37.70 38.30 5.77
N ALA B 357 -38.43 38.92 4.86
CA ALA B 357 -37.83 40.00 4.06
C ALA B 357 -37.44 41.14 4.99
N LYS B 358 -38.42 41.69 5.71
CA LYS B 358 -38.10 42.86 6.51
C LYS B 358 -36.86 42.62 7.36
N GLU B 359 -36.73 41.45 7.98
CA GLU B 359 -35.68 41.21 8.95
C GLU B 359 -34.43 40.61 8.31
N ALA B 360 -34.56 39.42 7.71
CA ALA B 360 -33.37 38.73 7.23
C ALA B 360 -32.82 39.38 5.98
N GLY B 361 -33.69 39.82 5.07
CA GLY B 361 -33.25 40.46 3.86
C GLY B 361 -33.05 39.55 2.67
N VAL B 362 -33.68 38.37 2.66
CA VAL B 362 -33.59 37.50 1.50
C VAL B 362 -34.36 38.09 0.33
N GLU B 363 -34.19 37.48 -0.84
CA GLU B 363 -34.68 38.03 -2.08
C GLU B 363 -35.54 37.08 -2.89
N LEU B 364 -35.93 35.94 -2.32
CA LEU B 364 -36.74 34.97 -3.04
C LEU B 364 -37.40 34.03 -2.04
N PHE B 365 -38.69 33.79 -2.21
CA PHE B 365 -39.47 32.91 -1.34
C PHE B 365 -40.18 31.89 -2.21
N VAL B 366 -40.06 30.61 -1.82
CA VAL B 366 -40.65 29.52 -2.64
C VAL B 366 -41.70 28.77 -1.83
N LEU B 367 -42.81 28.41 -2.46
CA LEU B 367 -43.88 27.64 -1.77
C LEU B 367 -43.81 26.19 -2.26
N ASP B 368 -44.18 25.23 -1.42
CA ASP B 368 -44.02 23.81 -1.80
C ASP B 368 -45.37 23.08 -1.81
N ASP B 369 -45.41 21.89 -2.41
CA ASP B 369 -46.67 21.09 -2.48
C ASP B 369 -47.76 21.90 -3.17
N GLY B 370 -49.00 21.73 -2.74
CA GLY B 370 -50.11 22.54 -3.30
C GLY B 370 -50.78 23.31 -2.18
N TRP B 371 -50.56 22.89 -0.93
CA TRP B 371 -51.21 23.54 0.23
C TRP B 371 -52.67 23.84 -0.09
N ILE B 396 -54.03 30.55 -6.95
CA ILE B 396 -52.73 30.99 -6.43
C ILE B 396 -52.21 32.17 -7.22
N ALA B 397 -52.91 32.50 -8.32
CA ALA B 397 -52.49 33.62 -9.15
C ALA B 397 -52.55 34.92 -8.38
N GLY B 398 -53.59 35.12 -7.58
CA GLY B 398 -53.70 36.33 -6.79
C GLY B 398 -52.59 36.43 -5.76
N LEU B 399 -52.16 35.31 -5.20
CA LEU B 399 -51.08 35.32 -4.23
C LEU B 399 -49.77 35.77 -4.86
N SER B 400 -49.57 35.50 -6.14
CA SER B 400 -48.32 35.87 -6.79
C SER B 400 -48.10 37.37 -6.80
N ARG B 401 -49.14 38.15 -7.10
CA ARG B 401 -48.98 39.59 -7.20
C ARG B 401 -48.69 40.21 -5.84
N LYS B 402 -49.27 39.67 -4.78
CA LYS B 402 -49.04 40.24 -3.45
C LYS B 402 -47.59 40.11 -3.02
N VAL B 403 -46.99 38.94 -3.27
CA VAL B 403 -45.61 38.71 -2.86
C VAL B 403 -44.67 39.62 -3.64
N GLU B 404 -44.90 39.75 -4.95
CA GLU B 404 -44.04 40.61 -5.76
C GLU B 404 -44.13 42.07 -5.30
N ALA B 405 -45.34 42.54 -5.00
CA ALA B 405 -45.50 43.91 -4.54
C ALA B 405 -44.88 44.14 -3.17
N LEU B 406 -44.63 43.07 -2.41
CA LEU B 406 -44.03 43.23 -1.09
C LEU B 406 -42.55 43.54 -1.19
N GLY B 407 -41.89 43.12 -2.27
CA GLY B 407 -40.48 43.39 -2.45
C GLY B 407 -39.62 42.15 -2.60
N LEU B 408 -40.20 41.06 -3.10
CA LEU B 408 -39.46 39.82 -3.28
C LEU B 408 -40.17 38.98 -4.33
N LYS B 409 -39.44 37.98 -4.85
CA LYS B 409 -39.91 37.19 -5.97
C LYS B 409 -40.72 35.98 -5.48
N PHE B 410 -41.04 35.06 -6.39
CA PHE B 410 -41.91 33.94 -6.09
C PHE B 410 -41.42 32.69 -6.82
N GLY B 411 -41.79 31.52 -6.28
CA GLY B 411 -41.38 30.26 -6.86
C GLY B 411 -42.31 29.14 -6.47
N LEU B 412 -42.28 28.06 -7.26
CA LEU B 412 -43.20 26.94 -7.09
C LEU B 412 -42.46 25.62 -7.11
N TRP B 413 -43.21 24.57 -6.77
CA TRP B 413 -42.73 23.19 -6.74
C TRP B 413 -43.63 22.37 -7.66
N VAL B 414 -43.03 21.70 -8.65
CA VAL B 414 -43.82 20.94 -9.61
C VAL B 414 -43.18 19.57 -9.85
N GLU B 415 -44.03 18.57 -10.06
CA GLU B 415 -43.62 17.23 -10.44
C GLU B 415 -44.47 16.79 -11.62
N LEU B 416 -43.87 16.01 -12.52
CA LEU B 416 -44.49 15.68 -13.81
C LEU B 416 -44.66 14.17 -13.92
N GLU B 417 -45.77 13.66 -13.38
CA GLU B 417 -46.10 12.24 -13.41
C GLU B 417 -47.62 12.11 -13.41
N MET B 418 -48.11 10.88 -13.24
CA MET B 418 -49.55 10.65 -13.19
C MET B 418 -49.85 9.57 -12.16
N VAL B 419 -51.08 9.58 -11.67
CA VAL B 419 -51.53 8.63 -10.66
C VAL B 419 -52.73 7.87 -11.23
N ASN B 420 -52.77 6.58 -10.91
CA ASN B 420 -53.82 5.68 -11.40
C ASN B 420 -55.17 5.92 -10.74
N LYS B 421 -55.30 6.93 -9.88
CA LYS B 421 -56.52 7.13 -9.12
C LYS B 421 -57.23 8.43 -9.42
N ASP B 422 -56.52 9.55 -9.49
CA ASP B 422 -57.17 10.85 -9.61
C ASP B 422 -56.66 11.71 -10.76
N SER B 423 -55.61 11.28 -11.47
CA SER B 423 -55.09 12.08 -12.58
C SER B 423 -56.07 12.22 -13.72
N ASP B 424 -57.07 11.33 -13.81
CA ASP B 424 -58.14 11.34 -14.81
C ASP B 424 -57.61 10.97 -16.19
N LEU B 425 -56.29 10.87 -16.32
CA LEU B 425 -55.74 10.35 -17.57
C LEU B 425 -55.90 8.83 -17.63
N TYR B 426 -55.92 8.18 -16.47
CA TYR B 426 -56.13 6.73 -16.43
C TYR B 426 -57.51 6.36 -16.95
N ARG B 427 -58.51 7.21 -16.70
CA ARG B 427 -59.85 7.03 -17.24
C ARG B 427 -60.09 7.84 -18.50
N ALA B 428 -59.09 8.59 -18.98
CA ALA B 428 -59.20 9.28 -20.26
C ALA B 428 -58.43 8.57 -21.36
N HIS B 429 -57.13 8.37 -21.18
CA HIS B 429 -56.29 7.65 -22.13
C HIS B 429 -55.43 6.64 -21.38
N PRO B 430 -55.97 5.44 -21.13
CA PRO B 430 -55.18 4.43 -20.41
C PRO B 430 -53.89 4.04 -21.11
N ASP B 431 -53.87 4.05 -22.45
CA ASP B 431 -52.70 3.56 -23.17
C ASP B 431 -51.51 4.49 -23.07
N TRP B 432 -51.71 5.75 -22.69
CA TRP B 432 -50.60 6.69 -22.60
C TRP B 432 -49.63 6.33 -21.47
N LEU B 433 -50.04 5.46 -20.56
CA LEU B 433 -49.16 4.98 -19.51
C LEU B 433 -48.17 3.97 -20.08
N ILE B 434 -46.96 3.97 -19.54
CA ILE B 434 -45.94 3.02 -19.97
C ILE B 434 -46.22 1.66 -19.34
N GLY B 435 -45.69 0.60 -19.95
CA GLY B 435 -45.87 -0.73 -19.42
C GLY B 435 -46.36 -1.73 -20.46
N ALA B 436 -45.68 -2.87 -20.54
CA ALA B 436 -46.03 -3.88 -21.52
C ALA B 436 -47.32 -4.60 -21.10
N PRO B 437 -48.07 -5.14 -22.06
CA PRO B 437 -49.27 -5.91 -21.71
C PRO B 437 -48.92 -7.22 -21.03
N ASP B 438 -49.87 -7.71 -20.22
CA ASP B 438 -49.78 -9.00 -19.55
C ASP B 438 -48.62 -9.07 -18.57
N ARG B 439 -48.11 -7.92 -18.13
CA ARG B 439 -47.05 -7.87 -17.13
C ARG B 439 -47.50 -6.97 -16.00
N PHE B 440 -47.25 -7.41 -14.77
CA PHE B 440 -47.66 -6.64 -13.60
C PHE B 440 -46.90 -5.31 -13.54
N GLU B 441 -47.63 -4.25 -13.23
CA GLU B 441 -47.06 -2.91 -13.13
C GLU B 441 -46.84 -2.56 -11.67
N SER B 442 -45.61 -2.19 -11.32
CA SER B 442 -45.28 -1.84 -9.95
C SER B 442 -45.47 -0.35 -9.69
N HIS B 448 -47.01 6.10 -10.99
CA HIS B 448 -46.62 5.62 -12.31
C HIS B 448 -45.93 6.71 -13.11
N VAL B 449 -45.15 6.31 -14.10
CA VAL B 449 -44.40 7.24 -14.94
C VAL B 449 -45.11 7.38 -16.28
N LEU B 450 -45.26 8.62 -16.75
CA LEU B 450 -45.94 8.91 -17.99
C LEU B 450 -45.00 8.77 -19.17
N ASP B 451 -45.55 8.37 -20.31
CA ASP B 451 -44.75 8.07 -21.49
C ASP B 451 -44.45 9.36 -22.26
N PHE B 452 -43.19 9.75 -22.27
CA PHE B 452 -42.75 10.95 -22.99
C PHE B 452 -42.25 10.64 -24.39
N SER B 453 -42.25 9.36 -24.79
CA SER B 453 -41.85 9.03 -26.15
C SER B 453 -42.80 9.62 -27.17
N ARG B 454 -44.10 9.63 -26.86
CA ARG B 454 -45.11 10.06 -27.82
C ARG B 454 -45.28 11.57 -27.74
N LYS B 455 -45.36 12.21 -28.91
CA LYS B 455 -45.36 13.66 -28.97
C LYS B 455 -46.63 14.27 -28.38
N GLU B 456 -47.76 13.56 -28.48
CA GLU B 456 -49.02 14.11 -28.00
C GLU B 456 -48.97 14.40 -26.51
N VAL B 457 -48.40 13.49 -25.72
CA VAL B 457 -48.27 13.71 -24.29
C VAL B 457 -47.49 15.00 -24.04
N VAL B 458 -46.34 15.10 -24.70
CA VAL B 458 -45.49 16.31 -24.54
C VAL B 458 -46.38 17.53 -24.74
N ASP B 459 -47.11 17.61 -25.86
CA ASP B 459 -47.90 18.82 -26.16
C ASP B 459 -48.98 19.03 -25.08
N TYR B 460 -49.58 17.95 -24.62
CA TYR B 460 -50.67 18.08 -23.63
C TYR B 460 -50.11 18.80 -22.40
N ILE B 461 -48.97 18.34 -21.90
CA ILE B 461 -48.40 18.95 -20.67
C ILE B 461 -47.99 20.39 -20.96
N TYR B 462 -47.32 20.64 -22.09
CA TYR B 462 -46.83 22.01 -22.37
C TYR B 462 -48.00 22.99 -22.44
N LYS B 463 -49.13 22.55 -23.00
CA LYS B 463 -50.29 23.46 -23.15
C LYS B 463 -50.93 23.65 -21.78
N MET B 464 -50.76 22.65 -20.93
CA MET B 464 -51.35 22.71 -19.59
C MET B 464 -50.48 23.52 -18.64
N ILE B 465 -49.17 23.26 -18.64
CA ILE B 465 -48.30 23.97 -17.70
C ILE B 465 -48.12 25.43 -18.12
N ALA B 466 -48.11 25.69 -19.42
CA ALA B 466 -48.01 27.06 -19.89
C ALA B 466 -49.25 27.86 -19.53
N LYS B 467 -50.41 27.19 -19.45
CA LYS B 467 -51.60 27.86 -18.94
C LYS B 467 -51.40 28.43 -17.55
N VAL B 468 -50.54 27.81 -16.73
CA VAL B 468 -50.24 28.31 -15.41
C VAL B 468 -49.09 29.30 -15.39
N LEU B 469 -48.10 29.16 -16.28
CA LEU B 469 -46.97 30.07 -16.33
C LEU B 469 -47.21 31.26 -17.25
N ARG B 470 -48.46 31.71 -17.38
CA ARG B 470 -48.76 32.82 -18.28
C ARG B 470 -49.48 33.99 -17.63
N GLU B 471 -50.19 33.79 -16.50
CA GLU B 471 -50.87 34.89 -15.85
C GLU B 471 -50.24 35.33 -14.54
N SER B 472 -49.45 34.47 -13.89
CA SER B 472 -48.84 34.81 -12.62
C SER B 472 -47.44 35.37 -12.85
N SER B 473 -46.81 35.81 -11.77
CA SER B 473 -45.47 36.40 -11.82
C SER B 473 -44.40 35.44 -11.31
N ILE B 474 -44.54 34.16 -11.64
CA ILE B 474 -43.56 33.16 -11.21
C ILE B 474 -42.23 33.45 -11.89
N SER B 475 -41.17 33.54 -11.10
CA SER B 475 -39.82 33.75 -11.62
C SER B 475 -38.86 32.66 -11.17
N TYR B 476 -39.39 31.52 -10.74
CA TYR B 476 -38.57 30.43 -10.24
C TYR B 476 -39.44 29.18 -10.14
N ILE B 477 -38.93 28.06 -10.62
CA ILE B 477 -39.67 26.81 -10.61
C ILE B 477 -38.69 25.69 -10.34
N LYS B 478 -39.21 24.54 -9.92
CA LYS B 478 -38.35 23.45 -9.45
C LYS B 478 -38.92 22.12 -9.93
N TRP B 479 -38.20 21.45 -10.83
CA TRP B 479 -38.63 20.21 -11.42
C TRP B 479 -38.21 19.05 -10.53
N ASP B 480 -39.03 18.00 -10.50
CA ASP B 480 -38.76 16.85 -9.64
C ASP B 480 -38.99 15.55 -10.39
N MET B 481 -38.26 14.52 -9.98
CA MET B 481 -38.39 13.17 -10.52
C MET B 481 -37.75 12.21 -9.53
N ASN B 482 -38.53 11.27 -9.00
CA ASN B 482 -38.03 10.35 -7.97
C ASN B 482 -38.52 8.93 -8.25
N ARG B 483 -38.42 8.51 -9.51
CA ARG B 483 -38.86 7.18 -9.91
C ARG B 483 -37.88 6.61 -10.91
N TYR B 484 -37.76 5.29 -10.94
CA TYR B 484 -36.93 4.58 -11.90
C TYR B 484 -37.82 3.87 -12.91
N MET B 485 -37.39 3.88 -14.17
CA MET B 485 -38.18 3.25 -15.22
C MET B 485 -38.16 1.73 -15.07
N THR B 486 -39.33 1.13 -15.14
CA THR B 486 -39.48 -0.32 -15.13
C THR B 486 -40.43 -0.72 -16.25
N GLU B 487 -40.15 -1.85 -16.88
CA GLU B 487 -40.93 -2.34 -18.01
C GLU B 487 -40.94 -1.32 -19.14
N PRO B 488 -39.81 -1.06 -19.79
CA PRO B 488 -39.76 -0.02 -20.84
C PRO B 488 -40.33 -0.48 -22.18
N TYR B 489 -41.66 -0.47 -22.27
CA TYR B 489 -42.37 -0.86 -23.47
C TYR B 489 -43.35 0.23 -23.86
N SER B 490 -43.42 0.53 -25.15
CA SER B 490 -44.31 1.56 -25.66
C SER B 490 -45.47 0.92 -26.41
N ARG B 491 -46.68 1.34 -26.08
CA ARG B 491 -47.89 0.83 -26.74
C ARG B 491 -48.25 1.63 -27.98
N GLY B 492 -47.47 2.64 -28.34
CA GLY B 492 -47.75 3.43 -29.52
C GLY B 492 -46.70 3.28 -30.59
N ALA B 493 -46.03 2.13 -30.63
CA ALA B 493 -44.97 1.88 -31.60
C ALA B 493 -45.07 0.45 -32.12
N ASP B 494 -44.57 0.26 -33.34
CA ASP B 494 -44.52 -1.05 -33.95
C ASP B 494 -43.49 -1.92 -33.24
N ALA B 495 -43.66 -3.24 -33.36
CA ALA B 495 -42.71 -4.17 -32.77
C ALA B 495 -41.31 -3.98 -33.33
N SER B 496 -41.20 -3.56 -34.58
CA SER B 496 -39.89 -3.28 -35.16
C SER B 496 -39.27 -2.01 -34.61
N GLN B 497 -40.07 -1.12 -34.02
CA GLN B 497 -39.58 0.15 -33.50
C GLN B 497 -39.27 0.10 -32.01
N GLN B 498 -39.38 -1.06 -31.38
CA GLN B 498 -38.96 -1.18 -29.99
C GLN B 498 -37.44 -1.07 -29.90
N GLY B 499 -36.97 -0.68 -28.72
CA GLY B 499 -35.56 -0.46 -28.51
C GLY B 499 -35.11 0.96 -28.72
N LYS B 500 -35.96 1.84 -29.24
CA LYS B 500 -35.68 3.26 -29.31
C LYS B 500 -36.25 4.02 -28.13
N VAL B 501 -36.83 3.33 -27.15
CA VAL B 501 -37.67 3.98 -26.16
C VAL B 501 -36.87 4.91 -25.27
N MET B 502 -35.72 4.46 -24.78
CA MET B 502 -34.93 5.32 -23.88
C MET B 502 -34.49 6.59 -24.59
N HIS B 503 -33.95 6.44 -25.80
CA HIS B 503 -33.44 7.61 -26.52
C HIS B 503 -34.57 8.56 -26.88
N LYS B 504 -35.73 8.03 -27.27
CA LYS B 504 -36.87 8.88 -27.58
C LYS B 504 -37.36 9.60 -26.32
N TYR B 505 -37.35 8.92 -25.17
CA TYR B 505 -37.75 9.56 -23.93
C TYR B 505 -36.84 10.74 -23.60
N ILE B 506 -35.53 10.54 -23.75
CA ILE B 506 -34.60 11.62 -23.46
C ILE B 506 -34.80 12.78 -24.44
N LEU B 507 -34.98 12.47 -25.72
CA LEU B 507 -35.23 13.52 -26.70
C LEU B 507 -36.51 14.28 -26.38
N GLY B 508 -37.52 13.58 -25.88
CA GLY B 508 -38.77 14.24 -25.53
C GLY B 508 -38.60 15.20 -24.37
N VAL B 509 -37.90 14.78 -23.32
CA VAL B 509 -37.72 15.73 -22.22
C VAL B 509 -36.87 16.91 -22.68
N TYR B 510 -35.89 16.67 -23.56
CA TYR B 510 -35.11 17.78 -24.09
C TYR B 510 -35.96 18.77 -24.86
N ASP B 511 -36.82 18.31 -25.76
CA ASP B 511 -37.54 19.29 -26.56
C ASP B 511 -38.64 19.97 -25.75
N LEU B 512 -39.17 19.30 -24.73
CA LEU B 512 -40.08 19.99 -23.82
C LEU B 512 -39.38 21.15 -23.12
N TYR B 513 -38.17 20.90 -22.58
CA TYR B 513 -37.40 21.99 -22.01
C TYR B 513 -37.13 23.08 -23.04
N THR B 514 -36.80 22.68 -24.28
CA THR B 514 -36.49 23.66 -25.31
C THR B 514 -37.66 24.60 -25.53
N ARG B 515 -38.85 24.04 -25.75
CA ARG B 515 -40.04 24.86 -25.99
C ARG B 515 -40.34 25.76 -24.80
N LEU B 516 -40.29 25.20 -23.59
CA LEU B 516 -40.66 25.98 -22.42
C LEU B 516 -39.70 27.14 -22.21
N THR B 517 -38.39 26.88 -22.29
CA THR B 517 -37.42 27.92 -22.03
C THR B 517 -37.30 28.91 -23.17
N THR B 518 -37.68 28.54 -24.39
CA THR B 518 -37.74 29.53 -25.46
C THR B 518 -39.04 30.32 -25.43
N GLU B 519 -40.05 29.83 -24.71
CA GLU B 519 -41.27 30.62 -24.55
C GLU B 519 -41.18 31.60 -23.39
N PHE B 520 -40.58 31.20 -22.27
CA PHE B 520 -40.51 32.06 -21.07
C PHE B 520 -39.07 32.23 -20.63
N PRO B 521 -38.30 33.08 -21.31
CA PRO B 521 -36.86 33.21 -21.05
C PRO B 521 -36.53 34.20 -19.94
N GLU B 522 -37.20 34.08 -18.80
CA GLU B 522 -36.91 34.98 -17.68
C GLU B 522 -36.93 34.29 -16.32
N ILE B 523 -37.08 32.97 -16.26
CA ILE B 523 -37.24 32.26 -15.00
C ILE B 523 -36.07 31.31 -14.81
N LEU B 524 -35.93 30.82 -13.58
CA LEU B 524 -34.84 29.95 -13.19
C LEU B 524 -35.36 28.52 -13.00
N PHE B 525 -34.47 27.55 -13.13
CA PHE B 525 -34.85 26.15 -13.08
C PHE B 525 -33.91 25.36 -12.17
N GLU B 526 -34.48 24.41 -11.43
CA GLU B 526 -33.74 23.40 -10.70
C GLU B 526 -33.91 22.08 -11.42
N SER B 527 -32.80 21.35 -11.61
CA SER B 527 -32.88 20.09 -12.33
C SER B 527 -33.71 19.07 -11.57
N CYS B 528 -33.31 18.74 -10.36
CA CYS B 528 -33.99 17.73 -9.57
C CYS B 528 -34.11 18.19 -8.12
N ALA B 529 -35.04 17.59 -7.41
CA ALA B 529 -35.32 17.97 -6.03
C ALA B 529 -35.10 16.85 -5.04
N SER B 530 -35.45 15.62 -5.40
CA SER B 530 -35.31 14.48 -4.52
C SER B 530 -34.49 13.33 -5.10
N GLY B 531 -34.48 13.16 -6.42
CA GLY B 531 -33.72 12.08 -7.03
C GLY B 531 -32.23 12.23 -6.85
N GLY B 532 -31.71 13.43 -7.08
CA GLY B 532 -30.27 13.66 -6.96
C GLY B 532 -29.45 12.82 -7.91
N ALA B 533 -29.97 12.58 -9.11
CA ALA B 533 -29.27 11.73 -10.06
C ALA B 533 -29.23 12.31 -11.47
N ARG B 534 -29.56 13.59 -11.65
CA ARG B 534 -29.53 14.24 -12.95
C ARG B 534 -28.43 15.30 -13.00
N PHE B 535 -27.26 14.96 -12.45
CA PHE B 535 -26.17 15.93 -12.32
C PHE B 535 -25.23 15.72 -13.50
N ASP B 536 -25.64 16.21 -14.66
CA ASP B 536 -24.90 16.06 -15.90
C ASP B 536 -24.86 17.39 -16.64
N PRO B 537 -23.90 17.57 -17.55
CA PRO B 537 -23.78 18.87 -18.22
C PRO B 537 -25.01 19.30 -19.01
N ALA B 538 -25.77 18.36 -19.58
CA ALA B 538 -26.92 18.75 -20.39
C ALA B 538 -27.96 19.50 -19.56
N MET B 539 -28.29 18.97 -18.38
CA MET B 539 -29.23 19.66 -17.52
C MET B 539 -28.71 21.03 -17.13
N LEU B 540 -27.39 21.16 -17.00
CA LEU B 540 -26.81 22.48 -16.77
C LEU B 540 -27.07 23.40 -17.95
N TYR B 541 -27.01 22.85 -19.17
CA TYR B 541 -27.31 23.65 -20.35
C TYR B 541 -28.75 24.14 -20.32
N PHE B 542 -29.67 23.31 -19.83
CA PHE B 542 -31.07 23.73 -19.75
C PHE B 542 -31.39 24.39 -18.41
N ALA B 543 -31.14 23.69 -17.31
CA ALA B 543 -31.38 24.24 -15.98
C ALA B 543 -30.08 24.72 -15.38
N PRO B 544 -29.91 26.01 -15.13
CA PRO B 544 -28.58 26.55 -14.79
C PRO B 544 -27.96 25.95 -13.54
N GLN B 545 -28.75 25.40 -12.63
CA GLN B 545 -28.20 24.85 -11.40
C GLN B 545 -28.98 23.59 -11.04
N THR B 546 -28.72 23.06 -9.85
CA THR B 546 -29.32 21.80 -9.43
C THR B 546 -29.15 21.64 -7.92
N TRP B 547 -29.50 20.46 -7.43
CA TRP B 547 -29.53 20.14 -6.00
C TRP B 547 -28.61 18.96 -5.72
N THR B 548 -27.83 19.07 -4.65
CA THR B 548 -26.94 17.99 -4.25
C THR B 548 -27.43 17.32 -2.97
N ALA B 554 -22.21 17.61 8.53
CA ALA B 554 -21.66 18.45 7.48
C ALA B 554 -20.44 17.79 6.83
N SER B 555 -19.87 16.81 7.53
CA SER B 555 -18.73 16.08 6.98
C SER B 555 -19.12 15.38 5.67
N GLU B 556 -20.34 14.82 5.63
CA GLU B 556 -20.84 14.26 4.39
C GLU B 556 -20.86 15.30 3.29
N ARG B 557 -21.32 16.52 3.62
CA ARG B 557 -21.36 17.58 2.62
C ARG B 557 -19.96 17.94 2.13
N THR B 558 -18.99 18.01 3.03
CA THR B 558 -17.63 18.33 2.62
C THR B 558 -17.09 17.28 1.67
N LYS B 559 -17.28 16.01 2.01
CA LYS B 559 -16.78 14.96 1.13
C LYS B 559 -17.47 14.98 -0.22
N ILE B 560 -18.79 15.20 -0.22
CA ILE B 560 -19.53 15.24 -1.48
C ILE B 560 -19.06 16.38 -2.36
N GLN B 561 -18.92 17.57 -1.78
CA GLN B 561 -18.51 18.73 -2.58
C GLN B 561 -17.09 18.57 -3.11
N TYR B 562 -16.18 18.07 -2.27
CA TYR B 562 -14.82 17.82 -2.74
C TYR B 562 -14.81 16.83 -3.88
N GLY B 563 -15.65 15.79 -3.79
CA GLY B 563 -15.70 14.82 -4.87
C GLY B 563 -16.28 15.40 -6.15
N THR B 564 -17.31 16.23 -6.03
CA THR B 564 -18.00 16.72 -7.21
C THR B 564 -17.38 17.97 -7.81
N SER B 565 -16.37 18.56 -7.18
CA SER B 565 -15.75 19.73 -7.78
C SER B 565 -14.70 19.39 -8.83
N TYR B 566 -14.44 18.11 -9.11
CA TYR B 566 -13.48 17.78 -10.16
C TYR B 566 -13.92 18.30 -11.51
N VAL B 567 -15.21 18.21 -11.82
CA VAL B 567 -15.68 18.50 -13.18
C VAL B 567 -16.76 19.56 -13.25
N TYR B 568 -17.54 19.81 -12.20
CA TYR B 568 -18.63 20.75 -12.37
C TYR B 568 -18.35 22.06 -11.64
N PRO B 569 -18.80 23.19 -12.16
CA PRO B 569 -18.47 24.47 -11.53
C PRO B 569 -19.17 24.65 -10.19
N VAL B 570 -18.62 25.57 -9.41
CA VAL B 570 -19.12 25.81 -8.06
C VAL B 570 -20.52 26.41 -8.09
N VAL B 571 -20.83 27.24 -9.08
CA VAL B 571 -22.12 27.93 -9.12
C VAL B 571 -23.26 26.93 -9.23
N SER B 572 -23.08 25.88 -10.03
CA SER B 572 -24.17 24.94 -10.26
C SER B 572 -24.54 24.15 -9.02
N MET B 573 -23.65 24.08 -8.03
CA MET B 573 -23.95 23.31 -6.82
C MET B 573 -24.97 24.04 -5.97
N GLY B 574 -25.99 23.31 -5.51
CA GLY B 574 -27.00 23.88 -4.66
C GLY B 574 -26.90 23.40 -3.23
N SER B 575 -26.65 24.31 -2.29
CA SER B 575 -26.47 23.97 -0.90
C SER B 575 -27.42 24.80 -0.05
N HIS B 576 -27.84 24.23 1.08
CA HIS B 576 -28.80 24.87 1.95
C HIS B 576 -28.42 24.65 3.40
N VAL B 577 -28.99 25.47 4.27
CA VAL B 577 -28.78 25.38 5.71
C VAL B 577 -30.07 24.86 6.32
N SER B 578 -29.98 23.76 7.05
CA SER B 578 -31.14 23.10 7.64
C SER B 578 -31.15 23.30 9.14
N ALA B 579 -32.22 22.80 9.76
CA ALA B 579 -32.38 22.89 11.21
C ALA B 579 -31.38 21.98 11.92
N THR B 589 -24.18 20.46 16.37
CA THR B 589 -23.40 21.33 15.50
C THR B 589 -24.06 22.70 15.37
N PRO B 590 -23.30 23.75 15.68
CA PRO B 590 -23.85 25.10 15.59
C PRO B 590 -24.02 25.54 14.14
N ILE B 591 -24.79 26.61 13.96
CA ILE B 591 -25.05 27.12 12.61
C ILE B 591 -23.80 27.60 11.92
N GLU B 592 -22.76 27.95 12.68
CA GLU B 592 -21.57 28.58 12.10
C GLU B 592 -20.88 27.65 11.11
N THR B 593 -20.69 26.38 11.48
CA THR B 593 -20.02 25.45 10.57
C THR B 593 -20.85 25.18 9.34
N ARG B 594 -22.18 25.05 9.51
CA ARG B 594 -23.04 24.84 8.35
C ARG B 594 -22.97 26.01 7.39
N ALA B 595 -22.97 27.23 7.91
CA ALA B 595 -22.81 28.39 7.04
C ALA B 595 -21.44 28.38 6.37
N ASN B 596 -20.39 28.03 7.11
CA ASN B 596 -19.05 28.04 6.53
C ASN B 596 -18.90 27.01 5.42
N VAL B 597 -19.64 25.91 5.50
CA VAL B 597 -19.57 24.92 4.44
C VAL B 597 -20.56 25.18 3.32
N ALA B 598 -21.62 25.96 3.58
CA ALA B 598 -22.59 26.28 2.55
C ALA B 598 -22.31 27.57 1.82
N TYR B 599 -21.31 28.35 2.26
CA TYR B 599 -20.94 29.56 1.52
C TYR B 599 -20.50 29.24 0.11
N PHE B 600 -19.71 28.19 -0.06
CA PHE B 600 -19.14 27.86 -1.37
C PHE B 600 -20.21 27.17 -2.21
N GLY B 601 -20.87 27.94 -3.05
CA GLY B 601 -21.95 27.46 -3.89
C GLY B 601 -23.19 28.31 -3.72
N THR B 602 -24.30 27.81 -4.25
CA THR B 602 -25.57 28.49 -4.02
C THR B 602 -25.95 28.41 -2.55
N PHE B 603 -26.49 29.51 -2.03
CA PHE B 603 -26.74 29.64 -0.61
C PHE B 603 -28.24 29.77 -0.37
N GLY B 604 -28.76 29.00 0.59
CA GLY B 604 -30.18 28.97 0.83
C GLY B 604 -30.49 28.63 2.28
N TYR B 605 -31.78 28.70 2.61
CA TYR B 605 -32.23 28.47 3.97
C TYR B 605 -33.51 27.62 3.96
N GLU B 606 -33.58 26.66 4.89
CA GLU B 606 -34.79 25.87 5.12
C GLU B 606 -35.06 25.89 6.63
N LEU B 607 -35.77 26.92 7.09
CA LEU B 607 -35.94 27.13 8.52
C LEU B 607 -37.28 27.79 8.77
N ASP B 608 -37.78 27.61 9.99
CA ASP B 608 -38.99 28.27 10.45
C ASP B 608 -38.60 29.42 11.37
N LEU B 609 -39.06 30.63 11.04
CA LEU B 609 -38.64 31.82 11.77
C LEU B 609 -39.18 31.87 13.20
N ASN B 610 -40.27 31.14 13.49
CA ASN B 610 -40.80 31.16 14.84
C ASN B 610 -39.89 30.42 15.81
N LEU B 611 -39.26 29.34 15.35
CA LEU B 611 -38.53 28.46 16.26
C LEU B 611 -37.12 28.96 16.57
N LEU B 612 -36.70 30.08 16.00
CA LEU B 612 -35.35 30.60 16.22
C LEU B 612 -35.41 31.85 17.08
N SER B 613 -34.47 31.96 18.01
CA SER B 613 -34.44 33.10 18.92
C SER B 613 -33.73 34.29 18.26
N GLU B 614 -33.67 35.40 19.00
CA GLU B 614 -33.17 36.65 18.43
C GLU B 614 -31.68 36.56 18.12
N ALA B 615 -30.92 35.83 18.93
CA ALA B 615 -29.50 35.65 18.65
C ALA B 615 -29.31 34.97 17.31
N GLU B 616 -30.14 33.97 17.01
CA GLU B 616 -30.08 33.32 15.71
C GLU B 616 -30.47 34.28 14.59
N LEU B 617 -31.43 35.17 14.83
CA LEU B 617 -31.76 36.17 13.82
C LEU B 617 -30.57 37.09 13.53
N GLU B 618 -29.87 37.53 14.58
CA GLU B 618 -28.67 38.34 14.35
C GLU B 618 -27.61 37.55 13.59
N SER B 619 -27.45 36.28 13.94
CA SER B 619 -26.46 35.44 13.25
C SER B 619 -26.80 35.30 11.77
N VAL B 620 -28.07 35.04 11.45
CA VAL B 620 -28.43 34.85 10.05
C VAL B 620 -28.37 36.17 9.29
N LYS B 621 -28.65 37.30 9.95
CA LYS B 621 -28.47 38.59 9.31
C LYS B 621 -27.00 38.81 8.94
N LYS B 622 -26.10 38.51 9.87
CA LYS B 622 -24.67 38.66 9.59
C LYS B 622 -24.23 37.73 8.47
N GLN B 623 -24.72 36.49 8.49
CA GLN B 623 -24.37 35.54 7.43
C GLN B 623 -24.84 36.02 6.07
N ILE B 624 -26.07 36.53 6.01
CA ILE B 624 -26.60 37.02 4.74
C ILE B 624 -25.81 38.21 4.25
N ALA B 625 -25.43 39.12 5.16
CA ALA B 625 -24.60 40.25 4.75
C ALA B 625 -23.27 39.77 4.16
N PHE B 626 -22.62 38.82 4.82
CA PHE B 626 -21.35 38.31 4.33
C PHE B 626 -21.49 37.67 2.95
N MET B 627 -22.50 36.83 2.78
CA MET B 627 -22.68 36.16 1.51
C MET B 627 -23.02 37.16 0.41
N LYS B 628 -23.85 38.15 0.72
CA LYS B 628 -24.19 39.17 -0.27
C LYS B 628 -22.97 39.98 -0.65
N GLU B 629 -22.01 40.13 0.26
CA GLU B 629 -20.79 40.85 -0.09
C GLU B 629 -19.88 40.01 -1.00
N TYR B 630 -19.70 38.72 -0.69
CA TYR B 630 -18.66 37.94 -1.36
C TYR B 630 -19.17 37.04 -2.49
N ARG B 631 -20.48 37.01 -2.74
CA ARG B 631 -20.99 36.06 -3.74
C ARG B 631 -20.54 36.41 -5.14
N GLU B 632 -20.27 37.69 -5.41
CA GLU B 632 -19.77 38.07 -6.72
C GLU B 632 -18.40 37.44 -6.99
N LEU B 633 -17.53 37.43 -5.99
CA LEU B 633 -16.22 36.80 -6.17
C LEU B 633 -16.34 35.28 -6.20
N ILE B 634 -17.12 34.71 -5.27
CA ILE B 634 -17.14 33.25 -5.16
C ILE B 634 -17.73 32.61 -6.41
N GLN B 635 -18.82 33.17 -6.93
CA GLN B 635 -19.56 32.48 -7.98
C GLN B 635 -19.00 32.74 -9.37
N VAL B 636 -19.01 34.00 -9.83
CA VAL B 636 -18.83 34.26 -11.24
C VAL B 636 -17.38 34.55 -11.63
N ASP B 637 -16.55 35.05 -10.73
CA ASP B 637 -15.17 35.42 -11.04
C ASP B 637 -14.25 34.81 -10.00
N GLY B 638 -13.78 33.60 -10.25
CA GLY B 638 -12.90 32.96 -9.30
C GLY B 638 -12.29 31.71 -9.88
N ASP B 639 -11.34 31.15 -9.15
CA ASP B 639 -10.67 29.91 -9.52
C ASP B 639 -10.61 29.00 -8.31
N PHE B 640 -11.22 27.84 -8.41
CA PHE B 640 -11.24 26.89 -7.31
C PHE B 640 -9.90 26.19 -7.19
N TYR B 641 -9.35 26.17 -5.97
CA TYR B 641 -8.11 25.46 -5.68
C TYR B 641 -8.37 24.50 -4.53
N ARG B 642 -7.96 23.25 -4.69
CA ARG B 642 -8.08 22.26 -3.63
C ARG B 642 -6.72 22.06 -2.98
N LEU B 643 -6.69 22.14 -1.65
CA LEU B 643 -5.44 22.11 -0.90
C LEU B 643 -5.24 20.81 -0.14
N LEU B 644 -6.19 20.44 0.72
CA LEU B 644 -6.13 19.21 1.47
C LEU B 644 -7.27 18.30 1.04
N SER B 645 -7.10 17.00 1.27
CA SER B 645 -8.11 16.06 0.81
C SER B 645 -8.83 15.42 1.98
N PRO B 646 -10.16 15.32 1.92
CA PRO B 646 -10.89 14.57 2.96
C PRO B 646 -10.49 13.12 2.99
N PHE B 647 -10.05 12.59 1.85
CA PHE B 647 -9.58 11.23 1.77
C PHE B 647 -8.14 11.19 2.25
N GLU B 648 -7.68 9.99 2.63
CA GLU B 648 -6.33 9.78 3.17
C GLU B 648 -5.96 10.78 4.27
N GLY B 649 -6.97 11.25 5.00
CA GLY B 649 -6.72 12.20 6.07
C GLY B 649 -8.01 12.52 6.79
N ASN B 650 -7.96 13.56 7.62
CA ASN B 650 -9.16 14.03 8.30
C ASN B 650 -9.32 15.53 8.26
N GLU B 651 -8.62 16.21 7.34
CA GLU B 651 -8.70 17.65 7.19
C GLU B 651 -9.00 17.98 5.74
N THR B 652 -9.82 19.00 5.52
CA THR B 652 -10.14 19.47 4.19
C THR B 652 -9.85 20.95 4.10
N ALA B 653 -9.52 21.41 2.90
CA ALA B 653 -9.22 22.82 2.71
C ALA B 653 -9.32 23.17 1.24
N TRP B 654 -9.86 24.36 0.97
CA TRP B 654 -9.86 24.93 -0.37
C TRP B 654 -9.93 26.45 -0.27
N MET B 655 -9.75 27.10 -1.41
CA MET B 655 -9.76 28.55 -1.46
C MET B 655 -10.14 29.01 -2.85
N VAL B 656 -10.54 30.28 -2.95
CA VAL B 656 -10.94 30.91 -4.21
C VAL B 656 -10.10 32.15 -4.42
N VAL B 657 -9.58 32.32 -5.63
CA VAL B 657 -8.71 33.45 -5.96
C VAL B 657 -9.27 34.15 -7.21
N ALA B 658 -9.31 35.47 -7.16
CA ALA B 658 -9.79 36.26 -8.29
C ALA B 658 -8.86 36.09 -9.49
N GLN B 659 -9.27 36.63 -10.63
CA GLN B 659 -8.51 36.45 -11.87
C GLN B 659 -7.32 37.40 -11.99
N ASP B 660 -7.28 38.48 -11.21
CA ASP B 660 -6.14 39.38 -11.20
C ASP B 660 -5.32 39.27 -9.92
N LYS B 661 -5.48 38.17 -9.17
CA LYS B 661 -4.71 37.92 -7.96
C LYS B 661 -4.82 39.06 -6.98
N SER B 662 -6.05 39.43 -6.59
CA SER B 662 -6.23 40.56 -5.69
C SER B 662 -7.09 40.27 -4.48
N ARG B 663 -7.91 39.24 -4.48
CA ARG B 663 -8.73 38.90 -3.32
C ARG B 663 -8.81 37.38 -3.23
N ALA B 664 -9.06 36.88 -2.02
CA ALA B 664 -9.11 35.45 -1.82
C ALA B 664 -9.89 35.12 -0.55
N VAL B 665 -10.39 33.89 -0.50
CA VAL B 665 -11.12 33.37 0.65
C VAL B 665 -10.73 31.91 0.88
N ALA B 666 -10.09 31.62 2.01
CA ALA B 666 -9.63 30.26 2.29
C ALA B 666 -10.40 29.69 3.47
N ALA B 667 -10.69 28.40 3.43
CA ALA B 667 -11.43 27.72 4.50
C ALA B 667 -10.72 26.45 4.94
N PHE B 668 -10.78 26.17 6.23
CA PHE B 668 -10.17 24.99 6.84
C PHE B 668 -11.21 24.26 7.67
N TYR B 669 -11.29 22.95 7.50
CA TYR B 669 -12.33 22.16 8.15
C TYR B 669 -11.69 21.00 8.89
N GLN B 670 -12.41 20.50 9.91
CA GLN B 670 -11.97 19.35 10.68
C GLN B 670 -13.13 18.38 10.83
N ARG B 671 -12.79 17.09 10.86
CA ARG B 671 -13.80 16.03 10.91
C ARG B 671 -13.91 15.39 12.28
N MET B 672 -12.79 15.12 12.93
CA MET B 672 -12.80 14.51 14.26
C MET B 672 -11.77 15.21 15.12
N ASN B 673 -12.15 15.54 16.35
CA ASN B 673 -11.24 16.22 17.26
C ASN B 673 -10.05 15.33 17.59
N LYS B 674 -8.90 15.96 17.77
CA LYS B 674 -7.69 15.28 18.19
C LYS B 674 -7.16 15.95 19.44
N VAL B 675 -6.79 15.15 20.42
CA VAL B 675 -6.32 15.65 21.71
C VAL B 675 -4.81 15.41 21.79
N ASN B 676 -4.10 16.43 22.31
CA ASN B 676 -2.66 16.39 22.46
C ASN B 676 -1.93 16.14 21.14
N ALA B 677 -2.48 16.66 20.04
CA ALA B 677 -1.89 16.43 18.73
C ALA B 677 -0.78 17.43 18.45
N SER B 678 -0.35 17.47 17.20
CA SER B 678 0.70 18.37 16.75
C SER B 678 0.09 19.65 16.19
N TRP B 679 0.91 20.68 16.05
CA TRP B 679 0.49 21.93 15.44
C TRP B 679 0.57 21.85 13.92
N ILE B 680 -0.04 22.84 13.28
CA ILE B 680 -0.46 22.76 11.89
C ILE B 680 0.11 23.94 11.11
N ARG B 681 0.57 23.69 9.89
CA ARG B 681 0.87 24.73 8.94
C ARG B 681 -0.07 24.61 7.75
N PHE B 682 -0.60 25.75 7.31
CA PHE B 682 -1.64 25.80 6.29
C PHE B 682 -1.10 26.55 5.09
N LYS B 683 -0.69 25.81 4.05
CA LYS B 683 -0.01 26.38 2.89
C LYS B 683 -1.01 26.68 1.79
N LEU B 684 -1.09 27.95 1.39
CA LEU B 684 -1.99 28.38 0.33
C LEU B 684 -1.35 28.11 -1.03
N GLN B 685 -2.08 28.40 -2.10
CA GLN B 685 -1.57 28.25 -3.46
C GLN B 685 -2.29 29.22 -4.37
N GLY B 686 -1.68 29.50 -5.51
CA GLY B 686 -2.31 30.27 -6.56
C GLY B 686 -2.14 31.77 -6.42
N LEU B 687 -1.59 32.22 -5.30
CA LEU B 687 -1.40 33.64 -5.10
C LEU B 687 -0.29 34.16 -6.01
N ASP B 688 -0.04 35.47 -5.92
CA ASP B 688 0.99 36.12 -6.71
C ASP B 688 2.20 36.39 -5.84
N ALA B 689 3.35 35.84 -6.25
CA ALA B 689 4.58 36.10 -5.51
C ALA B 689 4.97 37.57 -5.64
N GLY B 690 5.61 38.09 -4.60
CA GLY B 690 6.02 39.48 -4.62
C GLY B 690 4.87 40.46 -4.62
N THR B 691 3.87 40.21 -3.78
CA THR B 691 2.76 41.13 -3.62
C THR B 691 2.34 41.12 -2.16
N LEU B 692 2.33 42.28 -1.52
CA LEU B 692 2.18 42.36 -0.07
C LEU B 692 0.71 42.19 0.29
N TYR B 693 0.29 40.95 0.46
CA TYR B 693 -1.07 40.66 0.87
C TYR B 693 -1.27 40.99 2.35
N GLU B 694 -2.53 41.19 2.73
CA GLU B 694 -2.90 41.49 4.11
C GLU B 694 -3.98 40.51 4.54
N VAL B 695 -3.62 39.60 5.46
CA VAL B 695 -4.50 38.54 5.90
C VAL B 695 -5.27 39.00 7.13
N SER B 696 -6.52 38.58 7.26
CA SER B 696 -7.36 38.98 8.39
C SER B 696 -8.03 37.73 8.94
N CYS B 697 -8.72 37.90 10.06
CA CYS B 697 -9.38 36.81 10.80
C CYS B 697 -8.43 35.65 11.06
N LYS B 723 -7.37 40.54 14.65
CA LYS B 723 -6.25 39.69 14.26
C LYS B 723 -5.92 39.87 12.79
N THR B 724 -5.03 40.82 12.50
CA THR B 724 -4.58 41.07 11.14
C THR B 724 -3.07 41.25 11.13
N TYR B 725 -2.42 40.67 10.12
CA TYR B 725 -1.00 40.87 9.90
C TYR B 725 -0.72 40.82 8.41
N ARG B 726 0.44 41.33 8.02
CA ARG B 726 0.79 41.47 6.62
C ARG B 726 1.92 40.52 6.27
N ALA B 727 1.87 39.99 5.05
CA ALA B 727 2.83 38.98 4.64
C ALA B 727 2.98 39.03 3.13
N TYR B 728 4.16 38.62 2.65
CA TYR B 728 4.39 38.54 1.22
C TYR B 728 3.74 37.28 0.66
N GLY B 729 3.59 37.25 -0.66
CA GLY B 729 2.94 36.13 -1.31
C GLY B 729 3.74 34.84 -1.28
N ASP B 730 5.03 34.94 -1.60
CA ASP B 730 5.85 33.72 -1.70
C ASP B 730 5.98 33.03 -0.35
N GLU B 731 6.28 33.79 0.70
CA GLU B 731 6.48 33.15 1.98
C GLU B 731 5.15 32.66 2.54
N LEU B 732 4.05 33.32 2.20
CA LEU B 732 2.74 32.84 2.63
C LEU B 732 2.39 31.53 1.93
N MET B 733 2.81 31.37 0.68
CA MET B 733 2.57 30.12 -0.01
C MET B 733 3.52 29.01 0.44
N GLN B 734 4.71 29.37 0.92
CA GLN B 734 5.74 28.37 1.19
C GLN B 734 5.81 27.93 2.64
N VAL B 735 5.72 28.86 3.60
CA VAL B 735 5.74 28.44 5.01
C VAL B 735 4.34 28.26 5.57
N GLY B 736 3.31 28.81 4.92
CA GLY B 736 1.95 28.60 5.34
C GLY B 736 1.53 29.53 6.46
N ILE B 737 0.25 29.44 6.82
CA ILE B 737 -0.34 30.22 7.90
C ILE B 737 -0.34 29.36 9.16
N PRO B 738 0.20 29.83 10.27
CA PRO B 738 0.11 29.08 11.52
C PRO B 738 -1.34 28.90 11.95
N ILE B 739 -1.63 27.73 12.53
CA ILE B 739 -2.95 27.42 13.06
C ILE B 739 -2.78 26.96 14.49
N ASP B 740 -3.38 27.68 15.44
CA ASP B 740 -3.36 27.29 16.83
C ASP B 740 -4.53 26.33 17.07
N ARG B 741 -4.22 25.05 17.23
CA ARG B 741 -5.28 24.05 17.24
C ARG B 741 -6.13 24.08 18.49
N GLU B 742 -5.74 24.84 19.51
CA GLU B 742 -6.65 25.06 20.63
C GLU B 742 -7.73 26.06 20.27
N ASP B 743 -7.46 26.99 19.35
CA ASP B 743 -8.43 28.00 18.99
C ASP B 743 -9.65 27.38 18.33
N LEU B 744 -9.43 26.43 17.41
CA LEU B 744 -10.56 25.71 16.84
C LEU B 744 -11.26 24.82 17.85
N ASN B 745 -10.56 24.38 18.90
CA ASN B 745 -11.20 23.60 19.93
C ASN B 745 -12.28 24.40 20.65
N LYS B 746 -12.05 25.70 20.83
CA LYS B 746 -13.08 26.56 21.42
C LYS B 746 -14.27 26.74 20.48
N LYS B 747 -14.03 26.73 19.17
CA LYS B 747 -15.11 27.00 18.22
C LYS B 747 -16.24 25.99 18.33
N GLY B 748 -15.93 24.76 18.73
CA GLY B 748 -16.97 23.74 18.83
C GLY B 748 -16.37 22.37 19.03
N GLY B 749 -17.11 21.36 18.58
CA GLY B 749 -16.66 19.99 18.73
C GLY B 749 -16.79 19.17 17.46
N ASP B 750 -15.65 18.64 17.00
CA ASP B 750 -15.58 17.69 15.89
C ASP B 750 -15.95 18.31 14.56
N PHE B 751 -16.38 19.57 14.55
CA PHE B 751 -16.76 20.22 13.31
C PHE B 751 -16.30 21.67 13.30
N ALA B 752 -15.08 21.90 13.75
CA ALA B 752 -14.54 23.26 13.75
C ALA B 752 -14.20 23.69 12.32
N SER B 753 -14.22 24.99 12.10
CA SER B 753 -13.89 25.54 10.78
C SER B 753 -13.39 26.95 10.95
N LEU B 754 -12.70 27.45 9.93
CA LEU B 754 -12.14 28.78 9.94
C LEU B 754 -12.25 29.39 8.56
N LEU B 755 -12.25 30.73 8.52
CA LEU B 755 -12.20 31.47 7.27
C LEU B 755 -11.13 32.53 7.34
N TYR B 756 -10.58 32.88 6.19
CA TYR B 756 -9.58 33.93 6.08
C TYR B 756 -9.89 34.80 4.89
N THR B 757 -9.46 36.05 4.95
CA THR B 757 -9.72 37.01 3.90
C THR B 757 -8.45 37.76 3.56
N LEU B 758 -8.20 37.96 2.28
CA LEU B 758 -6.99 38.61 1.80
C LEU B 758 -7.34 39.92 1.10
N LYS B 759 -6.31 40.72 0.84
CA LYS B 759 -6.49 42.00 0.17
C LYS B 759 -5.26 42.26 -0.68
N LYS B 760 -5.10 43.50 -1.16
CA LYS B 760 -4.05 43.82 -2.11
C LYS B 760 -2.83 44.46 -1.47
N VAL B 761 -3.02 45.58 -0.77
CA VAL B 761 -1.89 46.29 -0.17
C VAL B 761 -1.96 46.24 1.33
N ALA C 2 24.33 35.97 1.06
CA ALA C 2 24.28 37.12 1.94
C ALA C 2 23.71 36.73 3.30
N VAL C 3 24.27 37.31 4.35
CA VAL C 3 23.81 37.07 5.72
C VAL C 3 23.56 38.41 6.39
N ILE C 4 22.40 38.54 7.02
CA ILE C 4 22.02 39.77 7.71
C ILE C 4 21.52 39.40 9.10
N PHE C 5 21.55 40.38 10.00
CA PHE C 5 21.24 40.18 11.41
C PHE C 5 20.33 41.29 11.88
N HIS C 6 19.07 40.96 12.14
CA HIS C 6 18.11 41.93 12.66
C HIS C 6 18.24 41.97 14.18
N GLU C 7 18.93 43.00 14.66
CA GLU C 7 19.28 43.06 16.09
C GLU C 7 18.06 43.32 16.96
N LYS C 8 17.02 43.96 16.41
CA LYS C 8 15.84 44.24 17.21
C LYS C 8 15.16 42.95 17.66
N THR C 9 15.09 41.96 16.78
CA THR C 9 14.44 40.70 17.09
C THR C 9 15.44 39.57 17.31
N LYS C 10 16.73 39.82 17.11
CA LYS C 10 17.78 38.81 17.29
C LYS C 10 17.55 37.61 16.39
N GLU C 11 17.60 37.87 15.09
CA GLU C 11 17.36 36.86 14.07
C GLU C 11 18.51 36.86 13.06
N PHE C 12 18.75 35.71 12.47
CA PHE C 12 19.75 35.57 11.42
C PHE C 12 19.08 35.08 10.14
N HIS C 13 19.47 35.68 9.02
CA HIS C 13 18.94 35.31 7.72
C HIS C 13 20.08 34.98 6.78
N ILE C 14 19.92 33.91 6.00
CA ILE C 14 20.92 33.46 5.04
C ILE C 14 20.29 33.50 3.65
N PHE C 15 20.91 34.25 2.74
CA PHE C 15 20.38 34.43 1.40
C PHE C 15 21.07 33.54 0.38
N ASN C 16 20.39 33.38 -0.73
CA ASN C 16 20.92 32.85 -1.98
C ASN C 16 19.87 33.16 -3.04
N ARG C 17 20.02 32.59 -4.23
CA ARG C 17 18.97 32.69 -5.21
C ARG C 17 18.02 31.50 -5.20
N GLU C 18 18.30 30.49 -4.39
CA GLU C 18 17.43 29.31 -4.36
C GLU C 18 17.04 28.89 -2.95
N VAL C 19 17.89 29.14 -1.96
CA VAL C 19 17.67 28.62 -0.62
C VAL C 19 17.65 29.77 0.38
N SER C 20 17.17 29.47 1.58
CA SER C 20 17.14 30.44 2.66
C SER C 20 17.16 29.70 3.98
N TYR C 21 17.57 30.40 5.04
CA TYR C 21 17.77 29.82 6.34
C TYR C 21 17.53 30.86 7.41
N LEU C 22 16.73 30.53 8.41
CA LEU C 22 16.38 31.47 9.48
C LEU C 22 16.71 30.87 10.83
N MET C 23 17.28 31.68 11.71
CA MET C 23 17.58 31.28 13.07
C MET C 23 17.24 32.40 14.02
N ARG C 24 16.96 32.04 15.27
CA ARG C 24 16.53 33.01 16.27
C ARG C 24 17.08 32.60 17.63
N ILE C 25 17.57 33.58 18.38
CA ILE C 25 18.14 33.34 19.71
C ILE C 25 17.03 33.46 20.74
N MET C 26 16.83 32.41 21.52
CA MET C 26 15.76 32.39 22.50
C MET C 26 16.16 33.21 23.73
N GLU C 27 15.34 33.13 24.78
CA GLU C 27 15.66 33.87 26.00
C GLU C 27 16.76 33.19 26.81
N ASN C 28 16.86 31.86 26.72
CA ASN C 28 17.85 31.11 27.48
C ASN C 28 19.19 31.02 26.77
N GLY C 29 19.41 31.81 25.73
CA GLY C 29 20.69 31.87 25.06
C GLY C 29 20.95 30.76 24.07
N GLN C 30 20.05 29.80 23.94
CA GLN C 30 20.22 28.73 22.97
C GLN C 30 19.79 29.21 21.59
N LEU C 31 20.10 28.43 20.57
CA LEU C 31 19.75 28.76 19.19
C LEU C 31 18.53 27.94 18.76
N GLU C 32 17.69 28.54 17.93
CA GLU C 32 16.46 27.92 17.48
C GLU C 32 16.35 28.02 15.97
N ASN C 33 15.68 27.04 15.36
CA ASN C 33 15.47 27.01 13.92
C ASN C 33 14.05 27.46 13.60
N LEU C 34 13.91 28.20 12.50
CA LEU C 34 12.61 28.74 12.11
C LEU C 34 12.13 28.26 10.77
N TYR C 35 13.01 28.10 9.79
CA TYR C 35 12.61 27.71 8.45
C TYR C 35 13.85 27.33 7.65
N TYR C 36 13.68 26.39 6.73
CA TYR C 36 14.78 25.98 5.85
C TYR C 36 14.18 25.37 4.59
N GLY C 37 14.33 26.07 3.46
CA GLY C 37 13.78 25.58 2.21
C GLY C 37 13.90 26.56 1.07
N LYS C 38 12.82 26.75 0.32
CA LYS C 38 12.80 27.65 -0.82
C LYS C 38 13.02 29.08 -0.37
N VAL C 39 13.64 29.87 -1.25
CA VAL C 39 14.00 31.24 -0.91
C VAL C 39 12.75 32.08 -0.67
N ILE C 40 12.84 32.99 0.30
CA ILE C 40 11.76 33.94 0.58
C ILE C 40 12.36 35.33 0.63
N ARG C 41 11.49 36.32 0.46
CA ARG C 41 11.92 37.71 0.50
C ARG C 41 12.26 38.12 1.93
N ASP C 42 13.10 39.15 2.05
CA ASP C 42 13.57 39.59 3.34
C ASP C 42 12.52 40.42 4.04
N LYS C 43 12.34 40.17 5.34
CA LYS C 43 11.45 40.94 6.19
C LYS C 43 12.13 41.08 7.55
N GLU C 44 11.59 41.97 8.38
CA GLU C 44 12.27 42.29 9.67
C GLU C 44 11.38 41.95 10.86
N ASP C 45 10.42 41.05 10.67
CA ASP C 45 9.60 40.61 11.83
C ASP C 45 8.99 39.25 11.53
N PHE C 46 9.81 38.20 11.48
CA PHE C 46 9.25 36.84 11.31
C PHE C 46 8.93 36.33 12.72
N GLY C 47 8.28 37.18 13.53
CA GLY C 47 7.98 36.80 14.92
C GLY C 47 6.62 36.14 15.05
N TYR C 48 5.84 36.11 13.97
CA TYR C 48 4.54 35.39 14.03
C TYR C 48 4.81 33.89 14.07
N LEU C 49 6.08 33.49 14.01
CA LEU C 49 6.45 32.06 14.08
C LEU C 49 7.20 31.79 15.38
N SER C 69 8.67 23.21 26.39
CA SER C 69 10.04 23.01 26.84
C SER C 69 10.89 22.64 25.63
N MET C 70 12.13 22.23 25.89
CA MET C 70 13.03 21.83 24.82
C MET C 70 12.56 20.57 24.11
N GLN C 71 11.62 19.83 24.70
CA GLN C 71 11.07 18.66 24.04
C GLN C 71 10.20 19.04 22.83
N TYR C 72 9.70 20.27 22.78
CA TYR C 72 8.73 20.67 21.77
C TYR C 72 9.18 21.91 21.02
N THR C 73 10.48 22.05 20.77
CA THR C 73 11.00 23.18 20.02
C THR C 73 12.12 22.71 19.10
N ARG C 74 12.45 23.56 18.13
CA ARG C 74 13.37 23.21 17.05
C ARG C 74 14.72 23.88 17.31
N GLN C 75 15.62 23.15 17.95
CA GLN C 75 16.96 23.63 18.24
C GLN C 75 17.99 22.81 17.46
N GLU C 76 19.08 23.46 17.06
CA GLU C 76 20.05 22.82 16.19
C GLU C 76 21.35 22.44 16.89
N TYR C 77 21.35 22.35 18.21
CA TYR C 77 22.46 21.61 18.82
C TYR C 77 22.01 21.12 20.19
N PRO C 78 21.22 20.04 20.25
CA PRO C 78 20.60 19.64 21.51
C PRO C 78 21.57 18.97 22.45
N VAL C 79 21.24 19.05 23.74
CA VAL C 79 22.06 18.52 24.81
C VAL C 79 21.16 17.78 25.80
N TYR C 80 21.56 16.58 26.24
CA TYR C 80 20.73 15.78 27.17
C TYR C 80 20.64 16.46 28.52
N GLY C 81 19.68 16.05 29.36
CA GLY C 81 19.45 16.75 30.64
C GLY C 81 18.66 18.03 30.38
N THR C 82 18.19 18.69 31.44
CA THR C 82 17.34 19.90 31.27
C THR C 82 16.08 19.51 30.49
N GLY C 83 15.48 18.36 30.81
CA GLY C 83 14.35 17.92 29.97
C GLY C 83 14.86 17.52 28.59
N ASP C 84 14.08 17.76 27.55
CA ASP C 84 14.49 17.32 26.18
C ASP C 84 14.86 15.85 26.24
N TYR C 85 13.91 15.00 26.58
CA TYR C 85 14.19 13.55 26.73
C TYR C 85 14.23 12.90 25.35
N ARG C 86 15.17 13.30 24.51
CA ARG C 86 15.33 12.69 23.17
C ARG C 86 16.82 12.46 22.94
N SER C 87 17.20 11.69 21.91
CA SER C 87 18.63 11.36 21.71
C SER C 87 19.45 12.64 21.62
N PRO C 88 20.57 12.79 22.36
CA PRO C 88 21.35 14.03 22.37
C PRO C 88 22.33 14.08 21.21
N ALA C 89 23.04 15.21 21.13
CA ALA C 89 24.07 15.42 20.13
C ALA C 89 25.44 15.70 20.71
N LEU C 90 25.52 16.03 21.99
CA LEU C 90 26.79 16.35 22.64
C LEU C 90 26.79 15.77 24.04
N THR C 91 27.94 15.26 24.48
CA THR C 91 28.08 14.70 25.82
C THR C 91 29.48 15.00 26.34
N VAL C 92 29.57 15.54 27.55
CA VAL C 92 30.84 15.85 28.19
C VAL C 92 30.84 15.26 29.59
N LEU C 93 31.97 14.67 29.98
CA LEU C 93 32.15 14.11 31.31
C LEU C 93 33.20 14.92 32.04
N GLN C 94 32.84 15.47 33.19
CA GLN C 94 33.70 16.37 33.94
C GLN C 94 34.37 15.63 35.10
N GLU C 95 35.12 16.38 35.91
CA GLU C 95 35.84 15.78 37.02
C GLU C 95 34.90 15.22 38.08
N ASN C 96 33.83 15.94 38.40
CA ASN C 96 32.87 15.50 39.40
C ASN C 96 31.49 15.27 38.82
N GLY C 97 30.92 16.25 38.13
CA GLY C 97 29.59 16.10 37.58
C GLY C 97 29.54 15.03 36.51
N SER C 98 28.33 14.54 36.24
CA SER C 98 28.20 13.42 35.32
C SER C 98 28.21 13.89 33.86
N ARG C 99 27.15 14.59 33.46
CA ARG C 99 27.05 14.99 32.06
C ARG C 99 26.38 16.34 31.84
N LEU C 100 26.02 17.08 32.89
CA LEU C 100 25.24 18.28 32.71
C LEU C 100 26.10 19.42 32.16
N VAL C 101 25.53 20.16 31.21
CA VAL C 101 26.23 21.28 30.59
C VAL C 101 25.19 22.21 29.98
N ASP C 102 25.45 23.51 30.07
CA ASP C 102 24.58 24.52 29.50
C ASP C 102 25.40 25.74 29.12
N PHE C 103 25.09 26.31 27.95
CA PHE C 103 25.88 27.39 27.39
C PHE C 103 25.01 28.30 26.55
N SER C 104 25.47 29.54 26.38
CA SER C 104 24.63 30.61 25.86
C SER C 104 25.42 31.52 24.92
N TYR C 105 24.68 32.29 24.14
CA TYR C 105 25.25 33.16 23.13
C TYR C 105 25.98 34.35 23.76
N VAL C 106 27.17 34.66 23.25
CA VAL C 106 27.93 35.79 23.77
C VAL C 106 28.34 36.79 22.70
N SER C 107 28.51 36.33 21.46
CA SER C 107 29.01 37.20 20.40
C SER C 107 28.95 36.47 19.06
N HIS C 108 29.16 37.23 17.99
CA HIS C 108 29.15 36.69 16.64
C HIS C 108 29.91 37.65 15.72
N GLU C 109 30.27 37.14 14.54
CA GLU C 109 31.00 37.94 13.56
C GLU C 109 30.75 37.38 12.17
N ILE C 110 30.98 38.22 11.17
CA ILE C 110 30.67 37.91 9.78
C ILE C 110 31.90 38.13 8.91
N TYR C 111 32.28 37.12 8.14
CA TYR C 111 33.41 37.16 7.25
C TYR C 111 32.96 37.37 5.81
N LYS C 112 33.89 37.25 4.88
CA LYS C 112 33.59 37.16 3.45
C LYS C 112 34.59 36.19 2.84
N GLY C 113 34.09 35.10 2.27
CA GLY C 113 34.92 34.02 1.80
C GLY C 113 35.13 32.96 2.87
N LYS C 114 35.41 31.74 2.40
CA LYS C 114 35.54 30.60 3.29
C LYS C 114 36.92 30.58 3.92
N LYS C 115 36.97 30.33 5.22
CA LYS C 115 38.22 30.29 5.96
C LYS C 115 38.74 28.87 6.02
N GLY C 116 40.03 28.64 6.25
CA GLY C 116 40.48 27.24 6.22
C GLY C 116 40.33 26.46 7.53
N ILE C 117 39.86 25.20 7.47
CA ILE C 117 39.82 24.32 8.68
C ILE C 117 41.15 23.58 8.69
N PRO C 118 42.03 23.75 9.70
CA PRO C 118 43.39 23.19 9.65
C PRO C 118 43.64 21.68 9.53
N PRO C 119 43.25 20.83 10.49
CA PRO C 119 43.64 19.40 10.44
C PRO C 119 42.92 18.57 9.37
N LEU C 120 41.60 18.65 9.29
CA LEU C 120 40.84 17.75 8.37
C LEU C 120 40.74 18.35 6.97
N PRO C 121 40.28 17.59 5.95
CA PRO C 121 40.10 18.10 4.61
C PRO C 121 38.71 18.74 4.44
N SER C 122 38.59 19.75 3.59
CA SER C 122 37.28 20.45 3.40
C SER C 122 37.16 21.02 1.99
N THR C 123 36.31 22.02 1.79
CA THR C 123 36.14 22.67 0.47
C THR C 123 36.89 24.00 0.47
N TYR C 124 36.77 24.81 -0.57
CA TYR C 124 37.44 26.11 -0.54
C TYR C 124 36.75 27.02 -1.54
N ALA C 125 37.17 28.29 -1.54
CA ALA C 125 36.67 29.28 -2.48
C ALA C 125 37.85 30.03 -3.08
N GLU C 126 37.72 30.41 -4.36
CA GLU C 126 38.79 31.12 -5.03
C GLU C 126 38.75 32.61 -4.73
N SER C 127 37.67 33.28 -5.13
CA SER C 127 37.53 34.70 -4.91
C SER C 127 36.84 34.99 -3.59
N GLU C 128 37.01 36.21 -3.10
CA GLU C 128 36.44 36.58 -1.81
C GLU C 128 34.92 36.63 -1.85
N ASP C 129 34.34 37.04 -2.97
CA ASP C 129 32.89 37.20 -3.07
C ASP C 129 32.17 35.90 -3.41
N GLU C 130 32.89 34.81 -3.57
CA GLU C 130 32.28 33.56 -3.99
C GLU C 130 31.49 32.89 -2.85
N ALA C 131 31.73 33.30 -1.60
CA ALA C 131 31.03 32.71 -0.47
C ALA C 131 31.03 33.68 0.69
N GLU C 132 30.14 33.42 1.64
CA GLU C 132 30.04 34.20 2.87
C GLU C 132 30.08 33.25 4.06
N THR C 133 30.49 33.78 5.21
CA THR C 133 30.64 32.96 6.41
C THR C 133 30.13 33.70 7.63
N LEU C 134 29.49 32.97 8.53
CA LEU C 134 29.02 33.50 9.81
C LEU C 134 29.54 32.63 10.93
N GLU C 135 30.12 33.25 11.95
CA GLU C 135 30.63 32.55 13.12
C GLU C 135 29.94 33.09 14.37
N VAL C 136 29.42 32.18 15.19
CA VAL C 136 28.75 32.53 16.43
C VAL C 136 29.44 31.79 17.57
N THR C 137 29.69 32.48 18.67
CA THR C 137 30.42 31.93 19.80
C THR C 137 29.49 31.74 20.98
N LEU C 138 29.56 30.57 21.60
CA LEU C 138 28.77 30.24 22.77
C LEU C 138 29.70 29.78 23.88
N HIS C 139 29.38 30.15 25.12
CA HIS C 139 30.28 29.93 26.24
C HIS C 139 29.55 29.26 27.40
N ASP C 140 30.26 28.35 28.06
CA ASP C 140 29.80 27.69 29.28
C ASP C 140 30.61 28.21 30.45
N GLN C 141 29.92 28.72 31.47
CA GLN C 141 30.60 29.42 32.56
C GLN C 141 31.02 28.52 33.71
N VAL C 142 30.48 27.30 33.81
CA VAL C 142 30.84 26.41 34.90
C VAL C 142 32.04 25.53 34.59
N THR C 143 32.48 25.48 33.33
CA THR C 143 33.67 24.73 32.97
C THR C 143 34.63 25.52 32.08
N ASP C 144 34.23 26.70 31.62
CA ASP C 144 35.06 27.56 30.76
C ASP C 144 35.46 26.83 29.48
N THR C 145 34.46 26.52 28.66
CA THR C 145 34.65 25.96 27.34
C THR C 145 33.86 26.79 26.34
N ASP C 146 34.25 26.71 25.07
CA ASP C 146 33.65 27.53 24.04
C ASP C 146 33.16 26.68 22.88
N LEU C 147 31.98 27.00 22.39
CA LEU C 147 31.45 26.48 21.13
C LEU C 147 31.58 27.54 20.06
N VAL C 148 31.94 27.14 18.86
CA VAL C 148 32.00 28.05 17.72
C VAL C 148 31.27 27.37 16.57
N LEU C 149 30.02 27.76 16.34
CA LEU C 149 29.23 27.21 15.25
C LEU C 149 29.47 28.06 14.00
N THR C 150 29.80 27.39 12.90
CA THR C 150 30.15 28.06 11.65
C THR C 150 29.15 27.70 10.57
N TYR C 151 28.67 28.69 9.84
CA TYR C 151 27.78 28.50 8.71
C TYR C 151 28.38 29.18 7.48
N THR C 152 28.44 28.47 6.37
CA THR C 152 28.97 28.99 5.13
C THR C 152 27.90 28.88 4.06
N ILE C 153 27.70 29.96 3.30
CA ILE C 153 26.73 29.99 2.22
C ILE C 153 27.46 30.36 0.94
N TYR C 154 27.23 29.59 -0.12
CA TYR C 154 27.87 29.83 -1.39
C TYR C 154 27.03 30.80 -2.23
N GLU C 155 27.52 31.12 -3.40
CA GLU C 155 26.76 31.83 -4.41
C GLU C 155 26.81 31.02 -5.69
N ASP C 156 25.73 31.09 -6.47
CA ASP C 156 25.55 30.35 -7.71
C ASP C 156 25.36 28.85 -7.48
N TYR C 157 25.21 28.42 -6.22
CA TYR C 157 24.86 27.04 -5.90
C TYR C 157 23.94 27.05 -4.68
N PRO C 158 23.05 26.08 -4.58
CA PRO C 158 22.22 25.93 -3.37
C PRO C 158 22.84 25.01 -2.32
N VAL C 159 23.96 25.43 -1.73
CA VAL C 159 24.69 24.61 -0.79
C VAL C 159 24.98 25.40 0.48
N ILE C 160 24.91 24.72 1.62
CA ILE C 160 25.24 25.30 2.93
C ILE C 160 26.04 24.26 3.70
N THR C 161 27.10 24.70 4.39
CA THR C 161 27.96 23.82 5.14
C THR C 161 28.02 24.23 6.60
N ARG C 162 28.32 23.25 7.47
CA ARG C 162 28.38 23.49 8.90
C ARG C 162 29.53 22.68 9.50
N ASN C 163 29.98 23.11 10.67
CA ASN C 163 30.94 22.37 11.48
C ASN C 163 30.87 22.92 12.90
N ALA C 164 31.83 22.51 13.73
CA ALA C 164 31.84 22.92 15.14
C ALA C 164 33.26 22.85 15.66
N ARG C 165 33.48 23.49 16.81
CA ARG C 165 34.81 23.53 17.40
C ARG C 165 34.66 23.66 18.91
N PHE C 166 35.63 23.08 19.63
CA PHE C 166 35.66 23.13 21.08
C PHE C 166 37.01 23.65 21.53
N GLU C 167 37.00 24.65 22.40
CA GLU C 167 38.22 25.20 22.99
C GLU C 167 38.01 25.34 24.49
N GLN C 168 39.01 24.91 25.26
CA GLN C 168 38.94 24.98 26.71
C GLN C 168 39.85 26.08 27.21
N LYS C 169 39.28 27.03 27.95
CA LYS C 169 40.02 28.14 28.51
C LYS C 169 40.33 27.96 29.98
N GLY C 170 39.58 27.12 30.69
CA GLY C 170 39.78 26.90 32.11
C GLY C 170 41.00 26.05 32.39
N GLU C 171 40.91 25.25 33.45
CA GLU C 171 42.05 24.44 33.85
C GLU C 171 41.66 22.98 34.08
N GLN C 172 40.40 22.73 34.43
CA GLN C 172 39.96 21.39 34.74
C GLN C 172 39.79 20.56 33.46
N LYS C 173 40.08 19.27 33.57
CA LYS C 173 39.97 18.36 32.44
C LYS C 173 38.51 18.09 32.11
N ILE C 174 38.25 17.86 30.83
CA ILE C 174 36.95 17.38 30.36
C ILE C 174 37.19 16.24 29.39
N VAL C 175 36.16 15.43 29.21
CA VAL C 175 36.20 14.29 28.30
C VAL C 175 35.03 14.38 27.35
N LEU C 176 35.31 14.28 26.05
CA LEU C 176 34.27 14.27 25.02
C LEU C 176 33.99 12.82 24.64
N GLU C 177 32.73 12.40 24.77
CA GLU C 177 32.36 11.06 24.39
C GLU C 177 31.23 10.99 23.38
N ARG C 178 30.77 12.13 22.86
CA ARG C 178 29.85 12.17 21.74
C ARG C 178 29.83 13.58 21.18
N ALA C 179 30.07 13.72 19.88
CA ALA C 179 30.09 15.04 19.26
C ALA C 179 29.65 14.91 17.81
N MET C 180 28.63 15.65 17.42
CA MET C 180 28.04 15.57 16.10
C MET C 180 28.28 16.86 15.33
N SER C 181 28.40 16.72 14.01
CA SER C 181 28.71 17.88 13.17
C SER C 181 27.49 18.78 12.97
N ALA C 182 26.32 18.20 12.73
CA ALA C 182 25.15 19.00 12.39
C ALA C 182 23.89 18.36 12.94
N SER C 183 22.84 19.17 13.05
CA SER C 183 21.55 18.71 13.56
C SER C 183 20.47 19.66 13.07
N VAL C 184 19.60 19.19 12.18
CA VAL C 184 18.52 20.00 11.64
C VAL C 184 17.23 19.18 11.68
N GLU C 185 16.13 19.81 12.10
CA GLU C 185 14.89 19.08 12.30
C GLU C 185 13.71 19.84 11.73
N PHE C 186 12.66 19.08 11.38
CA PHE C 186 11.49 19.56 10.66
C PHE C 186 10.25 19.46 11.54
N LEU C 187 9.08 19.72 10.93
CA LEU C 187 7.82 19.74 11.67
C LEU C 187 6.84 18.64 11.26
N ASP C 188 7.19 17.78 10.32
CA ASP C 188 6.28 16.73 9.90
C ASP C 188 7.07 15.48 9.52
N MET C 189 6.40 14.33 9.59
CA MET C 189 7.03 13.04 9.38
C MET C 189 6.60 12.38 8.07
N ASP C 190 6.24 13.18 7.08
CA ASP C 190 5.77 12.66 5.78
C ASP C 190 6.92 12.72 4.80
N TYR C 191 7.87 11.80 4.96
CA TYR C 191 9.09 11.80 4.16
C TYR C 191 9.45 10.35 3.83
N GLU C 192 10.62 10.18 3.23
CA GLU C 192 11.16 8.87 2.92
C GLU C 192 12.68 8.94 3.01
N LEU C 193 13.28 7.89 3.54
CA LEU C 193 14.72 7.85 3.74
C LEU C 193 15.38 7.09 2.59
N VAL C 194 16.43 7.68 2.03
CA VAL C 194 17.17 7.08 0.92
C VAL C 194 18.59 6.83 1.37
N GLN C 195 19.09 5.62 1.13
CA GLN C 195 20.42 5.24 1.58
C GLN C 195 21.08 4.37 0.52
N LEU C 196 22.41 4.31 0.59
CA LEU C 196 23.22 3.52 -0.34
C LEU C 196 23.90 2.42 0.47
N SER C 197 23.43 1.19 0.32
CA SER C 197 23.92 0.08 1.12
C SER C 197 24.20 -1.12 0.24
N GLY C 198 25.19 -1.91 0.63
CA GLY C 198 25.52 -3.11 -0.12
C GLY C 198 26.72 -3.80 0.50
N ALA C 199 27.10 -4.92 -0.11
CA ALA C 199 28.21 -5.74 0.33
C ALA C 199 29.26 -5.80 -0.76
N TRP C 200 30.25 -6.67 -0.57
CA TRP C 200 31.32 -6.81 -1.54
C TRP C 200 30.75 -7.22 -2.89
N SER C 201 31.20 -6.54 -3.95
CA SER C 201 30.77 -6.74 -5.33
C SER C 201 29.30 -6.42 -5.55
N ARG C 202 28.64 -5.80 -4.57
CA ARG C 202 27.25 -5.35 -4.72
C ARG C 202 27.04 -4.00 -4.07
N GLU C 203 28.07 -3.16 -4.05
CA GLU C 203 28.03 -1.94 -3.25
C GLU C 203 27.08 -0.91 -3.83
N ARG C 204 26.53 -0.08 -2.95
CA ARG C 204 25.73 1.10 -3.32
C ARG C 204 24.51 0.72 -4.14
N TYR C 205 23.60 0.00 -3.47
CA TYR C 205 22.27 -0.27 -4.00
C TYR C 205 21.28 0.68 -3.34
N VAL C 206 20.41 1.29 -4.14
CA VAL C 206 19.47 2.28 -3.64
C VAL C 206 18.32 1.59 -2.92
N LYS C 207 17.99 2.08 -1.73
CA LYS C 207 16.91 1.52 -0.95
C LYS C 207 16.09 2.64 -0.31
N ASN C 208 14.77 2.44 -0.27
CA ASN C 208 13.85 3.42 0.30
C ASN C 208 13.09 2.80 1.46
N ARG C 209 12.90 3.57 2.53
CA ARG C 209 12.16 3.12 3.69
C ARG C 209 11.35 4.28 4.25
N LYS C 210 10.11 4.01 4.62
CA LYS C 210 9.23 5.04 5.12
C LYS C 210 9.54 5.36 6.57
N LEU C 211 9.38 6.62 6.96
CA LEU C 211 9.69 7.07 8.31
C LEU C 211 8.53 6.69 9.23
N GLU C 212 8.82 5.89 10.25
CA GLU C 212 7.85 5.53 11.26
C GLU C 212 8.39 5.89 12.64
N MET C 213 7.51 6.00 13.64
CA MET C 213 7.89 6.43 14.98
C MET C 213 8.95 5.49 15.54
N GLY C 214 10.06 6.06 16.00
CA GLY C 214 11.14 5.27 16.55
C GLY C 214 12.49 5.85 16.18
N ILE C 215 13.49 5.00 16.00
CA ILE C 215 14.79 5.41 15.51
C ILE C 215 15.21 4.47 14.39
N GLN C 216 15.57 5.03 13.25
CA GLN C 216 16.15 4.28 12.15
C GLN C 216 17.38 5.01 11.63
N SER C 217 18.43 4.25 11.35
CA SER C 217 19.73 4.84 11.08
C SER C 217 20.62 3.84 10.36
N VAL C 218 21.78 4.33 9.94
CA VAL C 218 22.84 3.49 9.40
C VAL C 218 24.11 3.83 10.16
N HIS C 219 25.08 2.92 10.08
CA HIS C 219 26.33 3.10 10.81
C HIS C 219 27.40 2.22 10.17
N SER C 220 28.64 2.49 10.53
CA SER C 220 29.77 1.70 10.05
C SER C 220 30.91 1.87 11.03
N LEU C 221 31.44 0.77 11.54
CA LEU C 221 32.50 0.82 12.54
C LEU C 221 33.60 -0.19 12.23
N ASN C 222 33.93 -0.35 10.95
CA ASN C 222 35.01 -1.25 10.56
C ASN C 222 36.38 -0.70 10.92
N GLY C 223 36.48 0.59 11.26
CA GLY C 223 37.72 1.14 11.73
C GLY C 223 38.64 1.68 10.65
N THR C 224 39.20 0.78 9.84
CA THR C 224 40.16 1.20 8.82
C THR C 224 39.48 2.05 7.74
N CYS C 225 38.37 1.56 7.19
CA CYS C 225 37.65 2.26 6.14
C CYS C 225 36.18 2.39 6.53
N GLY C 226 35.56 3.46 6.09
CA GLY C 226 34.20 3.75 6.48
C GLY C 226 33.14 3.13 5.61
N GLY C 227 33.21 3.35 4.30
CA GLY C 227 32.16 2.91 3.40
C GLY C 227 32.24 1.45 3.00
N ALA C 228 32.49 0.56 3.97
CA ALA C 228 32.56 -0.86 3.65
C ALA C 228 31.20 -1.41 3.28
N GLU C 229 30.15 -1.02 4.00
CA GLU C 229 28.81 -1.52 3.75
C GLU C 229 27.74 -0.45 3.77
N HIS C 230 28.06 0.79 4.12
CA HIS C 230 27.07 1.87 4.14
C HIS C 230 27.79 3.17 3.79
N ASN C 231 27.43 3.76 2.66
CA ASN C 231 28.06 4.99 2.23
C ASN C 231 27.56 6.16 3.08
N PRO C 232 28.43 7.09 3.50
CA PRO C 232 27.97 8.20 4.34
C PRO C 232 27.15 9.24 3.59
N PHE C 233 25.87 8.93 3.32
CA PHE C 233 25.00 9.88 2.64
C PHE C 233 23.56 9.42 2.83
N ILE C 234 22.72 10.32 3.34
CA ILE C 234 21.29 10.06 3.47
C ILE C 234 20.53 11.24 2.90
N ALA C 235 19.30 10.97 2.46
CA ALA C 235 18.47 11.98 1.84
C ALA C 235 17.03 11.80 2.30
N LEU C 236 16.28 12.90 2.32
CA LEU C 236 14.87 12.90 2.66
C LEU C 236 14.08 13.42 1.47
N LYS C 237 13.06 12.68 1.06
CA LYS C 237 12.27 13.08 -0.10
C LYS C 237 10.80 12.85 0.17
N ARG C 238 9.97 13.62 -0.52
CA ARG C 238 8.53 13.42 -0.44
C ARG C 238 8.16 12.09 -1.10
N PRO C 239 7.06 11.48 -0.68
CA PRO C 239 6.72 10.15 -1.23
C PRO C 239 6.49 10.16 -2.73
N GLN C 240 6.10 11.30 -3.31
CA GLN C 240 5.79 11.38 -4.73
C GLN C 240 6.91 11.99 -5.55
N THR C 241 8.10 12.13 -4.99
CA THR C 241 9.21 12.76 -5.70
C THR C 241 9.86 11.75 -6.63
N THR C 242 9.82 12.03 -7.93
CA THR C 242 10.49 11.22 -8.93
C THR C 242 11.77 11.92 -9.37
N GLU C 243 12.39 11.39 -10.42
CA GLU C 243 13.64 11.95 -10.92
C GLU C 243 13.44 13.20 -11.76
N ASN C 244 12.24 13.78 -11.78
CA ASN C 244 11.97 14.93 -12.61
C ASN C 244 11.25 16.06 -11.91
N GLN C 245 10.56 15.80 -10.80
CA GLN C 245 9.92 16.86 -10.03
C GLN C 245 9.74 16.40 -8.60
N GLY C 246 9.51 17.37 -7.71
CA GLY C 246 9.28 17.10 -6.31
C GLY C 246 10.34 17.76 -5.43
N GLU C 247 10.23 17.48 -4.13
CA GLU C 247 11.13 17.99 -3.13
C GLU C 247 12.15 16.93 -2.73
N VAL C 248 13.32 17.37 -2.27
CA VAL C 248 14.34 16.46 -1.77
C VAL C 248 15.37 17.28 -1.00
N TYR C 249 16.01 16.63 -0.04
CA TYR C 249 17.09 17.22 0.74
C TYR C 249 18.32 16.33 0.63
N GLY C 250 19.48 16.90 0.91
CA GLY C 250 20.73 16.17 0.83
C GLY C 250 21.57 16.38 2.06
N PHE C 251 22.40 15.37 2.36
CA PHE C 251 23.30 15.41 3.51
C PHE C 251 24.52 14.56 3.19
N SER C 252 25.69 15.17 3.13
CA SER C 252 26.92 14.45 2.82
C SER C 252 27.99 14.80 3.85
N LEU C 253 28.72 13.78 4.29
CA LEU C 253 29.75 13.92 5.32
C LEU C 253 31.12 13.74 4.69
N VAL C 254 32.04 14.64 4.99
CA VAL C 254 33.39 14.58 4.44
C VAL C 254 34.27 13.94 5.52
N TYR C 255 34.36 12.62 5.49
CA TYR C 255 35.14 11.88 6.47
C TYR C 255 35.36 10.47 5.98
N SER C 256 36.33 9.79 6.59
CA SER C 256 36.70 8.43 6.21
C SER C 256 36.54 7.40 7.31
N GLY C 257 36.55 7.79 8.57
CA GLY C 257 36.46 6.84 9.66
C GLY C 257 35.03 6.38 9.91
N ASN C 258 34.82 5.85 11.10
CA ASN C 258 33.49 5.41 11.50
C ASN C 258 32.55 6.60 11.60
N PHE C 259 31.31 6.41 11.15
CA PHE C 259 30.33 7.47 11.13
C PHE C 259 28.99 6.93 11.62
N LEU C 260 28.05 7.85 11.84
CA LEU C 260 26.71 7.52 12.28
C LEU C 260 25.75 8.52 11.68
N ALA C 261 24.58 8.04 11.23
CA ALA C 261 23.60 8.89 10.56
C ALA C 261 22.21 8.49 11.06
N GLN C 262 21.67 9.26 12.00
CA GLN C 262 20.39 8.96 12.62
C GLN C 262 19.26 9.73 11.95
N ALA C 263 18.03 9.26 12.18
CA ALA C 263 16.83 10.01 11.83
C ALA C 263 15.75 9.56 12.81
N GLU C 264 15.51 10.35 13.85
CA GLU C 264 14.60 9.99 14.91
C GLU C 264 13.35 10.86 14.85
N VAL C 265 12.19 10.24 14.83
CA VAL C 265 10.92 10.95 14.80
C VAL C 265 10.15 10.65 16.08
N SER C 266 9.68 11.71 16.73
CA SER C 266 9.00 11.58 18.00
C SER C 266 7.50 11.46 17.79
N THR C 267 6.76 11.40 18.89
CA THR C 267 5.32 11.18 18.82
C THR C 267 4.54 12.39 18.37
N PHE C 268 5.16 13.57 18.26
CA PHE C 268 4.52 14.75 17.71
C PHE C 268 4.93 15.03 16.29
N ASP C 269 5.47 14.03 15.58
CA ASP C 269 5.84 14.16 14.17
C ASP C 269 6.88 15.26 13.97
N MET C 270 8.01 15.16 14.67
CA MET C 270 9.11 16.10 14.53
C MET C 270 10.37 15.32 14.22
N THR C 271 10.63 15.09 12.93
CA THR C 271 11.84 14.40 12.52
C THR C 271 13.07 15.23 12.86
N ARG C 272 14.14 14.55 13.27
CA ARG C 272 15.42 15.18 13.54
C ARG C 272 16.52 14.30 13.01
N VAL C 273 17.46 14.89 12.27
CA VAL C 273 18.57 14.13 11.68
C VAL C 273 19.88 14.71 12.20
N MET C 274 20.91 13.87 12.19
CA MET C 274 22.22 14.31 12.62
C MET C 274 23.28 13.38 12.04
N LEU C 275 24.41 13.97 11.67
CA LEU C 275 25.57 13.26 11.14
C LEU C 275 26.75 13.48 12.06
N GLY C 276 27.72 12.56 12.03
CA GLY C 276 28.90 12.72 12.85
C GLY C 276 29.76 11.47 12.82
N ILE C 277 30.69 11.41 13.75
CA ILE C 277 31.56 10.26 13.91
C ILE C 277 30.95 9.31 14.93
N ASN C 278 31.14 8.02 14.71
CA ASN C 278 30.49 7.00 15.53
C ASN C 278 30.98 7.09 16.96
N PRO C 279 30.11 7.27 17.95
CA PRO C 279 30.57 7.44 19.33
C PRO C 279 30.81 6.12 20.05
N GLU C 280 30.89 5.02 19.31
CA GLU C 280 30.97 3.72 19.95
C GLU C 280 32.24 3.57 20.77
N ASP C 281 33.39 3.84 20.17
CA ASP C 281 34.68 3.71 20.86
C ASP C 281 35.46 5.00 20.77
N PHE C 282 34.76 6.12 20.92
CA PHE C 282 35.34 7.45 20.83
C PHE C 282 35.28 8.11 22.20
N SER C 283 36.42 8.57 22.70
CA SER C 283 36.47 9.31 23.96
C SER C 283 37.73 10.17 23.94
N TRP C 284 37.53 11.47 23.81
CA TRP C 284 38.62 12.43 23.66
C TRP C 284 38.75 13.26 24.92
N GLU C 285 39.98 13.47 25.37
CA GLU C 285 40.26 14.26 26.56
C GLU C 285 40.89 15.59 26.17
N LEU C 286 40.39 16.66 26.75
CA LEU C 286 40.86 18.01 26.45
C LEU C 286 41.60 18.58 27.66
N ASN C 287 42.68 19.30 27.39
CA ASN C 287 43.45 19.99 28.41
C ASN C 287 43.36 21.48 28.15
N GLN C 288 43.82 22.28 29.12
CA GLN C 288 43.82 23.73 28.98
C GLN C 288 44.65 24.13 27.76
N GLY C 289 44.06 24.95 26.90
CA GLY C 289 44.71 25.37 25.68
C GLY C 289 44.64 24.41 24.53
N GLU C 290 43.90 23.32 24.66
CA GLU C 290 43.75 22.33 23.59
C GLU C 290 42.38 22.48 22.94
N SER C 291 42.27 21.95 21.72
CA SER C 291 41.06 22.13 20.92
C SER C 291 40.78 20.87 20.11
N PHE C 292 39.53 20.73 19.70
CA PHE C 292 39.07 19.60 18.90
C PHE C 292 38.23 20.10 17.75
N GLN C 293 38.51 19.59 16.56
CA GLN C 293 37.85 20.02 15.33
C GLN C 293 37.04 18.87 14.75
N THR C 294 35.80 19.14 14.39
CA THR C 294 34.88 18.12 13.93
C THR C 294 34.69 18.19 12.41
N PRO C 295 34.41 17.07 11.75
CA PRO C 295 34.31 17.07 10.28
C PRO C 295 33.15 17.92 9.79
N GLU C 296 33.12 18.13 8.48
CA GLU C 296 32.20 19.05 7.83
C GLU C 296 31.06 18.28 7.15
N VAL C 297 29.94 18.98 7.00
CA VAL C 297 28.77 18.43 6.33
C VAL C 297 28.30 19.42 5.28
N VAL C 298 27.72 18.91 4.20
CA VAL C 298 27.27 19.72 3.07
C VAL C 298 25.81 19.41 2.80
N MET C 299 24.98 20.44 2.76
CA MET C 299 23.54 20.29 2.60
C MET C 299 23.10 20.89 1.27
N VAL C 300 22.25 20.19 0.55
CA VAL C 300 21.74 20.64 -0.74
C VAL C 300 20.22 20.50 -0.74
N TYR C 301 19.54 21.55 -1.23
CA TYR C 301 18.09 21.56 -1.34
C TYR C 301 17.71 21.69 -2.80
N SER C 302 16.77 20.85 -3.24
CA SER C 302 16.30 20.85 -4.61
C SER C 302 14.79 20.74 -4.64
N ASP C 303 14.17 21.46 -5.58
CA ASP C 303 12.73 21.43 -5.77
C ASP C 303 12.33 20.99 -7.17
N ARG C 304 13.20 20.24 -7.85
CA ARG C 304 12.93 19.78 -9.20
C ARG C 304 13.38 18.34 -9.42
N GLY C 305 13.32 17.51 -8.38
CA GLY C 305 13.67 16.11 -8.51
C GLY C 305 15.08 15.83 -8.06
N LEU C 306 15.46 14.56 -8.19
CA LEU C 306 16.79 14.12 -7.76
C LEU C 306 17.87 14.64 -8.69
N ASN C 307 17.55 14.91 -9.95
CA ASN C 307 18.57 15.30 -10.91
C ASN C 307 19.24 16.61 -10.52
N LYS C 308 18.47 17.60 -10.09
CA LYS C 308 19.05 18.88 -9.71
C LYS C 308 20.04 18.74 -8.56
N MET C 309 19.67 17.96 -7.54
CA MET C 309 20.60 17.71 -6.45
C MET C 309 21.85 17.00 -6.96
N SER C 310 21.67 16.08 -7.91
CA SER C 310 22.83 15.39 -8.47
C SER C 310 23.78 16.36 -9.16
N GLN C 311 23.25 17.27 -9.99
CA GLN C 311 24.19 18.20 -10.63
C GLN C 311 24.81 19.16 -9.63
N ALA C 312 24.08 19.55 -8.59
CA ALA C 312 24.68 20.41 -7.57
C ALA C 312 25.90 19.74 -6.96
N TYR C 313 25.75 18.49 -6.50
CA TYR C 313 26.88 17.76 -5.95
C TYR C 313 28.00 17.58 -6.98
N HIS C 314 27.64 17.20 -8.20
CA HIS C 314 28.66 16.97 -9.22
C HIS C 314 29.50 18.22 -9.44
N ARG C 315 28.84 19.35 -9.68
CA ARG C 315 29.56 20.58 -9.97
C ARG C 315 30.41 21.01 -8.78
N LEU C 316 29.85 21.01 -7.57
CA LEU C 316 30.61 21.47 -6.42
C LEU C 316 31.83 20.59 -6.17
N TYR C 317 31.64 19.26 -6.21
CA TYR C 317 32.76 18.39 -5.93
C TYR C 317 33.82 18.47 -7.01
N ARG C 318 33.40 18.60 -8.27
CA ARG C 318 34.38 18.63 -9.35
C ARG C 318 35.12 19.95 -9.41
N THR C 319 34.52 21.03 -8.92
CA THR C 319 35.14 22.35 -9.04
C THR C 319 35.88 22.79 -7.78
N ARG C 320 35.23 22.68 -6.62
CA ARG C 320 35.86 23.18 -5.37
C ARG C 320 36.32 22.00 -4.49
N LEU C 321 36.43 20.80 -5.06
CA LEU C 321 36.94 19.64 -4.29
C LEU C 321 37.76 18.72 -5.20
N MET C 322 38.91 19.21 -5.68
CA MET C 322 39.79 18.38 -6.54
C MET C 322 41.17 19.04 -6.66
N ARG C 323 42.24 18.25 -6.66
CA ARG C 323 43.60 18.81 -6.86
C ARG C 323 43.51 19.88 -7.96
N VAL C 324 43.82 21.14 -7.63
CA VAL C 324 43.65 22.19 -8.63
C VAL C 324 44.37 21.84 -9.93
N THR C 325 45.45 21.06 -9.85
CA THR C 325 46.19 20.71 -11.05
C THR C 325 45.36 19.86 -12.00
N TRP C 326 44.60 18.92 -11.45
CA TRP C 326 43.81 17.98 -12.25
C TRP C 326 42.36 18.43 -12.41
N ARG C 327 42.05 19.67 -12.07
CA ARG C 327 40.66 20.12 -12.07
C ARG C 327 40.07 20.12 -13.48
N ASP C 328 40.85 20.55 -14.47
CA ASP C 328 40.31 20.82 -15.81
C ASP C 328 41.12 20.08 -16.88
N LYS C 329 41.35 18.80 -16.67
CA LYS C 329 42.04 17.97 -17.64
C LYS C 329 41.31 16.64 -17.78
N ALA C 330 41.79 15.79 -18.68
CA ALA C 330 41.17 14.50 -18.98
C ALA C 330 42.09 13.37 -18.54
N ARG C 331 41.49 12.34 -17.96
CA ARG C 331 42.28 11.22 -17.45
C ARG C 331 42.80 10.36 -18.60
N PRO C 332 44.01 9.84 -18.48
CA PRO C 332 44.59 9.05 -19.58
C PRO C 332 44.01 7.64 -19.64
N ILE C 333 44.19 7.01 -20.81
CA ILE C 333 43.76 5.64 -21.01
C ILE C 333 44.82 4.70 -20.42
N LEU C 334 44.36 3.74 -19.65
CA LEU C 334 45.22 2.91 -18.81
C LEU C 334 45.16 1.46 -19.24
N LEU C 335 46.26 0.74 -19.07
CA LEU C 335 46.34 -0.68 -19.38
C LEU C 335 47.04 -1.40 -18.26
N ASN C 336 46.50 -2.56 -17.88
CA ASN C 336 47.09 -3.40 -16.85
C ASN C 336 47.59 -4.70 -17.46
N ASN C 337 48.31 -5.48 -16.66
CA ASN C 337 48.91 -6.72 -17.14
C ASN C 337 47.84 -7.80 -17.28
N TRP C 338 47.67 -8.31 -18.50
CA TRP C 338 46.69 -9.34 -18.85
C TRP C 338 45.35 -9.18 -18.12
N GLU C 348 61.83 -9.52 -15.65
CA GLU C 348 62.16 -10.15 -16.92
C GLU C 348 62.88 -9.19 -17.85
N LYS C 349 62.29 -8.00 -18.02
CA LYS C 349 62.82 -6.93 -18.87
C LYS C 349 62.95 -7.36 -20.34
N ILE C 350 62.25 -8.41 -20.73
CA ILE C 350 62.26 -8.87 -22.11
C ILE C 350 60.83 -8.91 -22.63
N LEU C 351 59.99 -9.72 -21.98
CA LEU C 351 58.58 -9.79 -22.37
C LEU C 351 57.87 -8.47 -22.08
N LYS C 352 58.23 -7.82 -20.97
CA LYS C 352 57.56 -6.59 -20.58
C LYS C 352 57.68 -5.53 -21.68
N ILE C 353 58.83 -5.47 -22.33
CA ILE C 353 59.05 -4.51 -23.42
C ILE C 353 58.20 -4.90 -24.62
N ALA C 354 57.93 -6.20 -24.77
CA ALA C 354 57.15 -6.66 -25.92
C ALA C 354 55.72 -6.13 -25.89
N GLU C 355 55.04 -6.27 -24.75
CA GLU C 355 53.68 -5.73 -24.65
C GLU C 355 53.69 -4.21 -24.74
N LYS C 356 54.67 -3.57 -24.11
CA LYS C 356 54.77 -2.12 -24.17
C LYS C 356 55.01 -1.64 -25.59
N ALA C 357 55.54 -2.50 -26.46
CA ALA C 357 55.89 -2.08 -27.81
C ALA C 357 54.66 -1.68 -28.62
N LYS C 358 53.56 -2.43 -28.48
CA LYS C 358 52.36 -2.18 -29.29
C LYS C 358 51.58 -1.01 -28.69
N GLU C 359 51.42 0.05 -29.49
CA GLU C 359 50.62 1.21 -29.11
C GLU C 359 49.40 1.27 -30.02
N ALA C 360 48.26 0.82 -29.50
CA ALA C 360 46.99 0.96 -30.18
C ALA C 360 46.24 2.20 -29.72
N GLY C 361 46.92 3.12 -29.05
CA GLY C 361 46.30 4.32 -28.51
C GLY C 361 46.53 4.43 -27.01
N VAL C 362 47.06 3.36 -26.42
CA VAL C 362 47.31 3.34 -24.98
C VAL C 362 48.32 4.43 -24.62
N GLU C 363 48.16 5.01 -23.44
CA GLU C 363 49.01 6.10 -22.99
C GLU C 363 49.73 5.81 -21.69
N LEU C 364 49.16 5.01 -20.81
CA LEU C 364 49.75 4.71 -19.51
C LEU C 364 49.94 3.20 -19.37
N PHE C 365 51.10 2.81 -18.86
CA PHE C 365 51.46 1.41 -18.66
C PHE C 365 51.83 1.19 -17.21
N VAL C 366 51.25 0.16 -16.59
CA VAL C 366 51.40 -0.08 -15.16
C VAL C 366 51.74 -1.54 -14.94
N LEU C 367 52.34 -1.83 -13.79
CA LEU C 367 52.63 -3.20 -13.38
C LEU C 367 51.73 -3.65 -12.23
N LYS C 409 53.53 6.32 -20.40
CA LYS C 409 54.10 6.65 -19.11
C LYS C 409 54.22 5.41 -18.24
N PHE C 410 54.50 5.59 -16.95
CA PHE C 410 54.80 4.48 -16.07
C PHE C 410 54.07 4.65 -14.74
N GLY C 411 53.77 3.51 -14.10
CA GLY C 411 53.07 3.52 -12.83
C GLY C 411 53.29 2.24 -12.05
N LEU C 412 53.08 2.31 -10.74
CA LEU C 412 53.33 1.22 -9.81
C LEU C 412 52.02 0.77 -9.15
N TRP C 413 52.13 -0.25 -8.31
CA TRP C 413 51.00 -0.83 -7.59
C TRP C 413 51.38 -1.07 -6.14
N VAL C 414 51.94 -0.04 -5.49
CA VAL C 414 52.48 -0.19 -4.15
C VAL C 414 51.35 -0.40 -3.14
N GLU C 415 51.67 -1.12 -2.06
CA GLU C 415 50.73 -1.40 -0.97
C GLU C 415 51.47 -1.17 0.36
N LEU C 416 51.11 -0.10 1.08
CA LEU C 416 51.75 0.23 2.34
C LEU C 416 50.97 -0.37 3.51
N GLU C 417 51.26 0.13 4.71
CA GLU C 417 50.72 -0.33 6.00
C GLU C 417 50.53 -1.84 6.10
N MET C 418 51.46 -2.61 5.56
CA MET C 418 51.51 -4.06 5.74
C MET C 418 52.85 -4.45 6.33
N VAL C 419 52.85 -5.57 7.06
CA VAL C 419 54.05 -6.08 7.70
C VAL C 419 54.02 -7.60 7.64
N ASN C 420 55.21 -8.21 7.61
CA ASN C 420 55.37 -9.65 7.51
C ASN C 420 54.62 -10.23 6.31
N LYS C 455 53.60 8.23 14.64
CA LYS C 455 54.33 9.39 14.13
C LYS C 455 55.62 8.97 13.44
N GLU C 456 56.52 8.37 14.22
CA GLU C 456 57.74 7.83 13.64
C GLU C 456 57.42 6.73 12.64
N VAL C 457 56.35 5.98 12.89
CA VAL C 457 55.89 5.00 11.91
C VAL C 457 55.57 5.68 10.60
N VAL C 458 54.95 6.86 10.65
CA VAL C 458 54.60 7.58 9.43
C VAL C 458 55.84 8.09 8.72
N ASP C 459 56.75 8.73 9.46
CA ASP C 459 57.87 9.38 8.77
C ASP C 459 58.89 8.37 8.27
N TYR C 460 59.01 7.21 8.91
CA TYR C 460 59.87 6.17 8.36
C TYR C 460 59.36 5.69 7.01
N ILE C 461 58.05 5.46 6.90
CA ILE C 461 57.47 5.05 5.62
C ILE C 461 57.63 6.14 4.58
N TYR C 462 57.47 7.40 4.99
CA TYR C 462 57.66 8.50 4.06
C TYR C 462 59.08 8.50 3.50
N LYS C 463 60.06 8.33 4.38
CA LYS C 463 61.46 8.28 3.94
C LYS C 463 61.69 7.10 3.01
N MET C 464 61.12 5.94 3.33
CA MET C 464 61.33 4.76 2.52
C MET C 464 60.75 4.93 1.11
N ILE C 465 59.56 5.52 1.01
CA ILE C 465 58.90 5.60 -0.29
C ILE C 465 59.44 6.75 -1.12
N ALA C 466 59.87 7.84 -0.46
CA ALA C 466 60.35 9.00 -1.20
C ALA C 466 61.58 8.65 -2.02
N LYS C 467 62.50 7.88 -1.44
CA LYS C 467 63.70 7.50 -2.16
C LYS C 467 63.37 6.73 -3.43
N VAL C 468 62.41 5.81 -3.35
CA VAL C 468 61.98 5.08 -4.54
C VAL C 468 61.32 5.98 -5.57
N LEU C 469 60.44 6.88 -5.15
CA LEU C 469 59.81 7.79 -6.11
C LEU C 469 60.73 8.88 -6.63
N ARG C 470 61.78 9.22 -5.90
CA ARG C 470 62.65 10.32 -6.29
C ARG C 470 63.66 9.93 -7.37
N GLU C 471 63.87 8.64 -7.61
CA GLU C 471 64.88 8.16 -8.54
C GLU C 471 64.24 7.42 -9.71
N SER C 472 63.15 7.96 -10.24
CA SER C 472 62.46 7.35 -11.38
C SER C 472 61.66 8.44 -12.09
N SER C 473 60.88 8.03 -13.09
CA SER C 473 60.01 8.92 -13.83
C SER C 473 58.56 8.49 -13.71
N ILE C 474 58.18 8.05 -12.51
CA ILE C 474 56.83 7.56 -12.28
C ILE C 474 55.85 8.72 -12.29
N SER C 475 54.67 8.50 -12.88
CA SER C 475 53.61 9.49 -12.89
C SER C 475 52.26 8.91 -12.50
N TYR C 476 52.23 7.72 -11.91
CA TYR C 476 50.98 7.09 -11.52
C TYR C 476 51.24 6.11 -10.38
N ILE C 477 50.37 6.14 -9.38
CA ILE C 477 50.49 5.25 -8.22
C ILE C 477 49.10 4.75 -7.86
N LYS C 478 48.98 3.44 -7.68
CA LYS C 478 47.75 2.81 -7.19
C LYS C 478 48.03 2.32 -5.78
N TRP C 479 47.39 2.93 -4.79
CA TRP C 479 47.63 2.60 -3.39
C TRP C 479 46.51 1.71 -2.89
N ASP C 480 46.85 0.55 -2.35
CA ASP C 480 45.88 -0.48 -2.03
C ASP C 480 45.83 -0.73 -0.53
N MET C 481 44.62 -1.02 -0.03
CA MET C 481 44.39 -1.42 1.36
C MET C 481 43.29 -2.47 1.36
N ASN C 482 43.57 -3.64 1.91
CA ASN C 482 42.64 -4.77 1.83
C ASN C 482 42.55 -5.50 3.16
N ARG C 483 42.43 -4.76 4.26
CA ARG C 483 42.32 -5.37 5.56
C ARG C 483 41.49 -4.48 6.48
N TYR C 484 40.92 -5.09 7.52
CA TYR C 484 40.14 -4.38 8.52
C TYR C 484 40.90 -4.34 9.83
N MET C 485 40.79 -3.23 10.53
CA MET C 485 41.48 -3.08 11.81
C MET C 485 40.87 -4.03 12.85
N THR C 486 41.74 -4.64 13.66
CA THR C 486 41.30 -5.46 14.77
C THR C 486 42.28 -5.28 15.92
N GLU C 487 41.80 -5.54 17.14
CA GLU C 487 42.52 -5.26 18.37
C GLU C 487 42.94 -3.80 18.36
N PRO C 488 42.01 -2.87 18.56
CA PRO C 488 42.37 -1.44 18.57
C PRO C 488 43.04 -1.07 19.88
N TYR C 489 44.36 -0.90 19.85
CA TYR C 489 45.11 -0.52 21.06
C TYR C 489 46.57 -0.27 20.69
N SER C 490 47.11 0.88 21.07
CA SER C 490 48.52 1.22 20.78
C SER C 490 49.36 0.96 22.02
N ARG C 491 50.40 0.12 21.90
CA ARG C 491 51.25 -0.22 23.05
C ARG C 491 52.00 1.04 23.49
N GLY C 492 52.38 1.88 22.52
CA GLY C 492 53.09 3.13 22.82
C GLY C 492 52.15 4.27 23.13
N ALA C 493 51.31 4.12 24.17
CA ALA C 493 50.33 5.17 24.52
C ALA C 493 49.87 4.99 25.97
N ASP C 494 49.39 6.06 26.61
CA ASP C 494 48.87 5.96 27.99
C ASP C 494 47.50 5.31 27.96
N ALA C 495 46.93 5.01 29.13
CA ALA C 495 45.59 4.40 29.18
C ALA C 495 44.54 5.43 28.79
N SER C 496 44.73 6.68 29.22
CA SER C 496 43.72 7.74 28.93
C SER C 496 43.61 7.98 27.43
N GLN C 497 44.73 7.86 26.70
CA GLN C 497 44.71 8.14 25.25
C GLN C 497 44.46 6.85 24.48
N GLN C 498 43.62 5.95 25.01
CA GLN C 498 43.28 4.72 24.27
C GLN C 498 41.93 4.90 23.59
N GLY C 499 41.27 6.05 23.79
CA GLY C 499 40.03 6.34 23.08
C GLY C 499 40.24 7.22 21.87
N LYS C 500 41.48 7.31 21.39
CA LYS C 500 41.83 8.19 20.29
C LYS C 500 42.44 7.48 19.09
N VAL C 501 42.66 6.16 19.18
CA VAL C 501 43.42 5.48 18.13
C VAL C 501 42.67 5.51 16.80
N MET C 502 41.35 5.29 16.83
CA MET C 502 40.59 5.24 15.59
C MET C 502 40.67 6.55 14.82
N HIS C 503 40.55 7.68 15.52
CA HIS C 503 40.62 8.97 14.87
C HIS C 503 42.04 9.32 14.47
N LYS C 504 43.02 9.02 15.33
CA LYS C 504 44.39 9.42 15.03
C LYS C 504 44.98 8.60 13.89
N TYR C 505 44.49 7.39 13.66
CA TYR C 505 44.90 6.63 12.48
C TYR C 505 44.54 7.37 11.19
N ILE C 506 43.30 7.86 11.12
CA ILE C 506 42.86 8.61 9.95
C ILE C 506 43.65 9.90 9.83
N LEU C 507 43.89 10.58 10.95
CA LEU C 507 44.68 11.80 10.90
C LEU C 507 46.08 11.51 10.37
N GLY C 508 46.67 10.38 10.77
CA GLY C 508 47.98 10.02 10.28
C GLY C 508 48.01 9.77 8.78
N VAL C 509 47.05 9.04 8.25
CA VAL C 509 47.07 8.80 6.81
C VAL C 509 46.82 10.10 6.05
N TYR C 510 45.98 10.99 6.60
CA TYR C 510 45.82 12.30 5.97
C TYR C 510 47.14 13.05 5.93
N ASP C 511 47.91 12.99 7.02
CA ASP C 511 49.20 13.67 7.06
C ASP C 511 50.16 13.08 6.03
N LEU C 512 50.17 11.76 5.89
CA LEU C 512 51.04 11.12 4.91
C LEU C 512 50.71 11.59 3.50
N TYR C 513 49.43 11.55 3.13
CA TYR C 513 49.03 12.15 1.85
C TYR C 513 49.50 13.58 1.72
N THR C 514 49.26 14.41 2.75
CA THR C 514 49.57 15.82 2.62
C THR C 514 51.04 16.03 2.27
N ARG C 515 51.94 15.42 3.05
CA ARG C 515 53.36 15.58 2.79
C ARG C 515 53.74 15.03 1.43
N LEU C 516 53.28 13.80 1.12
CA LEU C 516 53.76 13.13 -0.08
C LEU C 516 53.22 13.77 -1.36
N THR C 517 52.08 14.44 -1.30
CA THR C 517 51.57 15.11 -2.50
C THR C 517 51.99 16.56 -2.59
N THR C 518 52.36 17.20 -1.47
CA THR C 518 52.92 18.53 -1.57
C THR C 518 54.41 18.52 -1.88
N GLU C 519 55.07 17.38 -1.73
CA GLU C 519 56.50 17.30 -2.02
C GLU C 519 56.78 16.68 -3.39
N PHE C 520 55.87 15.88 -3.93
CA PHE C 520 55.86 15.40 -5.32
C PHE C 520 54.55 15.78 -5.98
N PRO C 521 54.44 16.97 -6.56
CA PRO C 521 53.22 17.31 -7.31
C PRO C 521 53.13 16.54 -8.62
N GLU C 522 52.10 16.84 -9.41
CA GLU C 522 51.87 16.26 -10.75
C GLU C 522 52.03 14.74 -10.76
N ILE C 523 51.55 14.08 -9.72
CA ILE C 523 51.49 12.62 -9.67
C ILE C 523 50.05 12.22 -9.36
N LEU C 524 49.47 11.39 -10.22
CA LEU C 524 48.10 10.92 -10.00
C LEU C 524 48.11 9.78 -9.00
N PHE C 525 47.02 9.68 -8.24
CA PHE C 525 46.86 8.64 -7.24
C PHE C 525 45.50 7.99 -7.37
N GLU C 526 45.43 6.69 -7.07
CA GLU C 526 44.18 5.95 -7.13
C GLU C 526 44.11 5.04 -5.91
N SER C 527 42.89 4.83 -5.41
CA SER C 527 42.67 4.01 -4.23
C SER C 527 41.90 2.74 -4.59
N CYS C 528 42.22 1.66 -3.87
CA CYS C 528 41.56 0.38 -4.06
C CYS C 528 41.29 -0.23 -2.69
N ALA C 529 40.29 -1.10 -2.64
CA ALA C 529 39.93 -1.79 -1.41
C ALA C 529 39.10 -3.04 -1.70
N ALA C 533 34.93 0.27 1.46
CA ALA C 533 35.50 0.50 0.15
C ALA C 533 36.28 1.80 0.11
N ARG C 534 36.08 2.63 1.13
CA ARG C 534 36.76 3.92 1.26
C ARG C 534 36.58 4.75 -0.01
N PHE C 535 35.31 5.04 -0.31
CA PHE C 535 34.94 5.78 -1.51
C PHE C 535 34.24 7.09 -1.12
N ASP C 536 34.71 7.71 -0.05
CA ASP C 536 34.14 8.93 0.51
C ASP C 536 34.54 10.16 -0.29
N PRO C 537 33.88 11.29 -0.07
CA PRO C 537 34.37 12.55 -0.65
C PRO C 537 35.71 13.00 -0.09
N ALA C 538 36.11 12.55 1.10
CA ALA C 538 37.34 13.03 1.69
C ALA C 538 38.56 12.58 0.90
N MET C 539 38.54 11.33 0.42
CA MET C 539 39.65 10.84 -0.39
C MET C 539 39.84 11.67 -1.65
N LEU C 540 38.76 12.21 -2.21
CA LEU C 540 38.86 12.97 -3.44
C LEU C 540 39.72 14.22 -3.29
N TYR C 541 39.91 14.69 -2.06
CA TYR C 541 40.78 15.84 -1.85
C TYR C 541 42.22 15.51 -2.22
N PHE C 542 42.67 14.30 -1.92
CA PHE C 542 44.04 13.88 -2.22
C PHE C 542 44.10 13.02 -3.47
N ALA C 543 43.36 11.92 -3.51
CA ALA C 543 43.36 11.03 -4.66
C ALA C 543 42.14 11.30 -5.51
N PRO C 544 42.28 11.81 -6.72
CA PRO C 544 41.12 12.25 -7.50
C PRO C 544 40.35 11.14 -8.20
N GLN C 545 40.69 9.87 -8.00
CA GLN C 545 39.89 8.80 -8.57
C GLN C 545 40.16 7.51 -7.82
N THR C 546 39.20 6.59 -7.87
CA THR C 546 39.30 5.32 -7.17
C THR C 546 38.84 4.20 -8.08
N TRP C 547 39.32 2.99 -7.78
CA TRP C 547 38.94 1.82 -8.55
C TRP C 547 37.60 1.29 -8.07
N THR C 548 36.91 0.58 -8.96
CA THR C 548 35.66 -0.09 -8.60
C THR C 548 35.72 -1.56 -8.98
N SER C 555 27.01 -5.71 -17.53
CA SER C 555 26.25 -6.71 -16.79
C SER C 555 25.74 -6.13 -15.48
N GLU C 556 26.10 -6.77 -14.36
CA GLU C 556 25.68 -6.27 -13.06
C GLU C 556 26.38 -4.98 -12.69
N ARG C 557 27.40 -4.57 -13.45
CA ARG C 557 28.02 -3.27 -13.22
C ARG C 557 27.07 -2.12 -13.52
N THR C 558 25.95 -2.39 -14.21
CA THR C 558 24.99 -1.33 -14.50
C THR C 558 24.38 -0.76 -13.23
N LYS C 559 23.98 -1.63 -12.30
CA LYS C 559 23.33 -1.17 -11.08
C LYS C 559 24.31 -0.49 -10.13
N ILE C 560 25.59 -0.83 -10.19
CA ILE C 560 26.57 -0.20 -9.31
C ILE C 560 26.80 1.26 -9.73
N GLN C 561 26.92 1.50 -11.03
CA GLN C 561 27.13 2.88 -11.48
C GLN C 561 25.89 3.74 -11.27
N TYR C 562 24.70 3.16 -11.43
CA TYR C 562 23.48 3.92 -11.22
C TYR C 562 23.37 4.40 -9.78
N GLY C 563 23.67 3.53 -8.81
CA GLY C 563 23.61 3.94 -7.42
C GLY C 563 24.68 4.95 -7.06
N THR C 564 25.90 4.75 -7.56
CA THR C 564 27.00 5.64 -7.23
C THR C 564 26.75 7.04 -7.77
N SER C 565 26.12 7.15 -8.94
CA SER C 565 25.95 8.44 -9.61
C SER C 565 25.10 9.41 -8.82
N TYR C 566 24.60 9.04 -7.64
CA TYR C 566 23.73 9.94 -6.89
C TYR C 566 24.48 11.16 -6.38
N VAL C 567 25.73 10.97 -5.94
CA VAL C 567 26.48 12.06 -5.32
C VAL C 567 27.88 12.23 -5.86
N TYR C 568 28.44 11.29 -6.60
CA TYR C 568 29.80 11.50 -7.03
C TYR C 568 29.89 11.73 -8.53
N PRO C 569 30.79 12.58 -8.99
CA PRO C 569 30.89 12.86 -10.42
C PRO C 569 31.36 11.63 -11.19
N VAL C 570 31.01 11.61 -12.47
CA VAL C 570 31.32 10.46 -13.31
C VAL C 570 32.84 10.26 -13.43
N VAL C 571 33.62 11.31 -13.26
CA VAL C 571 35.07 11.20 -13.37
C VAL C 571 35.64 10.31 -12.28
N SER C 572 35.07 10.40 -11.07
CA SER C 572 35.62 9.66 -9.94
C SER C 572 35.55 8.15 -10.14
N MET C 573 34.44 7.65 -10.68
CA MET C 573 34.28 6.22 -10.85
C MET C 573 35.26 5.69 -11.89
N GLY C 574 36.01 4.66 -11.52
CA GLY C 574 36.95 4.06 -12.44
C GLY C 574 36.54 2.67 -12.84
N SER C 575 36.10 2.52 -14.09
CA SER C 575 35.62 1.24 -14.62
C SER C 575 36.56 0.78 -15.72
N HIS C 576 36.97 -0.49 -15.65
CA HIS C 576 37.93 -1.05 -16.58
C HIS C 576 37.34 -2.26 -17.27
N VAL C 577 37.61 -2.41 -18.56
CA VAL C 577 37.10 -3.53 -19.33
C VAL C 577 37.96 -4.76 -19.07
N SER C 578 37.32 -5.85 -18.69
CA SER C 578 38.01 -7.11 -18.46
C SER C 578 37.87 -8.01 -19.67
N ALA C 579 38.82 -8.94 -19.80
CA ALA C 579 38.81 -9.86 -20.94
C ALA C 579 37.57 -10.74 -20.91
N VAL C 580 37.45 -11.58 -19.90
CA VAL C 580 36.27 -12.44 -19.75
C VAL C 580 36.26 -13.02 -18.34
N THR C 589 29.35 -12.92 -23.77
CA THR C 589 29.09 -11.49 -23.80
C THR C 589 30.11 -10.77 -24.68
N PRO C 590 29.61 -10.08 -25.71
CA PRO C 590 30.51 -9.36 -26.61
C PRO C 590 31.25 -8.25 -25.91
N ILE C 591 32.46 -7.96 -26.39
CA ILE C 591 33.26 -6.88 -25.80
C ILE C 591 32.58 -5.53 -26.01
N GLU C 592 31.80 -5.39 -27.09
CA GLU C 592 31.14 -4.13 -27.38
C GLU C 592 30.17 -3.74 -26.26
N THR C 593 29.43 -4.71 -25.73
CA THR C 593 28.50 -4.41 -24.65
C THR C 593 29.23 -3.93 -23.40
N ARG C 594 30.38 -4.55 -23.09
CA ARG C 594 31.15 -4.09 -21.93
C ARG C 594 31.70 -2.70 -22.14
N ALA C 595 32.19 -2.41 -23.35
CA ALA C 595 32.71 -1.07 -23.62
C ALA C 595 31.60 -0.03 -23.56
N ASN C 596 30.39 -0.39 -23.98
CA ASN C 596 29.29 0.57 -23.98
C ASN C 596 28.94 1.03 -22.58
N VAL C 597 29.18 0.20 -21.57
CA VAL C 597 28.96 0.62 -20.20
C VAL C 597 30.23 1.18 -19.56
N ALA C 598 31.41 0.84 -20.08
CA ALA C 598 32.64 1.36 -19.53
C ALA C 598 32.99 2.75 -20.07
N TYR C 599 32.33 3.21 -21.13
CA TYR C 599 32.63 4.54 -21.66
C TYR C 599 32.38 5.63 -20.62
N PHE C 600 31.41 5.44 -19.73
CA PHE C 600 31.02 6.46 -18.76
C PHE C 600 31.89 6.34 -17.52
N GLY C 601 33.11 6.84 -17.62
CA GLY C 601 34.06 6.77 -16.53
C GLY C 601 35.46 6.99 -17.05
N THR C 602 36.43 6.42 -16.34
CA THR C 602 37.83 6.45 -16.75
C THR C 602 38.09 5.13 -17.49
N PHE C 603 38.07 5.20 -18.81
CA PHE C 603 38.10 4.00 -19.62
C PHE C 603 39.47 3.34 -19.53
N GLY C 604 39.48 2.01 -19.41
CA GLY C 604 40.71 1.29 -19.15
C GLY C 604 40.63 -0.12 -19.69
N TYR C 605 41.65 -0.92 -19.37
CA TYR C 605 41.72 -2.28 -19.89
C TYR C 605 42.48 -3.19 -18.92
N GLU C 606 42.24 -4.49 -19.08
CA GLU C 606 43.10 -5.53 -18.51
C GLU C 606 43.29 -6.66 -19.52
N GLU C 614 43.90 -8.58 -35.12
CA GLU C 614 42.78 -9.20 -35.81
C GLU C 614 41.49 -8.41 -35.60
N ALA C 615 40.37 -9.12 -35.56
CA ALA C 615 39.10 -8.48 -35.29
C ALA C 615 39.09 -7.81 -33.92
N GLU C 616 39.65 -8.50 -32.92
CA GLU C 616 39.72 -7.90 -31.59
C GLU C 616 40.56 -6.65 -31.59
N LEU C 617 41.71 -6.68 -32.28
CA LEU C 617 42.59 -5.52 -32.30
C LEU C 617 41.94 -4.34 -33.01
N GLU C 618 41.27 -4.58 -34.13
CA GLU C 618 40.64 -3.46 -34.84
C GLU C 618 39.46 -2.91 -34.03
N SER C 619 38.73 -3.77 -33.33
CA SER C 619 37.67 -3.30 -32.45
C SER C 619 38.24 -2.42 -31.35
N VAL C 620 39.37 -2.83 -30.77
CA VAL C 620 40.02 -2.04 -29.74
C VAL C 620 40.46 -0.69 -30.29
N LYS C 621 41.03 -0.68 -31.50
CA LYS C 621 41.47 0.55 -32.12
C LYS C 621 40.32 1.50 -32.45
N LYS C 622 39.13 0.98 -32.76
CA LYS C 622 37.97 1.86 -32.93
C LYS C 622 37.43 2.37 -31.60
N GLN C 623 37.39 1.51 -30.58
CA GLN C 623 36.90 1.94 -29.27
C GLN C 623 37.77 3.04 -28.70
N ILE C 624 39.09 2.92 -28.84
CA ILE C 624 39.99 3.92 -28.29
C ILE C 624 39.79 5.26 -28.99
N ALA C 625 39.60 5.24 -30.32
CA ALA C 625 39.36 6.48 -31.04
C ALA C 625 38.05 7.13 -30.59
N PHE C 626 37.00 6.34 -30.41
CA PHE C 626 35.73 6.90 -29.95
C PHE C 626 35.88 7.54 -28.57
N MET C 627 36.56 6.84 -27.65
CA MET C 627 36.75 7.39 -26.32
C MET C 627 37.58 8.66 -26.36
N LYS C 628 38.63 8.70 -27.19
CA LYS C 628 39.44 9.90 -27.31
C LYS C 628 38.63 11.06 -27.85
N GLU C 629 37.69 10.78 -28.76
CA GLU C 629 36.87 11.84 -29.30
C GLU C 629 35.94 12.43 -28.25
N TYR C 630 35.25 11.57 -27.49
CA TYR C 630 34.16 12.06 -26.64
C TYR C 630 34.56 12.23 -25.17
N ARG C 631 35.81 11.98 -24.79
CA ARG C 631 36.17 12.12 -23.39
C ARG C 631 36.09 13.56 -22.92
N GLU C 632 36.38 14.52 -23.79
CA GLU C 632 36.32 15.91 -23.36
C GLU C 632 34.92 16.29 -22.91
N LEU C 633 33.90 15.89 -23.67
CA LEU C 633 32.53 16.14 -23.26
C LEU C 633 32.16 15.31 -22.04
N ILE C 634 32.50 14.02 -22.03
CA ILE C 634 32.03 13.15 -20.97
C ILE C 634 32.68 13.49 -19.63
N GLN C 635 33.96 13.84 -19.64
CA GLN C 635 34.70 13.96 -18.38
C GLN C 635 34.46 15.30 -17.70
N VAL C 636 34.86 16.40 -18.33
CA VAL C 636 35.03 17.65 -17.60
C VAL C 636 33.80 18.55 -17.68
N ASP C 637 33.35 18.94 -18.86
CA ASP C 637 32.29 19.95 -19.00
C ASP C 637 31.02 19.29 -19.49
N GLY C 638 30.24 18.76 -18.56
CA GLY C 638 29.00 18.11 -18.89
C GLY C 638 28.20 17.83 -17.64
N ASP C 639 26.97 17.39 -17.84
CA ASP C 639 26.08 17.08 -16.73
C ASP C 639 25.36 15.76 -17.00
N PHE C 640 24.97 15.11 -15.91
CA PHE C 640 24.43 13.77 -15.95
C PHE C 640 22.92 13.78 -15.82
N TYR C 641 22.25 12.96 -16.61
CA TYR C 641 20.80 12.81 -16.57
C TYR C 641 20.46 11.33 -16.52
N ARG C 642 19.63 10.94 -15.57
CA ARG C 642 19.18 9.56 -15.43
C ARG C 642 17.73 9.46 -15.89
N LEU C 643 17.46 8.49 -16.76
CA LEU C 643 16.15 8.37 -17.41
C LEU C 643 15.35 7.17 -16.92
N LEU C 644 15.92 5.97 -17.01
CA LEU C 644 15.24 4.76 -16.58
C LEU C 644 16.09 4.06 -15.53
N SER C 645 15.43 3.49 -14.54
CA SER C 645 16.21 2.93 -13.44
C SER C 645 16.28 1.41 -13.54
N PRO C 646 17.44 0.82 -13.24
CA PRO C 646 17.54 -0.64 -13.25
C PRO C 646 16.61 -1.29 -12.26
N PHE C 647 16.29 -0.61 -11.18
CA PHE C 647 15.27 -1.07 -10.26
C PHE C 647 13.89 -0.80 -10.86
N GLU C 648 12.90 -1.56 -10.41
CA GLU C 648 11.55 -1.57 -10.97
C GLU C 648 11.57 -1.57 -12.50
N GLY C 649 12.16 -2.61 -13.05
CA GLY C 649 12.21 -2.78 -14.49
C GLY C 649 13.43 -3.59 -14.87
N ASN C 650 13.66 -3.68 -16.18
CA ASN C 650 14.87 -4.32 -16.69
C ASN C 650 15.44 -3.51 -17.83
N GLU C 651 15.40 -2.18 -17.71
CA GLU C 651 16.02 -1.29 -18.67
C GLU C 651 16.70 -0.15 -17.94
N THR C 652 17.89 0.22 -18.42
CA THR C 652 18.64 1.33 -17.86
C THR C 652 18.94 2.31 -18.97
N ALA C 653 18.90 3.61 -18.67
CA ALA C 653 19.16 4.62 -19.68
C ALA C 653 19.63 5.90 -19.03
N TRP C 654 20.71 6.46 -19.55
CA TRP C 654 21.20 7.76 -19.14
C TRP C 654 21.82 8.47 -20.33
N MET C 655 22.12 9.75 -20.14
CA MET C 655 22.73 10.55 -21.19
C MET C 655 23.37 11.79 -20.56
N VAL C 656 24.31 12.38 -21.29
CA VAL C 656 24.99 13.59 -20.84
C VAL C 656 24.85 14.67 -21.91
N VAL C 657 24.85 15.91 -21.47
CA VAL C 657 24.66 17.07 -22.33
C VAL C 657 25.75 18.09 -22.05
N ALA C 658 26.22 18.75 -23.08
CA ALA C 658 27.23 19.79 -22.91
C ALA C 658 26.64 20.96 -22.12
N GLN C 659 27.53 21.85 -21.69
CA GLN C 659 27.09 22.98 -20.86
C GLN C 659 26.11 23.88 -21.63
N ASP C 660 26.42 24.16 -22.89
CA ASP C 660 25.45 24.72 -23.81
C ASP C 660 24.88 23.60 -24.67
N LYS C 661 23.62 23.75 -25.07
CA LYS C 661 22.88 22.66 -25.68
C LYS C 661 23.36 22.50 -27.13
N SER C 662 24.50 21.84 -27.28
CA SER C 662 25.12 21.69 -28.59
C SER C 662 25.45 20.24 -28.92
N ARG C 663 25.78 19.45 -27.91
CA ARG C 663 26.14 18.05 -28.12
C ARG C 663 25.57 17.20 -27.01
N ALA C 664 25.40 15.92 -27.29
CA ALA C 664 24.92 14.97 -26.30
C ALA C 664 25.17 13.55 -26.79
N VAL C 665 25.31 12.63 -25.85
CA VAL C 665 25.42 11.21 -26.14
C VAL C 665 24.50 10.45 -25.21
N ALA C 666 23.77 9.49 -25.76
CA ALA C 666 22.76 8.76 -25.01
C ALA C 666 22.89 7.27 -25.28
N ALA C 667 22.48 6.47 -24.29
CA ALA C 667 22.58 5.02 -24.40
C ALA C 667 21.51 4.39 -23.53
N PHE C 668 21.16 3.13 -23.84
CA PHE C 668 20.34 2.39 -22.92
C PHE C 668 20.72 0.92 -23.00
N TYR C 669 20.35 0.18 -21.96
CA TYR C 669 20.72 -1.21 -21.83
C TYR C 669 19.49 -2.04 -21.47
N GLN C 670 19.49 -3.29 -21.89
CA GLN C 670 18.40 -4.22 -21.63
C GLN C 670 18.93 -5.44 -20.90
N ARG C 671 18.37 -5.73 -19.72
CA ARG C 671 18.92 -6.78 -18.88
C ARG C 671 18.68 -8.16 -19.49
N MET C 672 17.41 -8.51 -19.69
CA MET C 672 17.04 -9.83 -20.18
C MET C 672 16.22 -9.68 -21.46
N ASN C 673 16.44 -10.59 -22.39
CA ASN C 673 15.68 -10.56 -23.63
C ASN C 673 14.26 -11.10 -23.42
N LYS C 674 13.33 -10.57 -24.21
CA LYS C 674 11.94 -10.96 -24.13
C LYS C 674 11.38 -11.17 -25.53
N VAL C 675 10.34 -11.99 -25.62
CA VAL C 675 9.75 -12.37 -26.90
C VAL C 675 8.44 -11.62 -27.10
N ASN C 676 8.24 -11.14 -28.33
CA ASN C 676 7.04 -10.41 -28.78
C ASN C 676 6.45 -9.49 -27.72
N ALA C 677 7.32 -8.66 -27.15
CA ALA C 677 6.88 -7.64 -26.21
C ALA C 677 6.56 -6.34 -26.95
N SER C 678 6.00 -5.39 -26.22
CA SER C 678 5.60 -4.12 -26.81
C SER C 678 6.82 -3.30 -27.22
N TRP C 679 6.73 -2.65 -28.38
CA TRP C 679 7.81 -1.77 -28.81
C TRP C 679 7.83 -0.51 -27.94
N ILE C 680 9.02 0.07 -27.82
CA ILE C 680 9.28 1.10 -26.81
C ILE C 680 9.75 2.38 -27.48
N ARG C 681 9.38 3.50 -26.85
CA ARG C 681 9.88 4.83 -27.20
C ARG C 681 10.42 5.44 -25.91
N PHE C 682 11.73 5.61 -25.80
CA PHE C 682 12.30 6.17 -24.58
C PHE C 682 12.60 7.64 -24.82
N LYS C 683 12.19 8.48 -23.88
CA LYS C 683 12.27 9.91 -24.02
C LYS C 683 13.48 10.46 -23.28
N LEU C 684 14.19 11.37 -23.92
CA LEU C 684 15.39 11.98 -23.37
C LEU C 684 15.14 13.44 -23.06
N GLN C 685 15.70 13.93 -21.97
CA GLN C 685 15.39 15.26 -21.47
C GLN C 685 16.63 16.10 -21.26
N GLY C 686 16.48 17.25 -20.63
CA GLY C 686 17.61 18.16 -20.41
C GLY C 686 18.17 18.71 -21.69
N LEU C 687 17.30 19.07 -22.63
CA LEU C 687 17.72 19.42 -23.97
C LEU C 687 16.99 20.71 -24.36
N ASP C 688 17.60 21.47 -25.27
CA ASP C 688 16.99 22.73 -25.67
C ASP C 688 15.70 22.48 -26.46
N ALA C 689 14.72 23.37 -26.25
CA ALA C 689 13.41 23.16 -26.84
C ALA C 689 13.37 23.61 -28.30
N GLY C 690 13.66 24.89 -28.55
CA GLY C 690 13.55 25.45 -29.88
C GLY C 690 14.81 25.44 -30.70
N THR C 691 15.34 24.25 -31.00
CA THR C 691 16.49 24.14 -31.88
C THR C 691 16.44 22.80 -32.59
N LEU C 692 17.17 22.71 -33.69
CA LEU C 692 17.09 21.59 -34.61
C LEU C 692 18.32 20.69 -34.43
N TYR C 693 18.10 19.49 -33.91
CA TYR C 693 19.16 18.54 -33.68
C TYR C 693 19.20 17.50 -34.80
N GLU C 694 20.30 16.75 -34.85
CA GLU C 694 20.48 15.68 -35.81
C GLU C 694 20.89 14.42 -35.06
N VAL C 695 20.11 13.36 -35.20
CA VAL C 695 20.28 12.15 -34.41
C VAL C 695 20.93 11.08 -35.27
N SER C 696 21.99 10.47 -34.76
CA SER C 696 22.71 9.42 -35.46
C SER C 696 22.77 8.17 -34.60
N CYS C 697 22.30 7.06 -35.15
CA CYS C 697 22.33 5.80 -34.42
C CYS C 697 23.70 5.14 -34.56
N ASP C 698 24.06 4.35 -33.55
CA ASP C 698 25.34 3.65 -33.50
C ASP C 698 26.53 4.59 -33.70
N LYS C 723 21.99 5.14 -40.48
CA LYS C 723 20.72 5.83 -40.28
C LYS C 723 20.94 7.22 -39.72
N THR C 724 20.18 8.20 -40.21
CA THR C 724 20.29 9.56 -39.73
C THR C 724 19.01 10.31 -40.06
N TYR C 725 18.42 10.96 -39.07
CA TYR C 725 17.24 11.77 -39.29
C TYR C 725 17.32 13.00 -38.41
N ARG C 726 16.56 14.03 -38.79
CA ARG C 726 16.62 15.34 -38.18
C ARG C 726 15.32 15.62 -37.43
N ALA C 727 15.44 16.19 -36.23
CA ALA C 727 14.26 16.44 -35.40
C ALA C 727 14.52 17.61 -34.47
N TYR C 728 13.44 18.17 -33.94
CA TYR C 728 13.51 19.32 -33.05
C TYR C 728 13.80 18.86 -31.64
N GLY C 729 13.72 19.78 -30.68
CA GLY C 729 14.00 19.45 -29.30
C GLY C 729 12.80 18.93 -28.53
N ASP C 730 11.71 19.69 -28.53
CA ASP C 730 10.51 19.29 -27.81
C ASP C 730 9.96 17.98 -28.35
N GLU C 731 10.07 17.77 -29.66
CA GLU C 731 9.66 16.51 -30.25
C GLU C 731 10.45 15.35 -29.66
N LEU C 732 11.77 15.53 -29.50
CA LEU C 732 12.60 14.49 -28.90
C LEU C 732 12.22 14.27 -27.44
N MET C 733 11.98 15.34 -26.68
CA MET C 733 11.72 15.19 -25.26
C MET C 733 10.32 14.69 -24.95
N GLN C 734 9.37 14.82 -25.86
CA GLN C 734 8.00 14.42 -25.58
C GLN C 734 7.51 13.25 -26.43
N VAL C 735 8.26 12.82 -27.44
CA VAL C 735 7.84 11.68 -28.26
C VAL C 735 8.90 10.60 -28.16
N GLY C 736 10.14 11.00 -27.88
CA GLY C 736 11.23 10.05 -27.83
C GLY C 736 11.64 9.58 -29.20
N ILE C 737 12.48 8.55 -29.22
CA ILE C 737 12.94 7.99 -30.49
C ILE C 737 12.47 6.54 -30.58
N PRO C 738 11.91 6.13 -31.72
CA PRO C 738 11.40 4.77 -31.84
C PRO C 738 12.52 3.75 -31.78
N ILE C 739 12.22 2.59 -31.19
CA ILE C 739 13.14 1.47 -31.10
C ILE C 739 12.39 0.22 -31.47
N ASP C 740 12.99 -0.61 -32.32
CA ASP C 740 12.39 -1.87 -32.73
C ASP C 740 13.07 -2.98 -31.94
N ARG C 741 12.26 -3.79 -31.24
CA ARG C 741 12.82 -4.77 -30.32
C ARG C 741 13.58 -5.87 -31.05
N GLU C 742 13.19 -6.19 -32.27
CA GLU C 742 13.85 -7.26 -33.01
C GLU C 742 14.87 -6.67 -33.98
N ASP C 743 15.94 -7.43 -34.21
CA ASP C 743 16.97 -7.09 -35.18
C ASP C 743 17.76 -5.85 -34.79
N LEU C 744 17.38 -5.20 -33.69
CA LEU C 744 18.18 -4.10 -33.16
C LEU C 744 18.69 -4.47 -31.79
N ASN C 745 17.78 -4.85 -30.90
CA ASN C 745 18.13 -5.34 -29.58
C ASN C 745 18.29 -6.85 -29.53
N LYS C 746 18.04 -7.53 -30.65
CA LYS C 746 18.16 -8.98 -30.72
C LYS C 746 19.36 -9.44 -31.54
N LYS C 747 20.01 -8.54 -32.27
CA LYS C 747 21.20 -8.90 -33.03
C LYS C 747 22.42 -8.96 -32.12
N GLY C 748 22.22 -8.67 -30.83
CA GLY C 748 23.29 -8.75 -29.87
C GLY C 748 23.25 -10.03 -29.06
N GLY C 749 22.74 -9.97 -27.84
CA GLY C 749 22.64 -11.15 -27.01
C GLY C 749 21.63 -10.94 -25.90
N ASP C 750 21.89 -11.59 -24.76
CA ASP C 750 21.05 -11.39 -23.59
C ASP C 750 21.15 -9.96 -23.08
N PHE C 751 22.35 -9.39 -23.13
CA PHE C 751 22.58 -8.00 -22.78
C PHE C 751 22.87 -7.23 -24.05
N ALA C 752 22.01 -6.26 -24.36
CA ALA C 752 22.14 -5.45 -25.57
C ALA C 752 22.22 -3.98 -25.19
N SER C 753 22.84 -3.19 -26.08
CA SER C 753 23.05 -1.78 -25.81
C SER C 753 23.13 -1.03 -27.13
N LEU C 754 22.82 0.27 -27.06
CA LEU C 754 22.86 1.15 -28.23
C LEU C 754 23.42 2.50 -27.80
N LEU C 755 23.90 3.26 -28.79
CA LEU C 755 24.39 4.61 -28.58
C LEU C 755 23.70 5.56 -29.54
N TYR C 756 23.73 6.86 -29.19
CA TYR C 756 23.17 7.88 -30.04
C TYR C 756 23.99 9.16 -29.86
N THR C 757 23.87 10.06 -30.83
CA THR C 757 24.61 11.31 -30.82
C THR C 757 23.71 12.43 -31.32
N LEU C 758 23.94 13.65 -30.83
CA LEU C 758 23.01 14.76 -30.97
C LEU C 758 23.71 16.03 -31.44
N LYS C 759 24.46 15.94 -32.55
CA LYS C 759 25.07 17.13 -33.13
C LYS C 759 24.02 18.20 -33.41
N LYS C 760 24.35 19.46 -33.08
CA LYS C 760 23.37 20.55 -33.05
C LYS C 760 23.04 21.12 -34.42
N VAL C 761 23.85 20.87 -35.45
CA VAL C 761 23.63 21.51 -36.74
C VAL C 761 22.24 21.21 -37.31
N ALA D 2 -25.41 -35.65 0.36
CA ALA D 2 -26.85 -35.85 0.32
C ALA D 2 -27.56 -34.54 0.03
N VAL D 3 -28.84 -34.64 -0.31
CA VAL D 3 -29.67 -33.47 -0.59
C VAL D 3 -31.05 -33.69 0.03
N ILE D 4 -31.58 -32.64 0.67
CA ILE D 4 -32.90 -32.69 1.26
C ILE D 4 -33.66 -31.43 0.88
N PHE D 5 -34.98 -31.48 0.98
CA PHE D 5 -35.81 -30.41 0.45
C PHE D 5 -36.69 -29.69 1.47
N HIS D 6 -36.79 -30.19 2.71
CA HIS D 6 -37.36 -29.44 3.83
C HIS D 6 -38.70 -28.80 3.45
N GLU D 7 -39.68 -29.66 3.19
CA GLU D 7 -40.96 -29.21 2.62
C GLU D 7 -41.68 -28.21 3.51
N LYS D 8 -41.38 -28.16 4.80
CA LYS D 8 -42.08 -27.23 5.68
C LYS D 8 -41.70 -25.78 5.37
N THR D 9 -40.42 -25.50 5.18
CA THR D 9 -39.94 -24.13 4.99
C THR D 9 -39.56 -23.86 3.54
N LYS D 10 -39.52 -24.89 2.69
CA LYS D 10 -39.10 -24.76 1.30
C LYS D 10 -37.65 -24.26 1.21
N GLU D 11 -36.74 -25.09 1.73
CA GLU D 11 -35.32 -24.85 1.65
C GLU D 11 -34.62 -26.09 1.12
N PHE D 12 -33.66 -25.92 0.20
CA PHE D 12 -32.90 -27.09 -0.27
C PHE D 12 -31.50 -27.02 0.34
N HIS D 13 -31.02 -28.11 0.95
CA HIS D 13 -29.64 -28.14 1.49
C HIS D 13 -28.84 -29.21 0.74
N ILE D 14 -27.62 -28.87 0.30
CA ILE D 14 -26.75 -29.84 -0.42
C ILE D 14 -25.37 -29.81 0.26
N PHE D 15 -24.72 -30.97 0.39
CA PHE D 15 -23.44 -31.01 1.15
C PHE D 15 -22.70 -32.33 0.92
N ASN D 16 -21.36 -32.28 0.99
CA ASN D 16 -20.56 -33.53 0.87
C ASN D 16 -19.87 -33.78 2.21
N ARG D 17 -20.41 -33.19 3.28
CA ARG D 17 -19.82 -33.34 4.64
C ARG D 17 -18.58 -32.45 4.74
N GLU D 18 -18.20 -31.80 3.65
CA GLU D 18 -17.02 -30.89 3.64
C GLU D 18 -17.50 -29.46 3.40
N VAL D 19 -18.60 -29.30 2.66
CA VAL D 19 -19.15 -27.94 2.36
C VAL D 19 -20.68 -27.99 2.58
N SER D 20 -21.32 -26.83 2.67
CA SER D 20 -22.79 -26.77 2.87
C SER D 20 -23.38 -25.59 2.09
N TYR D 21 -24.17 -25.86 1.05
CA TYR D 21 -24.80 -24.79 0.25
C TYR D 21 -26.31 -24.81 0.53
N LEU D 22 -26.94 -23.64 0.61
CA LEU D 22 -28.39 -23.61 0.97
C LEU D 22 -29.16 -22.64 0.07
N MET D 23 -30.35 -23.04 -0.40
CA MET D 23 -31.20 -22.15 -1.22
C MET D 23 -32.58 -22.05 -0.56
N ARG D 24 -33.53 -21.34 -1.17
CA ARG D 24 -34.84 -21.13 -0.57
C ARG D 24 -35.80 -20.60 -1.64
N ILE D 25 -37.00 -21.15 -1.64
CA ILE D 25 -38.06 -20.69 -2.54
C ILE D 25 -38.75 -19.51 -1.90
N MET D 26 -38.66 -18.35 -2.55
CA MET D 26 -39.17 -17.12 -1.98
C MET D 26 -40.61 -16.90 -2.43
N GLU D 27 -41.15 -15.71 -2.16
CA GLU D 27 -42.58 -15.49 -2.32
C GLU D 27 -43.01 -15.51 -3.78
N ASN D 28 -42.29 -14.79 -4.64
CA ASN D 28 -42.70 -14.68 -6.04
C ASN D 28 -42.30 -15.88 -6.88
N GLY D 29 -41.88 -16.98 -6.26
CA GLY D 29 -41.54 -18.19 -6.98
C GLY D 29 -40.11 -18.26 -7.48
N GLN D 30 -39.32 -17.21 -7.30
CA GLN D 30 -37.92 -17.24 -7.70
C GLN D 30 -37.10 -17.99 -6.66
N LEU D 31 -35.81 -18.16 -6.94
CA LEU D 31 -34.89 -18.83 -6.03
C LEU D 31 -33.95 -17.82 -5.39
N GLU D 32 -33.41 -18.20 -4.23
CA GLU D 32 -32.49 -17.34 -3.49
C GLU D 32 -31.24 -18.14 -3.13
N ASN D 33 -30.26 -17.44 -2.56
CA ASN D 33 -29.04 -18.06 -2.04
C ASN D 33 -28.87 -17.61 -0.60
N LEU D 34 -28.48 -18.54 0.27
CA LEU D 34 -28.39 -18.26 1.69
C LEU D 34 -26.96 -18.32 2.22
N TYR D 35 -26.22 -19.37 1.90
CA TYR D 35 -24.86 -19.53 2.39
C TYR D 35 -24.14 -20.55 1.53
N TYR D 36 -22.86 -20.32 1.30
CA TYR D 36 -22.05 -21.23 0.49
C TYR D 36 -20.62 -21.21 1.02
N GLY D 37 -20.15 -22.36 1.49
CA GLY D 37 -18.82 -22.46 2.05
C GLY D 37 -18.59 -23.69 2.90
N LYS D 38 -18.03 -23.50 4.09
CA LYS D 38 -17.71 -24.61 4.98
C LYS D 38 -18.98 -25.35 5.40
N VAL D 39 -18.84 -26.65 5.65
CA VAL D 39 -19.98 -27.50 5.98
C VAL D 39 -20.55 -27.11 7.33
N ILE D 40 -21.88 -27.17 7.45
CA ILE D 40 -22.57 -26.91 8.70
C ILE D 40 -23.57 -28.02 8.96
N ARG D 41 -23.97 -28.16 10.22
CA ARG D 41 -24.91 -29.19 10.61
C ARG D 41 -26.32 -28.80 10.20
N ASP D 42 -27.30 -29.57 10.65
CA ASP D 42 -28.69 -29.39 10.23
C ASP D 42 -29.52 -28.79 11.34
N LYS D 43 -30.24 -27.73 11.01
CA LYS D 43 -31.37 -27.26 11.79
C LYS D 43 -32.63 -27.49 10.97
N GLU D 44 -33.76 -27.03 11.48
CA GLU D 44 -35.03 -27.18 10.79
C GLU D 44 -35.52 -25.89 10.16
N ASP D 45 -35.14 -24.74 10.69
CA ASP D 45 -35.67 -23.45 10.25
C ASP D 45 -34.53 -22.44 10.22
N PHE D 46 -33.95 -22.23 9.05
CA PHE D 46 -33.02 -21.13 8.84
C PHE D 46 -33.75 -19.89 8.35
N GLY D 47 -34.81 -19.50 9.08
CA GLY D 47 -35.63 -18.39 8.64
C GLY D 47 -35.05 -17.02 8.96
N TYR D 48 -34.23 -16.92 10.01
CA TYR D 48 -33.68 -15.64 10.41
C TYR D 48 -32.64 -15.11 9.44
N LEU D 49 -32.14 -15.93 8.53
CA LEU D 49 -31.07 -15.53 7.62
C LEU D 49 -31.57 -14.76 6.41
N SER D 69 -36.17 -4.51 -2.23
CA SER D 69 -36.58 -4.98 -3.54
C SER D 69 -35.74 -6.15 -4.00
N MET D 70 -35.79 -6.42 -5.30
CA MET D 70 -34.97 -7.48 -5.88
C MET D 70 -33.54 -7.05 -6.16
N GLN D 71 -33.28 -5.74 -6.13
CA GLN D 71 -31.95 -5.22 -6.43
C GLN D 71 -31.02 -5.29 -5.23
N TYR D 72 -31.53 -5.64 -4.04
CA TYR D 72 -30.72 -5.78 -2.85
C TYR D 72 -30.59 -7.22 -2.38
N THR D 73 -31.49 -8.10 -2.80
CA THR D 73 -31.46 -9.49 -2.38
C THR D 73 -30.49 -10.29 -3.25
N ARG D 74 -30.26 -11.54 -2.87
CA ARG D 74 -29.33 -12.43 -3.54
C ARG D 74 -30.11 -13.50 -4.28
N GLN D 75 -29.92 -13.57 -5.59
CA GLN D 75 -30.62 -14.53 -6.45
C GLN D 75 -29.60 -15.27 -7.29
N GLU D 76 -29.95 -16.46 -7.73
CA GLU D 76 -29.01 -17.32 -8.44
C GLU D 76 -29.32 -17.50 -9.91
N TYR D 77 -30.20 -16.67 -10.49
CA TYR D 77 -30.30 -16.60 -11.94
C TYR D 77 -31.03 -15.33 -12.33
N PRO D 78 -30.35 -14.18 -12.31
CA PRO D 78 -31.05 -12.90 -12.41
C PRO D 78 -31.58 -12.62 -13.82
N VAL D 79 -32.59 -11.75 -13.87
CA VAL D 79 -33.23 -11.32 -15.11
C VAL D 79 -33.44 -9.81 -15.04
N TYR D 80 -33.20 -9.13 -16.15
CA TYR D 80 -33.29 -7.67 -16.20
C TYR D 80 -34.70 -7.22 -16.56
N GLY D 81 -35.05 -6.02 -16.09
CA GLY D 81 -36.28 -5.37 -16.46
C GLY D 81 -37.40 -5.45 -15.45
N THR D 82 -37.17 -6.02 -14.27
CA THR D 82 -38.20 -6.17 -13.26
C THR D 82 -37.77 -5.55 -11.93
N GLY D 83 -37.01 -4.46 -11.98
CA GLY D 83 -36.50 -3.80 -10.79
C GLY D 83 -35.02 -3.98 -10.59
N ASP D 84 -34.45 -5.06 -11.12
CA ASP D 84 -33.00 -5.23 -11.08
C ASP D 84 -32.33 -4.19 -11.96
N TYR D 85 -31.18 -3.71 -11.52
CA TYR D 85 -30.42 -2.69 -12.24
C TYR D 85 -28.95 -3.06 -12.28
N ARG D 86 -28.67 -4.31 -12.62
CA ARG D 86 -27.32 -4.80 -12.83
C ARG D 86 -27.33 -5.65 -14.08
N SER D 87 -26.15 -6.09 -14.50
CA SER D 87 -26.04 -6.84 -15.74
C SER D 87 -26.75 -8.19 -15.60
N PRO D 88 -27.66 -8.53 -16.49
CA PRO D 88 -28.45 -9.75 -16.35
C PRO D 88 -27.72 -10.98 -16.89
N ALA D 89 -28.28 -12.14 -16.56
CA ALA D 89 -27.73 -13.41 -17.02
C ALA D 89 -28.63 -14.10 -18.05
N LEU D 90 -29.72 -13.47 -18.46
CA LEU D 90 -30.64 -14.06 -19.43
C LEU D 90 -31.36 -12.94 -20.16
N THR D 91 -31.54 -13.11 -21.46
CA THR D 91 -32.20 -12.10 -22.28
C THR D 91 -32.81 -12.79 -23.49
N VAL D 92 -34.13 -12.81 -23.57
CA VAL D 92 -34.85 -13.43 -24.68
C VAL D 92 -35.77 -12.40 -25.31
N LEU D 93 -35.83 -12.41 -26.64
CA LEU D 93 -36.63 -11.46 -27.40
C LEU D 93 -37.88 -12.15 -27.92
N GLN D 94 -39.04 -11.52 -27.70
CA GLN D 94 -40.32 -12.15 -28.11
C GLN D 94 -40.84 -11.46 -29.38
N GLU D 95 -41.92 -11.98 -29.96
CA GLU D 95 -42.48 -11.41 -31.22
C GLU D 95 -43.04 -10.01 -30.97
N ASN D 96 -43.74 -9.82 -29.86
CA ASN D 96 -44.36 -8.51 -29.53
C ASN D 96 -43.28 -7.43 -29.59
N GLY D 97 -42.00 -7.83 -29.52
CA GLY D 97 -40.89 -6.86 -29.55
C GLY D 97 -40.33 -6.64 -28.16
N SER D 98 -41.04 -7.14 -27.14
CA SER D 98 -40.62 -6.94 -25.73
C SER D 98 -39.36 -7.74 -25.42
N ARG D 99 -38.74 -7.48 -24.26
CA ARG D 99 -37.54 -8.23 -23.83
C ARG D 99 -37.73 -8.57 -22.35
N LEU D 100 -38.96 -8.46 -21.84
CA LEU D 100 -39.25 -8.78 -20.42
C LEU D 100 -39.54 -10.28 -20.28
N VAL D 101 -39.37 -10.85 -19.09
CA VAL D 101 -39.52 -12.31 -18.84
C VAL D 101 -39.63 -12.61 -17.35
N ASP D 102 -40.39 -13.65 -16.99
CA ASP D 102 -40.52 -14.08 -15.61
C ASP D 102 -40.54 -15.61 -15.56
N PHE D 103 -40.07 -16.16 -14.44
CA PHE D 103 -40.09 -17.60 -14.24
C PHE D 103 -40.45 -17.89 -12.79
N SER D 104 -41.12 -19.02 -12.57
CA SER D 104 -41.57 -19.40 -11.24
C SER D 104 -41.46 -20.91 -11.06
N TYR D 105 -41.20 -21.32 -9.83
CA TYR D 105 -41.03 -22.73 -9.52
C TYR D 105 -42.35 -23.47 -9.65
N VAL D 106 -42.29 -24.67 -10.24
CA VAL D 106 -43.51 -25.45 -10.45
C VAL D 106 -43.40 -26.86 -9.87
N SER D 107 -42.18 -27.39 -9.80
CA SER D 107 -41.97 -28.76 -9.31
C SER D 107 -40.47 -29.03 -9.28
N HIS D 108 -40.11 -30.16 -8.68
CA HIS D 108 -38.71 -30.54 -8.51
C HIS D 108 -38.62 -32.04 -8.29
N GLU D 109 -37.40 -32.55 -8.33
CA GLU D 109 -37.15 -33.98 -8.18
C GLU D 109 -35.66 -34.21 -7.95
N ILE D 110 -35.33 -35.42 -7.50
CA ILE D 110 -33.98 -35.78 -7.10
C ILE D 110 -33.58 -37.09 -7.77
N TYR D 111 -32.39 -37.10 -8.37
CA TYR D 111 -31.76 -38.27 -8.97
C TYR D 111 -30.73 -38.89 -8.05
N LYS D 112 -29.99 -39.86 -8.58
CA LYS D 112 -28.87 -40.48 -7.87
C LYS D 112 -27.84 -40.85 -8.93
N GLY D 113 -26.82 -40.02 -9.08
CA GLY D 113 -25.82 -40.22 -10.13
C GLY D 113 -25.63 -39.00 -10.99
N LYS D 114 -25.46 -39.20 -12.30
CA LYS D 114 -25.28 -38.07 -13.22
C LYS D 114 -25.69 -38.54 -14.60
N LYS D 115 -26.84 -38.07 -15.09
CA LYS D 115 -27.30 -38.49 -16.40
C LYS D 115 -26.39 -38.00 -17.50
N GLY D 116 -25.90 -36.77 -17.39
CA GLY D 116 -24.95 -36.24 -18.34
C GLY D 116 -25.61 -35.50 -19.50
N ILE D 117 -24.78 -34.80 -20.25
CA ILE D 117 -25.21 -33.98 -21.37
C ILE D 117 -24.99 -34.78 -22.65
N PRO D 118 -26.03 -35.08 -23.42
CA PRO D 118 -25.85 -35.86 -24.65
C PRO D 118 -24.95 -35.15 -25.65
N PRO D 119 -25.24 -33.91 -26.07
CA PRO D 119 -24.45 -33.32 -27.16
C PRO D 119 -23.13 -32.70 -26.73
N LEU D 120 -22.88 -32.55 -25.43
CA LEU D 120 -21.69 -31.85 -24.98
C LEU D 120 -20.90 -32.70 -24.00
N PRO D 121 -19.58 -32.50 -23.93
CA PRO D 121 -18.78 -33.22 -22.95
C PRO D 121 -19.08 -32.77 -21.53
N SER D 122 -18.90 -33.69 -20.60
CA SER D 122 -19.12 -33.41 -19.18
C SER D 122 -18.41 -34.46 -18.36
N THR D 123 -18.24 -34.17 -17.08
CA THR D 123 -17.70 -35.17 -16.17
C THR D 123 -18.69 -36.31 -16.01
N TYR D 124 -18.17 -37.53 -15.87
CA TYR D 124 -18.98 -38.72 -15.81
C TYR D 124 -18.76 -39.45 -14.50
N ALA D 125 -19.84 -39.96 -13.92
CA ALA D 125 -19.77 -40.83 -12.77
C ALA D 125 -19.95 -42.27 -13.22
N GLU D 126 -19.26 -43.18 -12.54
CA GLU D 126 -19.28 -44.59 -12.91
C GLU D 126 -20.23 -45.40 -12.06
N SER D 127 -20.08 -45.37 -10.74
CA SER D 127 -21.03 -46.00 -9.85
C SER D 127 -22.13 -44.99 -9.48
N GLU D 128 -23.23 -45.51 -8.93
CA GLU D 128 -24.35 -44.68 -8.56
C GLU D 128 -24.25 -44.13 -7.14
N ASP D 129 -23.25 -44.54 -6.37
CA ASP D 129 -23.03 -44.04 -5.02
C ASP D 129 -21.93 -42.99 -4.98
N GLU D 130 -21.69 -42.32 -6.11
CA GLU D 130 -20.62 -41.35 -6.22
C GLU D 130 -21.10 -39.91 -6.30
N ALA D 131 -22.33 -39.67 -6.76
CA ALA D 131 -22.85 -38.32 -6.86
C ALA D 131 -24.37 -38.36 -6.77
N GLU D 132 -24.95 -37.22 -6.43
CA GLU D 132 -26.40 -37.06 -6.33
C GLU D 132 -26.80 -35.77 -7.01
N THR D 133 -27.94 -35.77 -7.68
CA THR D 133 -28.34 -34.67 -8.56
C THR D 133 -29.69 -34.12 -8.17
N LEU D 134 -29.83 -32.80 -8.24
CA LEU D 134 -31.08 -32.10 -7.98
C LEU D 134 -31.49 -31.34 -9.24
N GLU D 135 -32.78 -31.37 -9.56
CA GLU D 135 -33.31 -30.66 -10.72
C GLU D 135 -34.58 -29.91 -10.34
N VAL D 136 -34.62 -28.61 -10.65
CA VAL D 136 -35.73 -27.74 -10.31
C VAL D 136 -36.29 -27.17 -11.61
N THR D 137 -37.61 -27.27 -11.77
CA THR D 137 -38.29 -26.84 -12.98
C THR D 137 -38.97 -25.50 -12.76
N LEU D 138 -38.67 -24.54 -13.64
CA LEU D 138 -39.27 -23.22 -13.60
C LEU D 138 -40.02 -22.98 -14.91
N HIS D 139 -41.22 -22.45 -14.81
CA HIS D 139 -42.09 -22.31 -15.97
C HIS D 139 -42.52 -20.87 -16.17
N ASP D 140 -42.53 -20.43 -17.43
CA ASP D 140 -43.05 -19.14 -17.83
C ASP D 140 -44.34 -19.34 -18.59
N GLN D 141 -45.38 -18.58 -18.23
CA GLN D 141 -46.70 -18.80 -18.79
C GLN D 141 -46.98 -17.97 -20.04
N VAL D 142 -46.36 -16.80 -20.17
CA VAL D 142 -46.66 -15.95 -21.33
C VAL D 142 -46.06 -16.54 -22.60
N THR D 143 -44.85 -17.07 -22.52
CA THR D 143 -44.17 -17.64 -23.68
C THR D 143 -44.16 -19.16 -23.69
N ASP D 144 -44.69 -19.81 -22.65
CA ASP D 144 -44.79 -21.26 -22.58
C ASP D 144 -43.44 -21.94 -22.76
N THR D 145 -42.45 -21.46 -22.00
CA THR D 145 -41.10 -21.99 -22.05
C THR D 145 -40.73 -22.61 -20.70
N ASP D 146 -39.88 -23.62 -20.75
CA ASP D 146 -39.44 -24.35 -19.58
C ASP D 146 -37.98 -24.09 -19.30
N LEU D 147 -37.65 -23.86 -18.03
CA LEU D 147 -36.28 -23.69 -17.58
C LEU D 147 -35.99 -24.74 -16.52
N VAL D 148 -34.88 -25.46 -16.70
CA VAL D 148 -34.47 -26.51 -15.78
C VAL D 148 -33.08 -26.17 -15.26
N LEU D 149 -32.92 -26.16 -13.95
CA LEU D 149 -31.63 -25.93 -13.31
C LEU D 149 -31.16 -27.24 -12.71
N THR D 150 -29.90 -27.59 -12.94
CA THR D 150 -29.35 -28.87 -12.50
C THR D 150 -28.16 -28.64 -11.58
N TYR D 151 -28.14 -29.35 -10.46
CA TYR D 151 -27.05 -29.28 -9.49
C TYR D 151 -26.50 -30.69 -9.26
N THR D 152 -25.20 -30.77 -9.01
CA THR D 152 -24.55 -32.03 -8.75
C THR D 152 -23.53 -31.86 -7.63
N ILE D 153 -23.51 -32.80 -6.71
CA ILE D 153 -22.54 -32.81 -5.62
C ILE D 153 -21.78 -34.12 -5.68
N TYR D 154 -20.46 -34.05 -5.61
CA TYR D 154 -19.61 -35.22 -5.68
C TYR D 154 -19.26 -35.70 -4.28
N GLU D 155 -19.36 -37.01 -4.08
CA GLU D 155 -18.87 -37.61 -2.85
C GLU D 155 -17.36 -37.79 -2.96
N ASP D 156 -16.67 -37.60 -1.84
CA ASP D 156 -15.21 -37.72 -1.67
C ASP D 156 -14.46 -36.50 -2.19
N TYR D 157 -15.12 -35.53 -2.81
CA TYR D 157 -14.45 -34.30 -3.25
C TYR D 157 -15.35 -33.11 -3.00
N PRO D 158 -14.78 -31.94 -2.76
CA PRO D 158 -15.60 -30.72 -2.59
C PRO D 158 -15.83 -29.95 -3.89
N VAL D 159 -16.63 -30.51 -4.79
CA VAL D 159 -16.91 -29.86 -6.07
C VAL D 159 -18.41 -29.83 -6.30
N ILE D 160 -18.84 -28.90 -7.14
CA ILE D 160 -20.25 -28.69 -7.48
C ILE D 160 -20.31 -28.26 -8.94
N THR D 161 -21.31 -28.76 -9.67
CA THR D 161 -21.48 -28.41 -11.07
C THR D 161 -22.90 -27.88 -11.31
N ARG D 162 -23.01 -26.94 -12.25
CA ARG D 162 -24.29 -26.34 -12.59
C ARG D 162 -24.38 -26.17 -14.10
N ASN D 163 -25.62 -26.10 -14.59
CA ASN D 163 -25.91 -25.80 -15.99
C ASN D 163 -27.39 -25.44 -16.09
N ALA D 164 -27.88 -25.31 -17.31
CA ALA D 164 -29.27 -24.93 -17.54
C ALA D 164 -29.73 -25.48 -18.88
N ARG D 165 -31.05 -25.56 -19.04
CA ARG D 165 -31.64 -26.06 -20.27
C ARG D 165 -32.91 -25.28 -20.57
N PHE D 166 -33.18 -25.08 -21.86
CA PHE D 166 -34.35 -24.33 -22.31
C PHE D 166 -35.20 -25.21 -23.21
N GLU D 167 -36.50 -25.25 -22.91
CA GLU D 167 -37.47 -25.99 -23.69
C GLU D 167 -38.60 -25.06 -24.08
N GLN D 168 -39.15 -25.25 -25.27
CA GLN D 168 -40.29 -24.47 -25.73
C GLN D 168 -41.45 -25.39 -26.04
N LYS D 169 -42.62 -25.08 -25.48
CA LYS D 169 -43.82 -25.87 -25.69
C LYS D 169 -44.91 -25.15 -26.48
N GLY D 170 -44.82 -23.83 -26.59
CA GLY D 170 -45.85 -23.04 -27.26
C GLY D 170 -45.75 -23.11 -28.77
N GLU D 171 -46.11 -22.00 -29.40
CA GLU D 171 -46.12 -21.91 -30.86
C GLU D 171 -45.24 -20.79 -31.40
N GLN D 172 -45.24 -19.63 -30.75
CA GLN D 172 -44.48 -18.49 -31.25
C GLN D 172 -42.98 -18.72 -31.09
N LYS D 173 -42.21 -18.02 -31.92
CA LYS D 173 -40.76 -18.12 -31.88
C LYS D 173 -40.19 -17.14 -30.87
N ILE D 174 -39.09 -17.54 -30.23
CA ILE D 174 -38.32 -16.67 -29.36
C ILE D 174 -36.85 -16.81 -29.72
N VAL D 175 -36.09 -15.76 -29.44
CA VAL D 175 -34.68 -15.68 -29.82
C VAL D 175 -33.86 -15.44 -28.56
N LEU D 176 -32.83 -16.25 -28.36
CA LEU D 176 -31.95 -16.12 -27.21
C LEU D 176 -30.82 -15.16 -27.57
N GLU D 177 -30.69 -14.09 -26.78
CA GLU D 177 -29.63 -13.11 -27.00
C GLU D 177 -28.47 -13.24 -26.03
N ARG D 178 -28.70 -13.87 -24.87
CA ARG D 178 -27.66 -14.00 -23.86
C ARG D 178 -28.07 -15.12 -22.91
N ALA D 179 -27.24 -16.14 -22.79
CA ALA D 179 -27.53 -17.28 -21.91
C ALA D 179 -26.26 -17.64 -21.15
N MET D 180 -26.23 -17.31 -19.87
CA MET D 180 -25.08 -17.64 -19.03
C MET D 180 -25.26 -19.01 -18.38
N SER D 181 -24.21 -19.46 -17.71
CA SER D 181 -24.21 -20.79 -17.10
C SER D 181 -24.28 -20.76 -15.59
N ALA D 182 -23.84 -19.69 -14.94
CA ALA D 182 -23.81 -19.64 -13.49
C ALA D 182 -23.93 -18.21 -13.01
N SER D 183 -24.33 -18.05 -11.75
CA SER D 183 -24.43 -16.74 -11.12
C SER D 183 -24.35 -16.95 -9.61
N VAL D 184 -23.23 -16.55 -9.01
CA VAL D 184 -22.99 -16.74 -7.58
C VAL D 184 -22.75 -15.38 -6.95
N GLU D 185 -23.36 -15.15 -5.79
CA GLU D 185 -23.26 -13.86 -5.13
C GLU D 185 -22.68 -14.04 -3.73
N PHE D 186 -22.11 -12.97 -3.21
CA PHE D 186 -21.57 -12.90 -1.86
C PHE D 186 -22.14 -11.69 -1.15
N LEU D 187 -21.57 -11.36 0.00
CA LEU D 187 -22.03 -10.21 0.77
C LEU D 187 -20.93 -9.20 1.10
N ASP D 188 -19.72 -9.40 0.61
CA ASP D 188 -18.63 -8.46 0.85
C ASP D 188 -17.72 -8.40 -0.36
N MET D 189 -17.07 -7.26 -0.55
CA MET D 189 -16.15 -7.07 -1.66
C MET D 189 -14.70 -7.33 -1.30
N ASP D 190 -14.41 -7.78 -0.08
CA ASP D 190 -13.03 -7.96 0.35
C ASP D 190 -12.48 -9.23 -0.28
N TYR D 191 -11.92 -9.11 -1.47
CA TYR D 191 -11.41 -10.26 -2.21
C TYR D 191 -10.27 -9.79 -3.08
N GLU D 192 -9.79 -10.68 -3.94
CA GLU D 192 -8.67 -10.39 -4.82
C GLU D 192 -8.73 -11.32 -6.03
N LEU D 193 -9.17 -10.79 -7.15
CA LEU D 193 -9.37 -11.63 -8.33
C LEU D 193 -8.05 -12.19 -8.83
N VAL D 194 -8.06 -13.45 -9.25
CA VAL D 194 -6.88 -14.12 -9.79
C VAL D 194 -7.24 -14.61 -11.18
N GLN D 195 -6.48 -14.16 -12.17
CA GLN D 195 -6.71 -14.53 -13.55
C GLN D 195 -5.46 -15.17 -14.13
N LEU D 196 -5.59 -15.72 -15.34
CA LEU D 196 -4.55 -16.53 -15.97
C LEU D 196 -4.42 -16.07 -17.41
N SER D 197 -3.55 -15.10 -17.65
CA SER D 197 -3.51 -14.41 -18.93
C SER D 197 -2.10 -14.44 -19.51
N GLY D 198 -2.03 -14.18 -20.81
CA GLY D 198 -0.74 -14.12 -21.49
C GLY D 198 -0.95 -14.06 -22.99
N ALA D 199 0.17 -14.03 -23.70
CA ALA D 199 0.15 -13.99 -25.16
C ALA D 199 0.99 -15.13 -25.73
N TRP D 200 1.22 -15.11 -27.04
CA TRP D 200 1.99 -16.18 -27.67
C TRP D 200 3.41 -16.19 -27.15
N SER D 201 3.94 -17.39 -26.93
CA SER D 201 5.28 -17.69 -26.42
C SER D 201 5.43 -17.38 -24.94
N ARG D 202 4.41 -16.79 -24.29
CA ARG D 202 4.51 -16.45 -22.87
C ARG D 202 3.19 -16.71 -22.16
N GLU D 203 2.46 -17.74 -22.58
CA GLU D 203 1.08 -17.91 -22.14
C GLU D 203 0.98 -18.17 -20.64
N ARG D 204 -0.19 -17.83 -20.10
CA ARG D 204 -0.60 -18.21 -18.74
C ARG D 204 0.38 -17.68 -17.68
N TYR D 205 0.42 -16.35 -17.58
CA TYR D 205 1.12 -15.68 -16.48
C TYR D 205 0.09 -15.31 -15.41
N VAL D 206 0.39 -15.64 -14.16
CA VAL D 206 -0.54 -15.41 -13.07
C VAL D 206 -0.53 -13.92 -12.71
N LYS D 207 -1.72 -13.35 -12.56
CA LYS D 207 -1.87 -11.94 -12.23
C LYS D 207 -2.94 -11.76 -11.16
N ASN D 208 -2.74 -10.77 -10.29
CA ASN D 208 -3.65 -10.48 -9.20
C ASN D 208 -4.13 -9.04 -9.29
N ARG D 209 -5.36 -8.81 -8.82
CA ARG D 209 -5.93 -7.48 -8.82
C ARG D 209 -6.95 -7.39 -7.71
N LYS D 210 -7.22 -6.16 -7.26
CA LYS D 210 -8.13 -5.91 -6.16
C LYS D 210 -9.49 -5.51 -6.69
N LEU D 211 -10.55 -6.07 -6.10
CA LEU D 211 -11.89 -5.74 -6.53
C LEU D 211 -12.27 -4.34 -6.11
N GLU D 212 -12.98 -3.63 -6.99
CA GLU D 212 -13.37 -2.25 -6.75
C GLU D 212 -14.68 -1.99 -7.48
N MET D 213 -15.40 -0.96 -7.04
CA MET D 213 -16.71 -0.66 -7.58
C MET D 213 -16.68 -0.54 -9.09
N GLY D 214 -17.61 -1.21 -9.75
CA GLY D 214 -17.64 -1.23 -11.21
C GLY D 214 -17.70 -2.63 -11.77
N ILE D 215 -17.07 -2.86 -12.91
CA ILE D 215 -17.02 -4.17 -13.56
C ILE D 215 -15.59 -4.45 -13.98
N GLN D 216 -15.10 -5.64 -13.66
CA GLN D 216 -13.83 -6.12 -14.17
C GLN D 216 -14.02 -7.54 -14.69
N SER D 217 -13.44 -7.84 -15.84
CA SER D 217 -13.75 -9.09 -16.52
C SER D 217 -12.60 -9.48 -17.45
N VAL D 218 -12.71 -10.67 -18.01
CA VAL D 218 -11.82 -11.14 -19.06
C VAL D 218 -12.67 -11.87 -20.10
N HIS D 219 -12.38 -11.65 -21.37
CA HIS D 219 -13.15 -12.23 -22.45
C HIS D 219 -12.22 -12.69 -23.57
N SER D 220 -12.81 -13.26 -24.62
CA SER D 220 -12.04 -13.73 -25.76
C SER D 220 -12.96 -13.81 -26.97
N LEU D 221 -12.51 -13.27 -28.09
CA LEU D 221 -13.31 -13.20 -29.31
C LEU D 221 -12.52 -13.70 -30.52
N ASN D 222 -11.61 -14.64 -30.31
CA ASN D 222 -10.65 -15.01 -31.34
C ASN D 222 -11.32 -15.78 -32.48
N GLY D 223 -12.16 -16.75 -32.15
CA GLY D 223 -12.73 -17.61 -33.19
C GLY D 223 -12.72 -19.08 -32.82
N THR D 224 -12.03 -19.91 -33.62
CA THR D 224 -12.03 -21.34 -33.35
C THR D 224 -11.12 -21.71 -32.19
N CYS D 225 -10.01 -21.00 -32.01
CA CYS D 225 -9.08 -21.35 -30.95
C CYS D 225 -9.69 -21.07 -29.59
N GLY D 226 -9.50 -22.01 -28.66
CA GLY D 226 -10.13 -21.88 -27.35
C GLY D 226 -9.30 -21.09 -26.37
N GLY D 227 -9.64 -19.82 -26.21
CA GLY D 227 -8.92 -18.96 -25.29
C GLY D 227 -7.48 -18.73 -25.70
N ALA D 228 -7.27 -18.05 -26.82
CA ALA D 228 -5.92 -17.69 -27.25
C ALA D 228 -5.34 -16.55 -26.45
N GLU D 229 -6.15 -15.85 -25.66
CA GLU D 229 -5.74 -14.66 -24.95
C GLU D 229 -5.77 -14.86 -23.44
N HIS D 230 -6.90 -15.28 -22.90
CA HIS D 230 -7.04 -15.63 -21.49
C HIS D 230 -7.65 -17.02 -21.38
N ASN D 231 -7.16 -17.80 -20.45
CA ASN D 231 -7.69 -19.14 -20.22
C ASN D 231 -9.02 -19.05 -19.47
N PRO D 232 -10.01 -19.86 -19.83
CA PRO D 232 -11.32 -19.75 -19.18
C PRO D 232 -11.33 -20.25 -17.76
N PHE D 233 -10.81 -19.44 -16.84
CA PHE D 233 -10.72 -19.83 -15.43
C PHE D 233 -10.42 -18.59 -14.62
N ILE D 234 -11.19 -18.38 -13.55
CA ILE D 234 -10.93 -17.30 -12.62
C ILE D 234 -11.00 -17.86 -11.20
N ALA D 235 -10.36 -17.17 -10.28
CA ALA D 235 -10.40 -17.51 -8.87
C ALA D 235 -10.83 -16.29 -8.09
N LEU D 236 -10.94 -16.44 -6.78
CA LEU D 236 -11.38 -15.34 -5.93
C LEU D 236 -10.93 -15.66 -4.51
N LYS D 237 -9.97 -14.90 -3.99
CA LYS D 237 -9.29 -15.29 -2.76
C LYS D 237 -9.21 -14.11 -1.81
N ARG D 238 -9.03 -14.44 -0.53
CA ARG D 238 -8.84 -13.42 0.49
C ARG D 238 -7.48 -12.74 0.31
N PRO D 239 -7.32 -11.52 0.83
CA PRO D 239 -6.01 -10.85 0.72
C PRO D 239 -4.88 -11.58 1.39
N GLN D 240 -5.15 -12.30 2.48
CA GLN D 240 -4.10 -12.92 3.29
C GLN D 240 -3.83 -14.38 2.91
N THR D 241 -4.47 -14.89 1.86
CA THR D 241 -4.34 -16.29 1.51
C THR D 241 -3.02 -16.52 0.78
N THR D 242 -2.16 -17.35 1.35
CA THR D 242 -0.94 -17.79 0.70
C THR D 242 -1.12 -19.22 0.22
N GLU D 243 -0.03 -19.84 -0.24
CA GLU D 243 -0.09 -21.18 -0.78
C GLU D 243 -0.33 -22.24 0.29
N ASN D 244 -0.30 -21.89 1.56
CA ASN D 244 -0.42 -22.86 2.64
C ASN D 244 -1.60 -22.66 3.56
N GLN D 245 -2.30 -21.54 3.48
CA GLN D 245 -3.47 -21.33 4.33
C GLN D 245 -4.35 -20.25 3.73
N GLY D 246 -5.62 -20.24 4.13
CA GLY D 246 -6.58 -19.25 3.70
C GLY D 246 -7.69 -19.84 2.86
N GLU D 247 -8.68 -19.01 2.59
CA GLU D 247 -9.84 -19.35 1.77
C GLU D 247 -9.55 -19.05 0.29
N VAL D 248 -10.27 -19.74 -0.58
CA VAL D 248 -10.16 -19.50 -2.02
C VAL D 248 -11.35 -20.15 -2.70
N TYR D 249 -11.79 -19.56 -3.80
CA TYR D 249 -12.89 -20.07 -4.61
C TYR D 249 -12.42 -20.27 -6.04
N GLY D 250 -12.95 -21.29 -6.69
CA GLY D 250 -12.52 -21.58 -8.05
C GLY D 250 -13.65 -21.85 -9.03
N PHE D 251 -13.62 -21.21 -10.19
CA PHE D 251 -14.64 -21.38 -11.21
C PHE D 251 -13.97 -21.76 -12.53
N SER D 252 -14.42 -22.83 -13.14
CA SER D 252 -13.85 -23.32 -14.39
C SER D 252 -14.97 -23.68 -15.36
N LEU D 253 -14.83 -23.25 -16.61
CA LEU D 253 -15.84 -23.46 -17.64
C LEU D 253 -15.34 -24.46 -18.67
N VAL D 254 -16.14 -25.47 -18.95
CA VAL D 254 -15.75 -26.56 -19.85
C VAL D 254 -16.29 -26.21 -21.23
N TYR D 255 -15.50 -25.46 -22.00
CA TYR D 255 -15.95 -25.00 -23.32
C TYR D 255 -14.76 -24.57 -24.14
N SER D 256 -14.96 -24.52 -25.46
CA SER D 256 -13.88 -24.19 -26.40
C SER D 256 -14.12 -22.94 -27.21
N GLY D 257 -15.33 -22.40 -27.23
CA GLY D 257 -15.64 -21.23 -28.01
C GLY D 257 -15.39 -19.95 -27.24
N ASN D 258 -15.94 -18.86 -27.77
CA ASN D 258 -15.81 -17.57 -27.12
C ASN D 258 -16.52 -17.59 -25.78
N PHE D 259 -15.93 -16.94 -24.79
CA PHE D 259 -16.48 -16.96 -23.43
C PHE D 259 -16.42 -15.56 -22.84
N LEU D 260 -16.78 -15.46 -21.57
CA LEU D 260 -16.81 -14.20 -20.84
C LEU D 260 -16.94 -14.51 -19.35
N ALA D 261 -16.18 -13.78 -18.54
CA ALA D 261 -16.15 -13.99 -17.09
C ALA D 261 -16.23 -12.65 -16.38
N GLN D 262 -17.45 -12.20 -16.09
CA GLN D 262 -17.67 -10.94 -15.41
C GLN D 262 -17.38 -11.08 -13.91
N ALA D 263 -17.24 -9.94 -13.25
CA ALA D 263 -17.21 -9.88 -11.80
C ALA D 263 -17.59 -8.47 -11.39
N GLU D 264 -18.83 -8.28 -10.97
CA GLU D 264 -19.38 -6.96 -10.69
C GLU D 264 -19.65 -6.80 -9.21
N VAL D 265 -19.27 -5.64 -8.66
CA VAL D 265 -19.57 -5.30 -7.28
C VAL D 265 -20.39 -4.02 -7.29
N SER D 266 -21.48 -4.02 -6.53
CA SER D 266 -22.38 -2.88 -6.50
C SER D 266 -21.91 -1.91 -5.41
N THR D 267 -22.71 -0.88 -5.15
CA THR D 267 -22.36 0.11 -4.16
C THR D 267 -22.74 -0.29 -2.75
N PHE D 268 -23.39 -1.44 -2.57
CA PHE D 268 -23.67 -1.99 -1.25
C PHE D 268 -22.76 -3.18 -0.94
N ASP D 269 -21.64 -3.27 -1.64
CA ASP D 269 -20.61 -4.27 -1.38
C ASP D 269 -21.14 -5.69 -1.59
N MET D 270 -21.85 -5.90 -2.70
CA MET D 270 -22.39 -7.21 -3.04
C MET D 270 -21.75 -7.68 -4.35
N THR D 271 -20.79 -8.60 -4.23
CA THR D 271 -20.13 -9.14 -5.40
C THR D 271 -21.03 -10.15 -6.11
N ARG D 272 -20.90 -10.23 -7.43
CA ARG D 272 -21.65 -11.22 -8.20
C ARG D 272 -20.84 -11.61 -9.42
N VAL D 273 -20.43 -12.87 -9.50
CA VAL D 273 -19.66 -13.37 -10.63
C VAL D 273 -20.59 -14.14 -11.54
N MET D 274 -20.18 -14.30 -12.80
CA MET D 274 -20.93 -15.13 -13.73
C MET D 274 -20.02 -15.60 -14.85
N LEU D 275 -20.32 -16.79 -15.35
CA LEU D 275 -19.56 -17.44 -16.41
C LEU D 275 -20.51 -17.83 -17.53
N GLY D 276 -19.99 -17.92 -18.75
CA GLY D 276 -20.81 -18.35 -19.86
C GLY D 276 -20.13 -18.11 -21.18
N ILE D 277 -20.88 -18.30 -22.25
CA ILE D 277 -20.40 -18.08 -23.60
C ILE D 277 -20.64 -16.63 -23.98
N ASN D 278 -19.77 -16.10 -24.81
CA ASN D 278 -19.75 -14.66 -25.08
C ASN D 278 -21.01 -14.24 -25.84
N PRO D 279 -21.76 -13.27 -25.34
CA PRO D 279 -22.96 -12.80 -26.06
C PRO D 279 -22.70 -11.79 -27.16
N GLU D 280 -21.46 -11.63 -27.62
CA GLU D 280 -21.16 -10.60 -28.61
C GLU D 280 -21.86 -10.87 -29.94
N ASP D 281 -21.75 -12.09 -30.45
CA ASP D 281 -22.35 -12.45 -31.73
C ASP D 281 -23.10 -13.77 -31.58
N PHE D 282 -23.88 -13.87 -30.53
CA PHE D 282 -24.67 -15.05 -30.23
C PHE D 282 -26.14 -14.70 -30.36
N SER D 283 -26.87 -15.45 -31.19
CA SER D 283 -28.30 -15.22 -31.37
C SER D 283 -28.91 -16.54 -31.83
N TRP D 284 -29.54 -17.25 -30.92
CA TRP D 284 -30.09 -18.57 -31.15
C TRP D 284 -31.61 -18.49 -31.19
N GLU D 285 -32.21 -19.07 -32.22
CA GLU D 285 -33.65 -19.06 -32.39
C GLU D 285 -34.23 -20.40 -31.95
N LEU D 286 -35.27 -20.35 -31.12
CA LEU D 286 -35.94 -21.53 -30.62
C LEU D 286 -37.34 -21.59 -31.22
N ASN D 287 -37.63 -22.67 -31.92
CA ASN D 287 -38.94 -22.90 -32.51
C ASN D 287 -39.71 -23.88 -31.64
N GLN D 288 -40.88 -24.31 -32.11
CA GLN D 288 -41.72 -25.20 -31.32
C GLN D 288 -41.05 -26.56 -31.16
N GLY D 289 -41.00 -27.04 -29.92
CA GLY D 289 -40.43 -28.34 -29.63
C GLY D 289 -38.92 -28.41 -29.67
N GLU D 290 -38.23 -27.28 -29.69
CA GLU D 290 -36.78 -27.26 -29.78
C GLU D 290 -36.15 -27.09 -28.40
N SER D 291 -34.85 -27.32 -28.33
CA SER D 291 -34.11 -27.31 -27.08
C SER D 291 -32.74 -26.70 -27.30
N PHE D 292 -32.18 -26.17 -26.21
CA PHE D 292 -30.83 -25.60 -26.22
C PHE D 292 -30.13 -25.95 -24.93
N GLN D 293 -28.87 -26.35 -25.03
CA GLN D 293 -28.07 -26.80 -23.91
C GLN D 293 -26.87 -25.88 -23.73
N THR D 294 -26.59 -25.54 -22.47
CA THR D 294 -25.53 -24.59 -22.15
C THR D 294 -24.32 -25.31 -21.55
N PRO D 295 -23.12 -24.76 -21.68
CA PRO D 295 -21.93 -25.41 -21.12
C PRO D 295 -21.98 -25.46 -19.60
N GLU D 296 -21.27 -26.44 -19.05
CA GLU D 296 -21.29 -26.71 -17.62
C GLU D 296 -20.11 -26.06 -16.92
N VAL D 297 -20.34 -25.56 -15.71
CA VAL D 297 -19.31 -24.90 -14.90
C VAL D 297 -19.03 -25.77 -13.68
N VAL D 298 -17.79 -25.69 -13.19
CA VAL D 298 -17.34 -26.49 -12.06
C VAL D 298 -16.78 -25.55 -10.99
N MET D 299 -17.23 -25.73 -9.75
CA MET D 299 -16.83 -24.89 -8.64
C MET D 299 -16.10 -25.71 -7.58
N VAL D 300 -15.10 -25.11 -6.95
CA VAL D 300 -14.29 -25.77 -5.93
C VAL D 300 -14.03 -24.79 -4.80
N TYR D 301 -14.13 -25.26 -3.57
CA TYR D 301 -13.88 -24.47 -2.37
C TYR D 301 -12.73 -25.08 -1.59
N SER D 302 -11.94 -24.22 -0.94
CA SER D 302 -10.79 -24.68 -0.18
C SER D 302 -10.55 -23.74 0.99
N ASP D 303 -10.09 -24.30 2.10
CA ASP D 303 -9.82 -23.53 3.30
C ASP D 303 -8.39 -23.73 3.81
N ARG D 304 -7.47 -24.15 2.93
CA ARG D 304 -6.11 -24.44 3.33
C ARG D 304 -5.11 -23.93 2.29
N GLY D 305 -5.54 -23.08 1.39
CA GLY D 305 -4.66 -22.47 0.42
C GLY D 305 -4.98 -22.90 -1.00
N LEU D 306 -4.14 -22.44 -1.93
CA LEU D 306 -4.34 -22.77 -3.33
C LEU D 306 -3.99 -24.22 -3.63
N ASN D 307 -3.13 -24.83 -2.83
CA ASN D 307 -2.69 -26.19 -3.10
C ASN D 307 -3.86 -27.16 -3.06
N LYS D 308 -4.73 -27.04 -2.05
CA LYS D 308 -5.88 -27.93 -1.95
C LYS D 308 -6.77 -27.85 -3.18
N MET D 309 -7.03 -26.63 -3.64
CA MET D 309 -7.81 -26.47 -4.86
C MET D 309 -7.12 -27.14 -6.04
N SER D 310 -5.79 -27.02 -6.11
CA SER D 310 -5.06 -27.64 -7.19
C SER D 310 -5.19 -29.16 -7.17
N GLN D 311 -5.03 -29.79 -5.99
CA GLN D 311 -5.18 -31.25 -5.98
C GLN D 311 -6.61 -31.66 -6.29
N ALA D 312 -7.60 -30.91 -5.81
CA ALA D 312 -8.98 -31.26 -6.13
C ALA D 312 -9.19 -31.27 -7.64
N TYR D 313 -8.78 -30.20 -8.31
CA TYR D 313 -8.96 -30.13 -9.75
C TYR D 313 -8.18 -31.23 -10.47
N HIS D 314 -6.93 -31.46 -10.06
CA HIS D 314 -6.10 -32.45 -10.74
C HIS D 314 -6.72 -33.84 -10.62
N ARG D 315 -7.09 -34.24 -9.41
CA ARG D 315 -7.67 -35.57 -9.23
C ARG D 315 -8.98 -35.70 -10.00
N LEU D 316 -9.84 -34.70 -9.93
CA LEU D 316 -11.12 -34.79 -10.63
C LEU D 316 -10.91 -34.93 -12.13
N TYR D 317 -10.12 -34.07 -12.75
CA TYR D 317 -10.03 -34.12 -14.23
C TYR D 317 -9.56 -35.51 -14.69
N ARG D 318 -8.48 -36.02 -14.11
CA ARG D 318 -7.91 -37.31 -14.60
C ARG D 318 -8.65 -38.52 -14.00
N THR D 319 -9.71 -38.28 -13.23
CA THR D 319 -10.43 -39.41 -12.57
C THR D 319 -11.76 -39.68 -13.30
N ARG D 320 -12.57 -38.65 -13.51
CA ARG D 320 -13.91 -38.84 -14.13
C ARG D 320 -14.09 -37.89 -15.31
N LEU D 321 -13.02 -37.66 -16.08
CA LEU D 321 -13.13 -36.79 -17.29
C LEU D 321 -12.29 -37.40 -18.42
N MET D 322 -11.00 -37.66 -18.18
CA MET D 322 -10.12 -38.17 -19.27
C MET D 322 -10.57 -39.57 -19.64
N ARG D 323 -10.33 -40.00 -20.89
CA ARG D 323 -10.85 -41.30 -21.40
C ARG D 323 -10.53 -42.47 -20.46
N VAL D 324 -11.33 -43.54 -20.53
CA VAL D 324 -11.16 -44.69 -19.59
C VAL D 324 -9.92 -45.49 -19.97
N THR D 325 -9.34 -45.24 -21.14
CA THR D 325 -8.18 -46.05 -21.59
C THR D 325 -6.89 -45.43 -21.05
N TRP D 326 -6.60 -44.18 -21.40
CA TRP D 326 -5.31 -43.57 -21.00
C TRP D 326 -5.40 -43.03 -19.57
N ARG D 327 -5.84 -43.87 -18.63
CA ARG D 327 -6.02 -43.43 -17.23
C ARG D 327 -4.91 -44.04 -16.35
N ASP D 328 -4.89 -45.37 -16.23
CA ASP D 328 -3.92 -46.03 -15.38
C ASP D 328 -2.60 -46.29 -16.10
N LYS D 329 -2.40 -45.67 -17.26
CA LYS D 329 -1.29 -45.99 -18.14
C LYS D 329 -0.38 -44.78 -18.31
N ALA D 330 0.92 -45.03 -18.35
CA ALA D 330 1.89 -43.96 -18.53
C ALA D 330 1.98 -43.57 -19.99
N ARG D 331 2.70 -42.48 -20.26
CA ARG D 331 2.74 -41.97 -21.66
C ARG D 331 4.05 -42.38 -22.33
N PRO D 332 4.01 -42.72 -23.63
CA PRO D 332 5.21 -43.17 -24.34
C PRO D 332 6.28 -42.11 -24.55
N ILE D 333 7.56 -42.45 -24.38
CA ILE D 333 8.64 -41.47 -24.71
C ILE D 333 8.56 -41.25 -26.22
N LEU D 334 9.06 -40.12 -26.75
CA LEU D 334 8.85 -39.82 -28.19
C LEU D 334 10.08 -39.15 -28.79
N LEU D 335 10.19 -39.15 -30.12
CA LEU D 335 11.32 -38.46 -30.81
C LEU D 335 10.79 -37.84 -32.11
N ASN D 336 11.37 -36.72 -32.53
CA ASN D 336 10.93 -36.03 -33.77
C ASN D 336 12.12 -35.93 -34.72
N ASN D 337 11.88 -35.51 -35.96
CA ASN D 337 12.91 -35.49 -36.99
C ASN D 337 13.91 -34.35 -36.74
N LYS D 352 14.82 -43.35 -43.57
CA LYS D 352 14.16 -43.17 -42.29
C LYS D 352 14.42 -44.37 -41.36
N ILE D 353 14.52 -45.55 -41.96
CA ILE D 353 14.78 -46.75 -41.16
C ILE D 353 16.16 -46.69 -40.54
N ALA D 354 17.13 -46.11 -41.25
CA ALA D 354 18.48 -45.98 -40.71
C ALA D 354 18.48 -45.11 -39.45
N GLU D 355 17.75 -44.00 -39.49
CA GLU D 355 17.65 -43.13 -38.31
C GLU D 355 16.93 -43.84 -37.17
N LYS D 356 15.86 -44.58 -37.48
CA LYS D 356 15.12 -45.30 -36.46
C LYS D 356 15.92 -46.45 -35.86
N ALA D 357 17.00 -46.88 -36.51
CA ALA D 357 17.85 -47.92 -35.94
C ALA D 357 18.55 -47.47 -34.66
N LYS D 358 18.56 -46.17 -34.36
CA LYS D 358 19.15 -45.66 -33.12
C LYS D 358 18.10 -45.75 -32.01
N GLU D 359 18.00 -46.95 -31.43
CA GLU D 359 17.05 -47.21 -30.35
C GLU D 359 17.79 -47.20 -29.03
N ALA D 360 17.90 -46.00 -28.45
CA ALA D 360 18.56 -45.80 -27.17
C ALA D 360 17.60 -45.85 -26.00
N GLY D 361 16.40 -46.40 -26.21
CA GLY D 361 15.39 -46.46 -25.16
C GLY D 361 14.10 -45.82 -25.61
N VAL D 362 14.12 -45.21 -26.80
CA VAL D 362 12.94 -44.55 -27.33
C VAL D 362 11.88 -45.59 -27.66
N GLU D 363 10.63 -45.28 -27.30
CA GLU D 363 9.51 -46.20 -27.51
C GLU D 363 8.67 -45.88 -28.74
N LEU D 364 8.78 -44.67 -29.30
CA LEU D 364 7.87 -44.28 -30.36
C LEU D 364 8.56 -43.27 -31.28
N PHE D 365 8.23 -43.35 -32.57
CA PHE D 365 8.83 -42.53 -33.61
C PHE D 365 7.74 -41.77 -34.34
N VAL D 366 8.00 -40.50 -34.63
CA VAL D 366 7.01 -39.62 -35.26
C VAL D 366 7.62 -39.03 -36.52
N LEU D 367 6.87 -39.08 -37.62
CA LEU D 367 7.27 -38.41 -38.86
C LEU D 367 6.04 -38.19 -39.73
N LYS D 409 5.99 -46.72 -31.59
CA LYS D 409 5.87 -47.23 -32.94
C LYS D 409 5.98 -46.13 -33.98
N PHE D 410 4.88 -45.84 -34.66
CA PHE D 410 4.86 -44.85 -35.72
C PHE D 410 3.81 -43.78 -35.43
N GLY D 411 4.11 -42.56 -35.84
CA GLY D 411 3.19 -41.45 -35.65
C GLY D 411 3.20 -40.52 -36.85
N LEU D 412 2.14 -39.74 -36.95
CA LEU D 412 1.92 -38.84 -38.08
C LEU D 412 1.52 -37.47 -37.57
N TRP D 413 1.35 -36.51 -38.48
CA TRP D 413 0.83 -35.19 -38.16
C TRP D 413 -0.05 -34.73 -39.32
N VAL D 414 -1.23 -34.21 -39.00
CA VAL D 414 -2.19 -33.79 -40.02
C VAL D 414 -2.79 -32.45 -39.64
N GLU D 415 -3.34 -31.76 -40.64
CA GLU D 415 -4.11 -30.53 -40.46
C GLU D 415 -5.41 -30.69 -41.24
N LEU D 416 -6.51 -30.89 -40.53
CA LEU D 416 -7.77 -31.29 -41.14
C LEU D 416 -8.73 -30.13 -41.34
N GLU D 417 -8.31 -28.89 -41.07
CA GLU D 417 -9.23 -27.76 -41.05
C GLU D 417 -8.86 -26.64 -42.00
N MET D 418 -7.70 -26.72 -42.66
CA MET D 418 -7.26 -25.68 -43.58
C MET D 418 -7.16 -26.23 -44.99
N VAL D 419 -7.44 -25.38 -45.97
CA VAL D 419 -7.33 -25.75 -47.38
C VAL D 419 -6.41 -24.78 -48.10
N HIS D 448 -9.89 -19.89 -46.78
CA HIS D 448 -8.76 -20.71 -46.36
C HIS D 448 -9.08 -21.51 -45.10
N VAL D 449 -10.35 -21.50 -44.70
CA VAL D 449 -10.80 -22.27 -43.55
C VAL D 449 -12.08 -22.99 -43.93
N LEU D 450 -12.16 -24.27 -43.58
CA LEU D 450 -13.35 -25.06 -43.85
C LEU D 450 -14.51 -24.61 -42.96
N ASP D 451 -15.70 -25.08 -43.28
CA ASP D 451 -16.91 -24.71 -42.57
C ASP D 451 -17.50 -25.98 -41.94
N PHE D 452 -17.13 -26.25 -40.69
CA PHE D 452 -17.57 -27.46 -40.01
C PHE D 452 -19.01 -27.37 -39.54
N SER D 453 -19.66 -26.21 -39.66
CA SER D 453 -21.04 -26.08 -39.20
C SER D 453 -21.97 -27.02 -39.97
N ARG D 454 -21.80 -27.10 -41.28
CA ARG D 454 -22.52 -28.08 -42.09
C ARG D 454 -21.93 -29.47 -41.88
N LYS D 455 -22.71 -30.49 -42.28
CA LYS D 455 -22.31 -31.87 -42.08
C LYS D 455 -21.61 -32.47 -43.29
N GLU D 456 -21.75 -31.84 -44.46
CA GLU D 456 -21.12 -32.34 -45.68
C GLU D 456 -19.61 -32.43 -45.54
N VAL D 457 -18.99 -31.35 -45.08
CA VAL D 457 -17.54 -31.34 -44.91
C VAL D 457 -17.11 -32.33 -43.85
N VAL D 458 -17.89 -32.46 -42.78
CA VAL D 458 -17.58 -33.43 -41.73
C VAL D 458 -17.52 -34.83 -42.30
N ASP D 459 -18.56 -35.23 -43.06
CA ASP D 459 -18.58 -36.57 -43.63
C ASP D 459 -17.44 -36.77 -44.63
N TYR D 460 -17.18 -35.77 -45.47
CA TYR D 460 -16.12 -35.89 -46.46
C TYR D 460 -14.78 -36.13 -45.79
N ILE D 461 -14.43 -35.30 -44.80
CA ILE D 461 -13.15 -35.47 -44.12
C ILE D 461 -13.12 -36.78 -43.34
N TYR D 462 -14.24 -37.20 -42.75
CA TYR D 462 -14.25 -38.46 -42.02
C TYR D 462 -13.88 -39.61 -42.94
N LYS D 463 -14.53 -39.69 -44.10
CA LYS D 463 -14.20 -40.76 -45.03
C LYS D 463 -12.76 -40.66 -45.51
N MET D 464 -12.32 -39.44 -45.85
CA MET D 464 -10.97 -39.24 -46.37
C MET D 464 -9.89 -39.67 -45.39
N ILE D 465 -10.11 -39.48 -44.09
CA ILE D 465 -9.15 -39.85 -43.07
C ILE D 465 -9.28 -41.32 -42.67
N ALA D 466 -10.50 -41.82 -42.57
CA ALA D 466 -10.69 -43.22 -42.21
C ALA D 466 -10.18 -44.15 -43.30
N LYS D 467 -10.07 -43.66 -44.53
CA LYS D 467 -9.49 -44.49 -45.59
C LYS D 467 -8.04 -44.84 -45.28
N VAL D 468 -7.26 -43.86 -44.81
CA VAL D 468 -5.84 -44.10 -44.54
C VAL D 468 -5.61 -44.55 -43.11
N LEU D 469 -6.58 -44.39 -42.23
CA LEU D 469 -6.44 -44.84 -40.86
C LEU D 469 -6.42 -46.36 -40.79
N SER D 475 -0.24 -45.31 -34.26
CA SER D 475 -0.83 -45.32 -32.93
C SER D 475 -0.68 -43.97 -32.24
N TYR D 476 -0.41 -42.93 -33.03
CA TYR D 476 -0.24 -41.58 -32.48
C TYR D 476 -0.41 -40.60 -33.63
N ILE D 477 -1.44 -39.75 -33.54
CA ILE D 477 -1.75 -38.78 -34.59
C ILE D 477 -1.92 -37.42 -33.95
N LYS D 478 -1.40 -36.39 -34.60
CA LYS D 478 -1.44 -35.03 -34.10
C LYS D 478 -2.57 -34.25 -34.76
N TRP D 479 -2.61 -32.95 -34.49
CA TRP D 479 -3.65 -32.08 -35.01
C TRP D 479 -3.18 -30.64 -34.86
N ASP D 480 -3.22 -29.88 -35.95
CA ASP D 480 -2.67 -28.53 -35.96
C ASP D 480 -3.68 -27.56 -36.57
N MET D 481 -3.65 -26.33 -36.06
CA MET D 481 -4.40 -25.22 -36.62
C MET D 481 -3.62 -23.95 -36.37
N ASN D 482 -3.41 -23.15 -37.42
CA ASN D 482 -2.55 -21.99 -37.33
C ASN D 482 -3.25 -20.67 -37.65
N ARG D 483 -4.56 -20.68 -37.87
CA ARG D 483 -5.31 -19.48 -38.22
C ARG D 483 -6.54 -19.40 -37.33
N TYR D 484 -6.92 -18.19 -36.94
CA TYR D 484 -8.03 -18.04 -36.00
C TYR D 484 -9.38 -18.13 -36.69
N MET D 485 -9.73 -17.11 -37.46
CA MET D 485 -11.01 -17.01 -38.15
C MET D 485 -11.00 -15.66 -38.87
N THR D 486 -11.84 -15.56 -39.92
CA THR D 486 -11.97 -14.30 -40.62
C THR D 486 -13.31 -14.32 -41.37
N GLU D 487 -14.04 -13.20 -41.29
CA GLU D 487 -15.33 -13.03 -41.95
C GLU D 487 -16.31 -14.11 -41.52
N PRO D 488 -16.81 -14.07 -40.28
CA PRO D 488 -17.69 -15.16 -39.82
C PRO D 488 -19.07 -15.12 -40.48
N TYR D 489 -19.15 -15.64 -41.71
CA TYR D 489 -20.40 -15.69 -42.45
C TYR D 489 -20.49 -17.02 -43.19
N SER D 490 -21.69 -17.60 -43.23
CA SER D 490 -21.92 -18.86 -43.90
C SER D 490 -22.99 -18.71 -44.97
N ARG D 491 -22.79 -19.39 -46.09
CA ARG D 491 -23.73 -19.33 -47.21
C ARG D 491 -25.02 -20.05 -46.89
N ALA D 495 -31.28 -17.00 -43.49
CA ALA D 495 -30.83 -15.76 -42.89
C ALA D 495 -31.04 -15.71 -41.39
N SER D 496 -31.79 -16.68 -40.87
CA SER D 496 -32.06 -16.76 -39.44
C SER D 496 -31.06 -17.61 -38.69
N GLN D 497 -30.15 -18.30 -39.39
CA GLN D 497 -29.16 -19.16 -38.75
C GLN D 497 -27.76 -18.57 -38.82
N GLN D 498 -27.65 -17.26 -39.08
CA GLN D 498 -26.33 -16.64 -39.22
C GLN D 498 -25.64 -16.47 -37.88
N GLY D 499 -26.41 -16.38 -36.79
CA GLY D 499 -25.82 -16.19 -35.48
C GLY D 499 -25.34 -17.44 -34.79
N LYS D 500 -25.54 -18.62 -35.39
CA LYS D 500 -25.18 -19.88 -34.77
C LYS D 500 -23.87 -20.45 -35.30
N VAL D 501 -23.12 -19.69 -36.09
CA VAL D 501 -22.00 -20.27 -36.84
C VAL D 501 -20.89 -20.74 -35.89
N MET D 502 -20.55 -19.94 -34.90
CA MET D 502 -19.45 -20.31 -34.00
C MET D 502 -19.80 -21.56 -33.20
N HIS D 503 -20.98 -21.57 -32.58
CA HIS D 503 -21.39 -22.71 -31.78
C HIS D 503 -21.52 -23.96 -32.65
N LYS D 504 -22.02 -23.81 -33.87
CA LYS D 504 -22.16 -24.98 -34.73
C LYS D 504 -20.81 -25.50 -35.20
N TYR D 505 -19.85 -24.60 -35.44
CA TYR D 505 -18.50 -25.03 -35.78
C TYR D 505 -17.88 -25.82 -34.63
N ILE D 506 -18.05 -25.33 -33.41
CA ILE D 506 -17.52 -26.06 -32.26
C ILE D 506 -18.20 -27.42 -32.15
N LEU D 507 -19.51 -27.47 -32.31
CA LEU D 507 -20.21 -28.76 -32.24
C LEU D 507 -19.74 -29.70 -33.34
N GLY D 508 -19.40 -29.16 -34.51
CA GLY D 508 -18.90 -30.00 -35.59
C GLY D 508 -17.57 -30.64 -35.26
N VAL D 509 -16.63 -29.84 -34.75
CA VAL D 509 -15.36 -30.49 -34.41
C VAL D 509 -15.56 -31.48 -33.27
N TYR D 510 -16.49 -31.20 -32.37
CA TYR D 510 -16.79 -32.12 -31.27
C TYR D 510 -17.29 -33.45 -31.80
N ASP D 511 -18.26 -33.42 -32.73
CA ASP D 511 -18.81 -34.69 -33.20
C ASP D 511 -17.82 -35.45 -34.08
N LEU D 512 -16.98 -34.72 -34.83
CA LEU D 512 -15.92 -35.39 -35.59
C LEU D 512 -14.99 -36.16 -34.65
N TYR D 513 -14.57 -35.50 -33.57
CA TYR D 513 -13.76 -36.21 -32.58
C TYR D 513 -14.48 -37.42 -32.03
N THR D 514 -15.78 -37.29 -31.74
CA THR D 514 -16.52 -38.43 -31.18
C THR D 514 -16.51 -39.60 -32.16
N ARG D 515 -16.77 -39.34 -33.44
CA ARG D 515 -16.82 -40.41 -34.42
C ARG D 515 -15.45 -41.09 -34.54
N LEU D 516 -14.38 -40.29 -34.63
CA LEU D 516 -13.05 -40.88 -34.77
C LEU D 516 -12.68 -41.72 -33.56
N THR D 517 -12.95 -41.20 -32.35
CA THR D 517 -12.53 -41.93 -31.16
C THR D 517 -13.42 -43.13 -30.90
N THR D 518 -14.64 -43.14 -31.44
CA THR D 518 -15.48 -44.33 -31.35
C THR D 518 -15.02 -45.39 -32.35
N GLU D 519 -14.56 -44.96 -33.53
CA GLU D 519 -14.07 -45.90 -34.53
C GLU D 519 -12.76 -46.54 -34.07
N PHE D 520 -11.73 -45.73 -33.87
CA PHE D 520 -10.45 -46.26 -33.42
C PHE D 520 -10.27 -45.98 -31.94
N PRO D 521 -10.35 -46.98 -31.07
CA PRO D 521 -10.34 -46.74 -29.62
C PRO D 521 -8.95 -46.74 -29.00
N GLU D 522 -7.92 -47.03 -29.79
CA GLU D 522 -6.57 -47.13 -29.21
C GLU D 522 -5.73 -45.92 -29.63
N ILE D 523 -5.94 -45.42 -30.84
CA ILE D 523 -5.07 -44.32 -31.33
C ILE D 523 -5.09 -43.17 -30.31
N LEU D 524 -3.91 -42.70 -29.88
CA LEU D 524 -3.81 -41.58 -28.89
C LEU D 524 -3.59 -40.27 -29.65
N PHE D 525 -4.43 -39.26 -29.42
CA PHE D 525 -4.33 -37.98 -30.17
C PHE D 525 -3.77 -36.87 -29.29
N GLU D 526 -3.11 -35.89 -29.89
CA GLU D 526 -2.62 -34.72 -29.12
C GLU D 526 -3.30 -33.46 -29.69
N SER D 527 -2.68 -32.29 -29.56
CA SER D 527 -3.24 -31.05 -30.09
C SER D 527 -2.22 -29.93 -29.97
N CYS D 528 -2.18 -29.06 -30.97
CA CYS D 528 -1.29 -27.90 -30.94
C CYS D 528 -1.93 -26.77 -31.72
N ALA D 529 -1.44 -25.56 -31.46
CA ALA D 529 -1.97 -24.35 -32.10
C ALA D 529 -0.89 -23.29 -32.24
N ALA D 533 -4.58 -21.12 -26.85
CA ALA D 533 -3.83 -22.28 -27.31
C ALA D 533 -4.70 -23.54 -27.24
N ARG D 534 -6.01 -23.34 -27.14
CA ARG D 534 -6.98 -24.44 -27.06
C ARG D 534 -6.58 -25.43 -25.98
N PHE D 535 -6.30 -24.90 -24.77
CA PHE D 535 -5.91 -25.77 -23.63
C PHE D 535 -7.10 -25.81 -22.67
N ASP D 536 -8.30 -25.98 -23.21
CA ASP D 536 -9.51 -25.96 -22.36
C ASP D 536 -9.71 -27.33 -21.72
N PRO D 537 -10.66 -27.49 -20.79
CA PRO D 537 -10.93 -28.79 -20.22
C PRO D 537 -11.82 -29.60 -21.17
N ALA D 538 -12.17 -29.01 -22.31
CA ALA D 538 -12.97 -29.75 -23.32
C ALA D 538 -12.07 -30.75 -24.02
N MET D 539 -11.04 -30.27 -24.71
CA MET D 539 -10.17 -31.18 -25.49
C MET D 539 -9.80 -32.42 -24.65
N LEU D 540 -9.32 -32.23 -23.43
CA LEU D 540 -8.85 -33.38 -22.61
C LEU D 540 -9.87 -34.52 -22.67
N TYR D 541 -11.14 -34.21 -22.90
CA TYR D 541 -12.16 -35.29 -22.89
C TYR D 541 -11.92 -36.17 -24.11
N PHE D 542 -11.54 -35.56 -25.24
CA PHE D 542 -11.32 -36.32 -26.49
C PHE D 542 -9.82 -36.57 -26.69
N ALA D 543 -8.99 -35.52 -26.65
CA ALA D 543 -7.53 -35.66 -26.80
C ALA D 543 -6.87 -35.64 -25.41
N PRO D 544 -6.47 -36.79 -24.82
CA PRO D 544 -5.97 -36.81 -23.43
C PRO D 544 -4.70 -36.01 -23.09
N GLN D 545 -4.01 -35.44 -24.08
CA GLN D 545 -2.74 -34.73 -23.78
C GLN D 545 -2.52 -33.65 -24.84
N THR D 546 -1.77 -32.59 -24.53
CA THR D 546 -1.65 -31.47 -25.49
C THR D 546 -0.27 -30.83 -25.44
N TRP D 547 0.13 -30.18 -26.53
CA TRP D 547 1.49 -29.60 -26.61
C TRP D 547 1.52 -28.25 -25.93
N THR D 548 2.70 -27.78 -25.53
CA THR D 548 2.85 -26.46 -24.92
C THR D 548 3.72 -25.55 -25.78
N SER D 555 14.29 -22.28 -17.76
CA SER D 555 14.37 -20.99 -18.41
C SER D 555 12.98 -20.36 -18.52
N GLU D 556 12.62 -19.97 -19.75
CA GLU D 556 11.31 -19.36 -19.97
C GLU D 556 10.19 -20.34 -19.70
N ARG D 557 10.42 -21.64 -19.92
CA ARG D 557 9.39 -22.65 -19.69
C ARG D 557 9.09 -22.86 -18.22
N THR D 558 9.92 -22.32 -17.32
CA THR D 558 9.66 -22.48 -15.89
C THR D 558 8.41 -21.73 -15.47
N LYS D 559 8.26 -20.48 -15.91
CA LYS D 559 7.10 -19.70 -15.53
C LYS D 559 5.83 -20.19 -16.20
N ILE D 560 5.93 -20.73 -17.42
CA ILE D 560 4.76 -21.23 -18.11
C ILE D 560 4.19 -22.46 -17.40
N GLN D 561 5.05 -23.37 -16.97
CA GLN D 561 4.58 -24.57 -16.28
C GLN D 561 4.02 -24.22 -14.91
N TYR D 562 4.62 -23.24 -14.23
CA TYR D 562 4.15 -22.86 -12.91
C TYR D 562 2.73 -22.31 -12.97
N GLY D 563 2.44 -21.47 -13.95
CA GLY D 563 1.10 -20.92 -14.05
C GLY D 563 0.06 -21.95 -14.44
N THR D 564 0.39 -22.83 -15.37
CA THR D 564 -0.58 -23.80 -15.89
C THR D 564 -0.99 -24.80 -14.83
N SER D 565 -0.21 -24.96 -13.77
CA SER D 565 -0.47 -26.00 -12.79
C SER D 565 -1.51 -25.62 -11.75
N TYR D 566 -2.08 -24.41 -11.83
CA TYR D 566 -3.15 -24.07 -10.89
C TYR D 566 -4.37 -24.95 -11.12
N VAL D 567 -4.65 -25.28 -12.38
CA VAL D 567 -5.89 -26.04 -12.70
C VAL D 567 -5.57 -27.36 -13.39
N TYR D 568 -4.83 -27.33 -14.50
CA TYR D 568 -4.61 -28.56 -15.32
C TYR D 568 -3.67 -29.56 -14.62
N PRO D 569 -3.84 -30.88 -14.87
CA PRO D 569 -2.98 -31.90 -14.28
C PRO D 569 -1.59 -31.88 -14.91
N VAL D 570 -0.57 -32.47 -14.27
CA VAL D 570 0.77 -32.36 -14.80
C VAL D 570 0.95 -33.19 -16.07
N VAL D 571 0.19 -34.27 -16.24
CA VAL D 571 0.32 -35.09 -17.44
C VAL D 571 -0.19 -34.39 -18.68
N SER D 572 -1.02 -33.36 -18.52
CA SER D 572 -1.61 -32.70 -19.68
C SER D 572 -0.55 -32.00 -20.53
N MET D 573 0.39 -31.31 -19.90
CA MET D 573 1.37 -30.55 -20.65
C MET D 573 2.34 -31.46 -21.38
N GLY D 574 2.65 -31.11 -22.62
CA GLY D 574 3.61 -31.86 -23.40
C GLY D 574 4.94 -31.14 -23.50
N SER D 575 5.95 -31.65 -22.81
CA SER D 575 7.26 -31.03 -22.77
C SER D 575 8.20 -31.72 -23.75
N HIS D 576 9.16 -30.95 -24.26
CA HIS D 576 10.14 -31.47 -25.20
C HIS D 576 11.49 -30.80 -24.94
N VAL D 577 12.55 -31.46 -25.38
CA VAL D 577 13.92 -30.97 -25.20
C VAL D 577 14.45 -30.57 -26.57
N SER D 578 14.91 -29.32 -26.67
CA SER D 578 15.40 -28.79 -27.93
C SER D 578 16.90 -29.04 -28.05
N ALA D 579 17.53 -28.41 -29.03
CA ALA D 579 18.96 -28.55 -29.25
C ALA D 579 19.73 -27.37 -28.67
N THR D 589 24.36 -22.62 -22.63
CA THR D 589 23.53 -23.42 -21.75
C THR D 589 23.65 -24.91 -22.08
N PRO D 590 23.69 -25.75 -21.06
CA PRO D 590 23.80 -27.20 -21.27
C PRO D 590 22.43 -27.86 -21.39
N ILE D 591 22.46 -29.17 -21.60
CA ILE D 591 21.23 -29.94 -21.79
C ILE D 591 20.64 -30.44 -20.48
N GLU D 592 21.44 -30.51 -19.40
CA GLU D 592 20.97 -31.11 -18.16
C GLU D 592 19.85 -30.30 -17.53
N THR D 593 19.94 -28.97 -17.59
CA THR D 593 18.89 -28.13 -17.02
C THR D 593 17.57 -28.32 -17.78
N ARG D 594 17.65 -28.39 -19.11
CA ARG D 594 16.45 -28.61 -19.90
C ARG D 594 15.85 -29.96 -19.59
N ALA D 595 16.67 -30.99 -19.43
CA ALA D 595 16.16 -32.29 -19.02
C ALA D 595 15.47 -32.20 -17.66
N ASN D 596 16.10 -31.50 -16.72
CA ASN D 596 15.55 -31.39 -15.37
C ASN D 596 14.18 -30.71 -15.38
N VAL D 597 14.04 -29.64 -16.16
CA VAL D 597 12.75 -28.98 -16.23
C VAL D 597 11.75 -29.80 -17.03
N ALA D 598 12.20 -30.67 -17.93
CA ALA D 598 11.28 -31.43 -18.76
C ALA D 598 10.85 -32.75 -18.14
N TYR D 599 11.48 -33.20 -17.06
CA TYR D 599 11.01 -34.43 -16.41
C TYR D 599 9.54 -34.33 -16.02
N PHE D 600 9.12 -33.18 -15.50
CA PHE D 600 7.78 -33.05 -14.93
C PHE D 600 6.79 -32.82 -16.06
N GLY D 601 6.05 -33.88 -16.41
CA GLY D 601 5.16 -33.86 -17.54
C GLY D 601 5.38 -35.07 -18.43
N THR D 602 5.21 -34.91 -19.73
CA THR D 602 5.53 -35.97 -20.69
C THR D 602 6.92 -35.70 -21.25
N PHE D 603 7.84 -36.64 -21.02
CA PHE D 603 9.22 -36.49 -21.45
C PHE D 603 9.33 -36.81 -22.93
N GLY D 604 10.02 -35.94 -23.67
CA GLY D 604 10.16 -36.11 -25.11
C GLY D 604 11.49 -35.58 -25.58
N TYR D 605 11.74 -35.73 -26.88
CA TYR D 605 12.98 -35.29 -27.49
C TYR D 605 12.69 -34.66 -28.85
N GLU D 606 13.65 -33.86 -29.30
CA GLU D 606 13.57 -33.25 -30.62
C GLU D 606 14.90 -33.42 -31.36
N ALA D 615 29.96 -39.57 -26.44
CA ALA D 615 30.36 -38.48 -25.55
C ALA D 615 29.15 -37.93 -24.80
N GLU D 616 28.11 -37.57 -25.56
CA GLU D 616 26.88 -37.06 -24.97
C GLU D 616 25.72 -38.04 -25.08
N LEU D 617 25.81 -39.03 -25.98
CA LEU D 617 24.70 -39.98 -26.15
C LEU D 617 24.49 -40.82 -24.90
N GLU D 618 25.58 -41.22 -24.24
CA GLU D 618 25.44 -42.04 -23.05
C GLU D 618 24.70 -41.30 -21.93
N SER D 619 24.83 -39.97 -21.89
CA SER D 619 24.02 -39.20 -20.96
C SER D 619 22.53 -39.32 -21.30
N VAL D 620 22.22 -39.28 -22.59
CA VAL D 620 20.82 -39.45 -23.03
C VAL D 620 20.30 -40.81 -22.63
N LYS D 621 21.15 -41.84 -22.70
CA LYS D 621 20.74 -43.15 -22.20
C LYS D 621 20.48 -43.11 -20.70
N LYS D 622 21.29 -42.36 -19.95
CA LYS D 622 21.07 -42.25 -18.51
C LYS D 622 19.80 -41.47 -18.20
N GLN D 623 19.48 -40.46 -19.01
CA GLN D 623 18.26 -39.68 -18.79
C GLN D 623 17.03 -40.56 -18.90
N ILE D 624 16.92 -41.30 -20.01
CA ILE D 624 15.75 -42.16 -20.21
C ILE D 624 15.73 -43.29 -19.20
N ALA D 625 16.89 -43.67 -18.67
CA ALA D 625 16.92 -44.64 -17.58
C ALA D 625 16.22 -44.10 -16.34
N PHE D 626 16.46 -42.82 -16.02
CA PHE D 626 15.81 -42.21 -14.87
C PHE D 626 14.33 -42.03 -15.10
N MET D 627 13.94 -41.51 -16.26
CA MET D 627 12.53 -41.19 -16.50
C MET D 627 11.66 -42.44 -16.46
N LYS D 628 12.19 -43.58 -16.91
CA LYS D 628 11.43 -44.82 -16.88
C LYS D 628 11.27 -45.38 -15.47
N GLU D 629 11.97 -44.83 -14.48
CA GLU D 629 11.88 -45.29 -13.11
C GLU D 629 10.85 -44.56 -12.27
N TYR D 630 10.54 -43.31 -12.61
CA TYR D 630 9.66 -42.49 -11.78
C TYR D 630 8.36 -42.08 -12.44
N ARG D 631 8.13 -42.44 -13.71
CA ARG D 631 6.89 -42.02 -14.36
C ARG D 631 5.67 -42.69 -13.75
N GLU D 632 5.82 -43.87 -13.15
CA GLU D 632 4.69 -44.47 -12.44
C GLU D 632 4.28 -43.66 -11.22
N LEU D 633 5.11 -42.72 -10.79
CA LEU D 633 4.80 -41.81 -9.69
C LEU D 633 4.48 -40.41 -10.15
N ILE D 634 5.26 -39.87 -11.10
CA ILE D 634 5.01 -38.51 -11.58
C ILE D 634 3.71 -38.45 -12.38
N GLN D 635 3.46 -39.45 -13.22
CA GLN D 635 2.33 -39.38 -14.13
C GLN D 635 1.01 -39.70 -13.42
N VAL D 636 0.91 -40.88 -12.82
CA VAL D 636 -0.39 -41.42 -12.43
C VAL D 636 -0.74 -41.12 -10.99
N ASP D 637 0.05 -41.64 -10.05
CA ASP D 637 -0.28 -41.57 -8.63
C ASP D 637 0.65 -40.58 -7.95
N GLY D 638 0.16 -39.37 -7.72
CA GLY D 638 0.97 -38.36 -7.06
C GLY D 638 0.18 -37.11 -6.81
N ASP D 639 0.75 -36.24 -5.97
CA ASP D 639 0.17 -34.95 -5.65
C ASP D 639 1.22 -33.87 -5.92
N PHE D 640 0.82 -32.82 -6.62
CA PHE D 640 1.72 -31.73 -6.96
C PHE D 640 1.67 -30.65 -5.88
N TYR D 641 2.84 -30.20 -5.45
CA TYR D 641 2.96 -29.13 -4.46
C TYR D 641 3.87 -28.04 -5.01
N ARG D 642 3.48 -26.80 -4.82
CA ARG D 642 4.29 -25.65 -5.23
C ARG D 642 4.85 -24.98 -3.99
N LEU D 643 6.16 -24.75 -3.97
CA LEU D 643 6.84 -24.27 -2.77
C LEU D 643 7.33 -22.84 -2.91
N LEU D 644 8.11 -22.53 -3.92
CA LEU D 644 8.53 -21.16 -4.20
C LEU D 644 7.82 -20.66 -5.45
N SER D 645 7.94 -19.36 -5.72
CA SER D 645 7.21 -18.75 -6.82
C SER D 645 8.14 -17.95 -7.71
N PRO D 646 8.11 -18.17 -9.02
CA PRO D 646 8.93 -17.36 -9.92
C PRO D 646 8.60 -15.89 -9.85
N PHE D 647 7.33 -15.55 -9.67
CA PHE D 647 6.95 -14.16 -9.44
C PHE D 647 7.32 -13.76 -8.00
N GLU D 648 7.80 -12.53 -7.87
CA GLU D 648 8.31 -12.02 -6.60
C GLU D 648 9.47 -12.87 -6.08
N GLY D 649 10.47 -13.10 -6.93
CA GLY D 649 11.64 -13.84 -6.52
C GLY D 649 12.44 -14.28 -7.73
N ASN D 650 13.47 -15.09 -7.45
CA ASN D 650 14.25 -15.71 -8.52
C ASN D 650 14.54 -17.17 -8.18
N GLU D 651 13.57 -17.86 -7.59
CA GLU D 651 13.66 -19.29 -7.34
C GLU D 651 12.37 -19.94 -7.79
N THR D 652 12.42 -21.26 -7.95
CA THR D 652 11.24 -22.02 -8.30
C THR D 652 11.41 -23.42 -7.74
N ALA D 653 10.41 -23.91 -7.01
CA ALA D 653 10.52 -25.22 -6.38
C ALA D 653 9.18 -25.92 -6.36
N TRP D 654 9.17 -27.18 -6.78
CA TRP D 654 8.00 -28.02 -6.68
C TRP D 654 8.44 -29.46 -6.43
N MET D 655 7.47 -30.32 -6.13
CA MET D 655 7.74 -31.72 -5.86
C MET D 655 6.43 -32.50 -5.87
N VAL D 656 6.54 -33.82 -5.99
CA VAL D 656 5.38 -34.71 -6.00
C VAL D 656 5.57 -35.76 -4.92
N VAL D 657 4.45 -36.27 -4.43
CA VAL D 657 4.42 -37.23 -3.32
C VAL D 657 3.44 -38.35 -3.68
N ALA D 658 3.80 -39.58 -3.34
CA ALA D 658 2.91 -40.72 -3.55
C ALA D 658 1.64 -40.56 -2.71
N GLN D 659 0.65 -41.41 -3.00
CA GLN D 659 -0.61 -41.34 -2.29
C GLN D 659 -0.40 -41.46 -0.78
N ASP D 660 0.31 -42.50 -0.37
CA ASP D 660 0.86 -42.56 0.98
C ASP D 660 2.27 -41.99 0.97
N LYS D 661 2.80 -41.74 2.17
CA LYS D 661 4.06 -41.02 2.29
C LYS D 661 5.19 -42.04 2.27
N SER D 662 5.58 -42.44 1.06
CA SER D 662 6.60 -43.46 0.90
C SER D 662 7.74 -43.00 0.00
N ARG D 663 7.43 -42.20 -1.02
CA ARG D 663 8.44 -41.74 -1.95
C ARG D 663 8.14 -40.31 -2.35
N ALA D 664 9.17 -39.62 -2.85
CA ALA D 664 9.02 -38.25 -3.30
C ALA D 664 10.21 -37.88 -4.16
N VAL D 665 10.03 -36.85 -4.98
CA VAL D 665 11.11 -36.26 -5.76
C VAL D 665 10.90 -34.76 -5.79
N ALA D 666 11.98 -34.01 -5.58
CA ALA D 666 11.92 -32.56 -5.46
C ALA D 666 13.01 -31.91 -6.30
N ALA D 667 12.77 -30.66 -6.69
CA ALA D 667 13.73 -29.94 -7.51
C ALA D 667 13.62 -28.46 -7.22
N PHE D 668 14.74 -27.78 -7.46
CA PHE D 668 14.90 -26.34 -7.12
C PHE D 668 15.71 -25.66 -8.21
N TYR D 669 15.09 -24.77 -8.97
CA TYR D 669 15.77 -24.12 -10.11
C TYR D 669 16.07 -22.67 -9.79
N GLN D 670 17.32 -22.24 -9.96
CA GLN D 670 17.66 -20.81 -9.79
C GLN D 670 17.50 -20.19 -11.17
N ARG D 671 17.83 -18.91 -11.33
CA ARG D 671 17.60 -18.26 -12.64
C ARG D 671 18.88 -17.52 -13.03
N MET D 672 19.25 -16.50 -12.25
CA MET D 672 20.53 -15.79 -12.49
C MET D 672 21.37 -15.87 -11.21
N ASN D 673 22.62 -16.32 -11.31
CA ASN D 673 23.45 -16.52 -10.10
C ASN D 673 23.78 -15.17 -9.45
N LYS D 674 24.04 -15.17 -8.14
CA LYS D 674 24.30 -13.89 -7.42
C LYS D 674 25.69 -13.91 -6.79
N VAL D 675 25.92 -13.06 -5.78
CA VAL D 675 27.24 -13.02 -5.08
C VAL D 675 27.01 -12.58 -3.64
N ASN D 676 27.80 -13.10 -2.70
CA ASN D 676 27.68 -12.71 -1.26
C ASN D 676 26.25 -12.99 -0.78
N ALA D 677 25.62 -14.05 -1.31
CA ALA D 677 24.25 -14.41 -0.88
C ALA D 677 24.30 -15.21 0.42
N SER D 678 23.19 -15.26 1.15
CA SER D 678 23.15 -15.98 2.46
C SER D 678 23.03 -17.48 2.22
N TRP D 679 23.13 -18.28 3.30
CA TRP D 679 23.04 -19.77 3.18
C TRP D 679 21.61 -20.17 2.82
N ILE D 680 21.42 -21.42 2.37
CA ILE D 680 20.07 -21.87 1.93
C ILE D 680 19.64 -23.09 2.74
N ARG D 681 18.33 -23.22 3.01
CA ARG D 681 17.79 -24.39 3.75
C ARG D 681 16.35 -24.65 3.29
N PHE D 682 16.15 -25.18 2.08
CA PHE D 682 14.77 -25.36 1.53
C PHE D 682 14.07 -26.51 2.25
N LYS D 683 12.86 -26.27 2.78
CA LYS D 683 12.14 -27.29 3.57
C LYS D 683 11.22 -28.11 2.65
N LEU D 684 10.35 -28.95 3.24
CA LEU D 684 9.41 -29.78 2.45
C LEU D 684 8.03 -29.74 3.12
N GLN D 685 6.97 -30.15 2.40
CA GLN D 685 5.60 -30.17 2.97
C GLN D 685 4.87 -31.44 2.54
N GLY D 686 3.54 -31.48 2.69
CA GLY D 686 2.78 -32.66 2.31
C GLY D 686 3.46 -33.98 2.60
N LEU D 687 4.06 -34.09 3.79
CA LEU D 687 4.92 -35.20 4.11
C LEU D 687 4.53 -35.75 5.47
N ASP D 688 4.83 -37.02 5.72
CA ASP D 688 4.48 -37.62 7.01
C ASP D 688 5.40 -37.09 8.10
N ALA D 689 4.82 -36.77 9.26
CA ALA D 689 5.58 -36.29 10.39
C ALA D 689 6.13 -37.43 11.25
N GLY D 690 6.22 -38.63 10.67
CA GLY D 690 6.62 -39.81 11.41
C GLY D 690 7.98 -40.37 11.01
N THR D 691 7.95 -41.37 10.14
CA THR D 691 9.09 -42.25 9.91
C THR D 691 10.26 -41.50 9.28
N LEU D 692 11.34 -42.24 9.06
CA LEU D 692 12.60 -41.72 8.56
C LEU D 692 12.54 -41.49 7.06
N TYR D 693 13.63 -40.95 6.50
CA TYR D 693 13.75 -40.70 5.09
C TYR D 693 15.23 -40.68 4.74
N GLU D 694 15.54 -41.00 3.48
CA GLU D 694 16.92 -40.96 2.98
C GLU D 694 17.01 -39.89 1.90
N VAL D 695 17.67 -38.78 2.20
CA VAL D 695 17.74 -37.64 1.30
C VAL D 695 18.95 -37.85 0.41
N SER D 696 18.74 -38.49 -0.73
CA SER D 696 19.81 -38.76 -1.69
C SER D 696 20.02 -37.52 -2.54
N CYS D 697 21.04 -36.74 -2.19
CA CYS D 697 21.29 -35.49 -2.89
C CYS D 697 21.87 -35.74 -4.28
N ASP D 698 21.00 -35.91 -5.27
CA ASP D 698 21.45 -36.16 -6.63
C ASP D 698 22.08 -34.91 -7.26
N LYS D 723 26.06 -38.35 -1.63
CA LYS D 723 25.94 -37.82 -0.27
C LYS D 723 24.53 -38.03 0.26
N THR D 724 24.38 -39.00 1.16
CA THR D 724 23.07 -39.38 1.69
C THR D 724 23.10 -39.32 3.20
N TYR D 725 22.06 -38.67 3.76
CA TYR D 725 21.90 -38.56 5.23
C TYR D 725 20.44 -38.89 5.56
N ARG D 726 20.16 -39.24 6.82
CA ARG D 726 18.78 -39.67 7.20
C ARG D 726 18.15 -38.63 8.12
N ALA D 727 16.83 -38.43 8.03
CA ALA D 727 16.17 -37.36 8.82
C ALA D 727 14.69 -37.65 8.95
N TYR D 728 14.02 -37.06 9.93
CA TYR D 728 12.58 -37.31 10.16
C TYR D 728 11.76 -36.34 9.34
N GLY D 729 10.44 -36.56 9.30
CA GLY D 729 9.54 -35.68 8.54
C GLY D 729 9.49 -34.29 9.12
N ASP D 730 9.33 -34.17 10.44
CA ASP D 730 9.19 -32.84 11.08
C ASP D 730 10.31 -31.91 10.62
N GLU D 731 11.57 -32.27 10.86
CA GLU D 731 12.67 -31.36 10.50
C GLU D 731 12.48 -30.93 9.06
N LEU D 732 12.33 -31.90 8.16
CA LEU D 732 12.19 -31.56 6.73
C LEU D 732 11.09 -30.53 6.59
N MET D 733 10.11 -30.50 7.49
CA MET D 733 9.10 -29.45 7.39
C MET D 733 9.65 -28.08 7.81
N GLN D 734 10.27 -28.02 8.99
CA GLN D 734 10.68 -26.72 9.53
C GLN D 734 12.13 -26.32 9.15
N VAL D 735 13.15 -27.05 9.61
CA VAL D 735 14.55 -26.59 9.33
C VAL D 735 14.79 -26.51 7.83
N GLY D 736 14.62 -27.62 7.10
CA GLY D 736 14.78 -27.62 5.64
C GLY D 736 16.07 -28.29 5.22
N ILE D 737 16.29 -28.45 3.91
CA ILE D 737 17.52 -29.04 3.40
C ILE D 737 18.53 -27.92 3.18
N PRO D 738 19.69 -27.95 3.83
CA PRO D 738 20.68 -26.88 3.62
C PRO D 738 21.32 -27.01 2.24
N ILE D 739 21.47 -25.88 1.56
CA ILE D 739 22.11 -25.82 0.26
C ILE D 739 23.25 -24.82 0.35
N ASP D 740 24.40 -25.21 -0.18
CA ASP D 740 25.59 -24.36 -0.16
C ASP D 740 25.73 -23.67 -1.52
N ARG D 741 25.47 -22.36 -1.54
CA ARG D 741 25.66 -21.59 -2.76
C ARG D 741 27.15 -21.58 -3.13
N GLU D 742 27.42 -21.39 -4.42
CA GLU D 742 28.75 -21.29 -4.99
C GLU D 742 29.56 -22.56 -4.83
N ASP D 743 29.00 -23.62 -4.25
CA ASP D 743 29.67 -24.90 -4.13
C ASP D 743 29.16 -25.92 -5.13
N LEU D 744 27.86 -25.95 -5.34
CA LEU D 744 27.24 -26.82 -6.35
C LEU D 744 26.45 -26.04 -7.38
N ASN D 745 25.82 -24.93 -6.99
CA ASN D 745 25.05 -24.16 -7.95
C ASN D 745 25.93 -23.42 -8.94
N LYS D 746 26.99 -22.78 -8.45
CA LYS D 746 27.95 -22.15 -9.37
C LYS D 746 28.84 -23.19 -10.03
N LYS D 747 28.83 -24.43 -9.54
CA LYS D 747 29.60 -25.48 -10.16
C LYS D 747 29.12 -25.78 -11.58
N GLY D 748 27.86 -25.47 -11.89
CA GLY D 748 27.35 -25.65 -13.23
C GLY D 748 27.09 -24.33 -13.94
N GLY D 749 26.91 -23.27 -13.17
CA GLY D 749 26.64 -21.96 -13.74
C GLY D 749 25.24 -21.46 -13.42
N ASP D 750 24.71 -20.57 -14.26
CA ASP D 750 23.34 -20.10 -14.08
C ASP D 750 22.36 -21.19 -14.51
N PHE D 751 21.08 -20.96 -14.19
CA PHE D 751 20.03 -21.92 -14.49
C PHE D 751 20.30 -23.26 -13.81
N ALA D 752 20.95 -23.20 -12.65
CA ALA D 752 21.33 -24.41 -11.94
C ALA D 752 20.09 -25.13 -11.41
N SER D 753 20.13 -26.45 -11.39
CA SER D 753 19.03 -27.25 -10.90
C SER D 753 19.55 -28.46 -10.12
N LEU D 754 18.72 -28.96 -9.22
CA LEU D 754 19.06 -30.10 -8.39
C LEU D 754 17.84 -31.02 -8.29
N LEU D 755 18.09 -32.28 -7.93
CA LEU D 755 17.03 -33.23 -7.66
C LEU D 755 17.26 -33.89 -6.31
N TYR D 756 16.22 -34.53 -5.81
CA TYR D 756 16.29 -35.23 -4.53
C TYR D 756 15.33 -36.41 -4.55
N THR D 757 15.59 -37.39 -3.70
CA THR D 757 14.69 -38.51 -3.51
C THR D 757 14.49 -38.76 -2.02
N LEU D 758 13.34 -39.30 -1.66
CA LEU D 758 12.91 -39.43 -0.26
C LEU D 758 12.33 -40.81 0.03
N LYS D 759 13.06 -41.86 -0.32
CA LYS D 759 12.60 -43.21 0.01
C LYS D 759 12.42 -43.35 1.52
N LYS D 760 11.45 -44.19 1.92
CA LYS D 760 10.90 -44.10 3.27
C LYS D 760 11.78 -44.77 4.32
N VAL D 761 11.96 -46.09 4.23
CA VAL D 761 12.55 -46.84 5.35
C VAL D 761 13.97 -46.41 5.65
#